data_1HH1
# 
_entry.id   1HH1 
# 
_audit_conform.dict_name       mmcif_pdbx.dic 
_audit_conform.dict_version    5.391 
_audit_conform.dict_location   http://mmcif.pdb.org/dictionaries/ascii/mmcif_pdbx.dic 
# 
loop_
_database_2.database_id 
_database_2.database_code 
_database_2.pdbx_database_accession 
_database_2.pdbx_DOI 
PDB   1HH1         pdb_00001hh1 10.2210/pdb1hh1/pdb 
PDBE  EBI-5702     ?            ?                   
WWPDB D_1290005702 ?            ?                   
# 
loop_
_pdbx_audit_revision_history.ordinal 
_pdbx_audit_revision_history.data_content_type 
_pdbx_audit_revision_history.major_revision 
_pdbx_audit_revision_history.minor_revision 
_pdbx_audit_revision_history.revision_date 
1 'Structure model' 1 0 2001-04-06 
2 'Structure model' 1 1 2011-05-08 
3 'Structure model' 1 2 2011-07-13 
4 'Structure model' 1 3 2024-05-08 
# 
_pdbx_audit_revision_details.ordinal             1 
_pdbx_audit_revision_details.revision_ordinal    1 
_pdbx_audit_revision_details.data_content_type   'Structure model' 
_pdbx_audit_revision_details.provider            repository 
_pdbx_audit_revision_details.type                'Initial release' 
_pdbx_audit_revision_details.description         ? 
_pdbx_audit_revision_details.details             ? 
# 
loop_
_pdbx_audit_revision_group.ordinal 
_pdbx_audit_revision_group.revision_ordinal 
_pdbx_audit_revision_group.data_content_type 
_pdbx_audit_revision_group.group 
1 2 'Structure model' 'Version format compliance' 
2 3 'Structure model' 'Version format compliance' 
3 4 'Structure model' 'Data collection'           
4 4 'Structure model' 'Database references'       
5 4 'Structure model' Other                       
# 
loop_
_pdbx_audit_revision_category.ordinal 
_pdbx_audit_revision_category.revision_ordinal 
_pdbx_audit_revision_category.data_content_type 
_pdbx_audit_revision_category.category 
1 4 'Structure model' chem_comp_atom       
2 4 'Structure model' chem_comp_bond       
3 4 'Structure model' database_2           
4 4 'Structure model' pdbx_database_status 
# 
loop_
_pdbx_audit_revision_item.ordinal 
_pdbx_audit_revision_item.revision_ordinal 
_pdbx_audit_revision_item.data_content_type 
_pdbx_audit_revision_item.item 
1 4 'Structure model' '_database_2.pdbx_DOI'                 
2 4 'Structure model' '_database_2.pdbx_database_accession'  
3 4 'Structure model' '_pdbx_database_status.status_code_sf' 
# 
_pdbx_database_status.status_code                     REL 
_pdbx_database_status.entry_id                        1HH1 
_pdbx_database_status.deposit_site                    PDBE 
_pdbx_database_status.process_site                    PDBE 
_pdbx_database_status.SG_entry                        . 
_pdbx_database_status.recvd_initial_deposition_date   2000-12-18 
_pdbx_database_status.pdb_format_compatible           Y 
_pdbx_database_status.status_code_sf                  REL 
_pdbx_database_status.status_code_mr                  ? 
_pdbx_database_status.status_code_cs                  ? 
_pdbx_database_status.methods_development_category    ? 
_pdbx_database_status.status_code_nmr_data            ? 
# 
loop_
_audit_author.name 
_audit_author.pdbx_ordinal 
'Bond, C.S.'        1 
'Kvaratskhelia, M.' 2 
'Richard, D.'       3 
'White, M.F.'       4 
'Hunter, W.N.'      5 
# 
_citation.id                        primary 
_citation.title                     'Structure of Hjc, a Holliday Junction Resolvase, from Sulfolobus Solfataricus' 
_citation.journal_abbrev            Proc.Natl.Acad.Sci.USA 
_citation.journal_volume            98 
_citation.page_first                5509 
_citation.page_last                 ? 
_citation.year                      2001 
_citation.journal_id_ASTM           PNASA6 
_citation.country                   US 
_citation.journal_id_ISSN           0027-8424 
_citation.journal_id_CSD            0040 
_citation.book_publisher            ? 
_citation.pdbx_database_id_PubMed   11331763 
_citation.pdbx_database_id_DOI      10.1073/PNAS.091613398 
# 
loop_
_citation_author.citation_id 
_citation_author.name 
_citation_author.ordinal 
_citation_author.identifier_ORCID 
primary 'Bond, C.S.'        1 ? 
primary 'Kvaratskhelia, M.' 2 ? 
primary 'Richard, D.'       3 ? 
primary 'White, M.F.'       4 ? 
primary 'Hunter, W.N.'      5 ? 
# 
loop_
_entity.id 
_entity.type 
_entity.src_method 
_entity.pdbx_description 
_entity.formula_weight 
_entity.pdbx_number_of_molecules 
_entity.pdbx_ec 
_entity.pdbx_mutation 
_entity.pdbx_fragment 
_entity.details 
1 polymer man 'HOLLIDAY JUNCTION RESOLVING ENZYME HJC' 16039.791 1  ? ? ? ? 
2 water   nat water                                    18.015    79 ? ? ? ? 
# 
_entity_poly.entity_id                      1 
_entity_poly.type                           'polypeptide(L)' 
_entity_poly.nstd_linkage                   no 
_entity_poly.nstd_monomer                   no 
_entity_poly.pdbx_seq_one_letter_code       
;MNAKKRKGSAVERNIVSRLRDKGFAVVRAPASGSKRKDPIPDIIALKNGVIILIEMKSRKDIEGKIYVRREQAEGIIEFA
RKSGGSLFLGVKKPGVLKFIPFEKLRRTETGNYVADSEIEGLDLEDLVRLVEAKISRTLDNFL
;
_entity_poly.pdbx_seq_one_letter_code_can   
;MNAKKRKGSAVERNIVSRLRDKGFAVVRAPASGSKRKDPIPDIIALKNGVIILIEMKSRKDIEGKIYVRREQAEGIIEFA
RKSGGSLFLGVKKPGVLKFIPFEKLRRTETGNYVADSEIEGLDLEDLVRLVEAKISRTLDNFL
;
_entity_poly.pdbx_strand_id                 A 
_entity_poly.pdbx_target_identifier         ? 
# 
_pdbx_entity_nonpoly.entity_id   2 
_pdbx_entity_nonpoly.name        water 
_pdbx_entity_nonpoly.comp_id     HOH 
# 
loop_
_entity_poly_seq.entity_id 
_entity_poly_seq.num 
_entity_poly_seq.mon_id 
_entity_poly_seq.hetero 
1 1   MET n 
1 2   ASN n 
1 3   ALA n 
1 4   LYS n 
1 5   LYS n 
1 6   ARG n 
1 7   LYS n 
1 8   GLY n 
1 9   SER n 
1 10  ALA n 
1 11  VAL n 
1 12  GLU n 
1 13  ARG n 
1 14  ASN n 
1 15  ILE n 
1 16  VAL n 
1 17  SER n 
1 18  ARG n 
1 19  LEU n 
1 20  ARG n 
1 21  ASP n 
1 22  LYS n 
1 23  GLY n 
1 24  PHE n 
1 25  ALA n 
1 26  VAL n 
1 27  VAL n 
1 28  ARG n 
1 29  ALA n 
1 30  PRO n 
1 31  ALA n 
1 32  SER n 
1 33  GLY n 
1 34  SER n 
1 35  LYS n 
1 36  ARG n 
1 37  LYS n 
1 38  ASP n 
1 39  PRO n 
1 40  ILE n 
1 41  PRO n 
1 42  ASP n 
1 43  ILE n 
1 44  ILE n 
1 45  ALA n 
1 46  LEU n 
1 47  LYS n 
1 48  ASN n 
1 49  GLY n 
1 50  VAL n 
1 51  ILE n 
1 52  ILE n 
1 53  LEU n 
1 54  ILE n 
1 55  GLU n 
1 56  MET n 
1 57  LYS n 
1 58  SER n 
1 59  ARG n 
1 60  LYS n 
1 61  ASP n 
1 62  ILE n 
1 63  GLU n 
1 64  GLY n 
1 65  LYS n 
1 66  ILE n 
1 67  TYR n 
1 68  VAL n 
1 69  ARG n 
1 70  ARG n 
1 71  GLU n 
1 72  GLN n 
1 73  ALA n 
1 74  GLU n 
1 75  GLY n 
1 76  ILE n 
1 77  ILE n 
1 78  GLU n 
1 79  PHE n 
1 80  ALA n 
1 81  ARG n 
1 82  LYS n 
1 83  SER n 
1 84  GLY n 
1 85  GLY n 
1 86  SER n 
1 87  LEU n 
1 88  PHE n 
1 89  LEU n 
1 90  GLY n 
1 91  VAL n 
1 92  LYS n 
1 93  LYS n 
1 94  PRO n 
1 95  GLY n 
1 96  VAL n 
1 97  LEU n 
1 98  LYS n 
1 99  PHE n 
1 100 ILE n 
1 101 PRO n 
1 102 PHE n 
1 103 GLU n 
1 104 LYS n 
1 105 LEU n 
1 106 ARG n 
1 107 ARG n 
1 108 THR n 
1 109 GLU n 
1 110 THR n 
1 111 GLY n 
1 112 ASN n 
1 113 TYR n 
1 114 VAL n 
1 115 ALA n 
1 116 ASP n 
1 117 SER n 
1 118 GLU n 
1 119 ILE n 
1 120 GLU n 
1 121 GLY n 
1 122 LEU n 
1 123 ASP n 
1 124 LEU n 
1 125 GLU n 
1 126 ASP n 
1 127 LEU n 
1 128 VAL n 
1 129 ARG n 
1 130 LEU n 
1 131 VAL n 
1 132 GLU n 
1 133 ALA n 
1 134 LYS n 
1 135 ILE n 
1 136 SER n 
1 137 ARG n 
1 138 THR n 
1 139 LEU n 
1 140 ASP n 
1 141 ASN n 
1 142 PHE n 
1 143 LEU n 
# 
_entity_src_gen.entity_id                          1 
_entity_src_gen.pdbx_src_id                        1 
_entity_src_gen.pdbx_alt_source_flag               sample 
_entity_src_gen.pdbx_seq_type                      ? 
_entity_src_gen.pdbx_beg_seq_num                   ? 
_entity_src_gen.pdbx_end_seq_num                   ? 
_entity_src_gen.gene_src_common_name               ? 
_entity_src_gen.gene_src_genus                     ? 
_entity_src_gen.pdbx_gene_src_gene                 ? 
_entity_src_gen.gene_src_species                   ? 
_entity_src_gen.gene_src_strain                    ? 
_entity_src_gen.gene_src_tissue                    ? 
_entity_src_gen.gene_src_tissue_fraction           ? 
_entity_src_gen.gene_src_details                   ? 
_entity_src_gen.pdbx_gene_src_fragment             ? 
_entity_src_gen.pdbx_gene_src_scientific_name      'SULFOLOBUS SOLFATARICUS' 
_entity_src_gen.pdbx_gene_src_ncbi_taxonomy_id     2287 
_entity_src_gen.pdbx_gene_src_variant              ? 
_entity_src_gen.pdbx_gene_src_cell_line            ? 
_entity_src_gen.pdbx_gene_src_atcc                 ? 
_entity_src_gen.pdbx_gene_src_organ                ? 
_entity_src_gen.pdbx_gene_src_organelle            ? 
_entity_src_gen.pdbx_gene_src_cell                 ? 
_entity_src_gen.pdbx_gene_src_cellular_location    ? 
_entity_src_gen.host_org_common_name               ? 
_entity_src_gen.pdbx_host_org_scientific_name      'ESCHERICHIA COLI' 
_entity_src_gen.pdbx_host_org_ncbi_taxonomy_id     562 
_entity_src_gen.host_org_genus                     ? 
_entity_src_gen.pdbx_host_org_gene                 ? 
_entity_src_gen.pdbx_host_org_organ                ? 
_entity_src_gen.host_org_species                   ? 
_entity_src_gen.pdbx_host_org_tissue               ? 
_entity_src_gen.pdbx_host_org_tissue_fraction      ? 
_entity_src_gen.pdbx_host_org_strain               ? 
_entity_src_gen.pdbx_host_org_variant              ? 
_entity_src_gen.pdbx_host_org_cell_line            ? 
_entity_src_gen.pdbx_host_org_atcc                 ? 
_entity_src_gen.pdbx_host_org_culture_collection   ? 
_entity_src_gen.pdbx_host_org_cell                 ? 
_entity_src_gen.pdbx_host_org_organelle            ? 
_entity_src_gen.pdbx_host_org_cellular_location    ? 
_entity_src_gen.pdbx_host_org_vector_type          PET 
_entity_src_gen.pdbx_host_org_vector               ? 
_entity_src_gen.host_org_details                   ? 
_entity_src_gen.expression_system_id               ? 
_entity_src_gen.plasmid_name                       ? 
_entity_src_gen.plasmid_details                    ? 
_entity_src_gen.pdbx_description                   ? 
# 
loop_
_chem_comp.id 
_chem_comp.type 
_chem_comp.mon_nstd_flag 
_chem_comp.name 
_chem_comp.pdbx_synonyms 
_chem_comp.formula 
_chem_comp.formula_weight 
ALA 'L-peptide linking' y ALANINE         ? 'C3 H7 N O2'     89.093  
ARG 'L-peptide linking' y ARGININE        ? 'C6 H15 N4 O2 1' 175.209 
ASN 'L-peptide linking' y ASPARAGINE      ? 'C4 H8 N2 O3'    132.118 
ASP 'L-peptide linking' y 'ASPARTIC ACID' ? 'C4 H7 N O4'     133.103 
GLN 'L-peptide linking' y GLUTAMINE       ? 'C5 H10 N2 O3'   146.144 
GLU 'L-peptide linking' y 'GLUTAMIC ACID' ? 'C5 H9 N O4'     147.129 
GLY 'peptide linking'   y GLYCINE         ? 'C2 H5 N O2'     75.067  
HOH non-polymer         . WATER           ? 'H2 O'           18.015  
ILE 'L-peptide linking' y ISOLEUCINE      ? 'C6 H13 N O2'    131.173 
LEU 'L-peptide linking' y LEUCINE         ? 'C6 H13 N O2'    131.173 
LYS 'L-peptide linking' y LYSINE          ? 'C6 H15 N2 O2 1' 147.195 
MET 'L-peptide linking' y METHIONINE      ? 'C5 H11 N O2 S'  149.211 
PHE 'L-peptide linking' y PHENYLALANINE   ? 'C9 H11 N O2'    165.189 
PRO 'L-peptide linking' y PROLINE         ? 'C5 H9 N O2'     115.130 
SER 'L-peptide linking' y SERINE          ? 'C3 H7 N O3'     105.093 
THR 'L-peptide linking' y THREONINE       ? 'C4 H9 N O3'     119.119 
TYR 'L-peptide linking' y TYROSINE        ? 'C9 H11 N O3'    181.189 
VAL 'L-peptide linking' y VALINE          ? 'C5 H11 N O2'    117.146 
# 
loop_
_pdbx_poly_seq_scheme.asym_id 
_pdbx_poly_seq_scheme.entity_id 
_pdbx_poly_seq_scheme.seq_id 
_pdbx_poly_seq_scheme.mon_id 
_pdbx_poly_seq_scheme.ndb_seq_num 
_pdbx_poly_seq_scheme.pdb_seq_num 
_pdbx_poly_seq_scheme.auth_seq_num 
_pdbx_poly_seq_scheme.pdb_mon_id 
_pdbx_poly_seq_scheme.auth_mon_id 
_pdbx_poly_seq_scheme.pdb_strand_id 
_pdbx_poly_seq_scheme.pdb_ins_code 
_pdbx_poly_seq_scheme.hetero 
A 1 1   MET 1   1   ?   ?   ?   A . n 
A 1 2   ASN 2   2   ?   ?   ?   A . n 
A 1 3   ALA 3   3   ?   ?   ?   A . n 
A 1 4   LYS 4   4   ?   ?   ?   A . n 
A 1 5   LYS 5   5   ?   ?   ?   A . n 
A 1 6   ARG 6   6   ?   ?   ?   A . n 
A 1 7   LYS 7   7   ?   ?   ?   A . n 
A 1 8   GLY 8   8   ?   ?   ?   A . n 
A 1 9   SER 9   9   9   SER SER A . n 
A 1 10  ALA 10  10  10  ALA ALA A . n 
A 1 11  VAL 11  11  11  VAL VAL A . n 
A 1 12  GLU 12  12  12  GLU GLU A . n 
A 1 13  ARG 13  13  13  ARG ARG A . n 
A 1 14  ASN 14  14  14  ASN ASN A . n 
A 1 15  ILE 15  15  15  ILE ILE A . n 
A 1 16  VAL 16  16  16  VAL VAL A . n 
A 1 17  SER 17  17  17  SER SER A . n 
A 1 18  ARG 18  18  18  ARG ARG A . n 
A 1 19  LEU 19  19  19  LEU LEU A . n 
A 1 20  ARG 20  20  20  ARG ARG A . n 
A 1 21  ASP 21  21  21  ASP ASP A . n 
A 1 22  LYS 22  22  22  LYS LYS A . n 
A 1 23  GLY 23  23  23  GLY GLY A . n 
A 1 24  PHE 24  24  24  PHE PHE A . n 
A 1 25  ALA 25  25  25  ALA ALA A . n 
A 1 26  VAL 26  26  26  VAL VAL A . n 
A 1 27  VAL 27  27  27  VAL VAL A . n 
A 1 28  ARG 28  28  28  ARG ARG A . n 
A 1 29  ALA 29  29  29  ALA ALA A . n 
A 1 30  PRO 30  30  30  PRO PRO A . n 
A 1 31  ALA 31  31  31  ALA ALA A . n 
A 1 32  SER 32  32  ?   ?   ?   A . n 
A 1 33  GLY 33  33  ?   ?   ?   A . n 
A 1 34  SER 34  34  ?   ?   ?   A . n 
A 1 35  LYS 35  35  ?   ?   ?   A . n 
A 1 36  ARG 36  36  ?   ?   ?   A . n 
A 1 37  LYS 37  37  ?   ?   ?   A . n 
A 1 38  ASP 38  38  ?   ?   ?   A . n 
A 1 39  PRO 39  39  39  PRO PRO A . n 
A 1 40  ILE 40  40  40  ILE ILE A . n 
A 1 41  PRO 41  41  41  PRO PRO A . n 
A 1 42  ASP 42  42  42  ASP ASP A . n 
A 1 43  ILE 43  43  43  ILE ILE A . n 
A 1 44  ILE 44  44  44  ILE ILE A . n 
A 1 45  ALA 45  45  45  ALA ALA A . n 
A 1 46  LEU 46  46  46  LEU LEU A . n 
A 1 47  LYS 47  47  47  LYS LYS A . n 
A 1 48  ASN 48  48  48  ASN ASN A . n 
A 1 49  GLY 49  49  49  GLY GLY A . n 
A 1 50  VAL 50  50  50  VAL VAL A . n 
A 1 51  ILE 51  51  51  ILE ILE A . n 
A 1 52  ILE 52  52  52  ILE ILE A . n 
A 1 53  LEU 53  53  53  LEU LEU A . n 
A 1 54  ILE 54  54  54  ILE ILE A . n 
A 1 55  GLU 55  55  55  GLU GLU A . n 
A 1 56  MET 56  56  56  MET MET A . n 
A 1 57  LYS 57  57  57  LYS LYS A . n 
A 1 58  SER 58  58  58  SER SER A . n 
A 1 59  ARG 59  59  59  ARG ARG A . n 
A 1 60  LYS 60  60  60  LYS LYS A . n 
A 1 61  ASP 61  61  61  ASP ASP A . n 
A 1 62  ILE 62  62  62  ILE ILE A . n 
A 1 63  GLU 63  63  63  GLU GLU A . n 
A 1 64  GLY 64  64  64  GLY GLY A . n 
A 1 65  LYS 65  65  65  LYS LYS A . n 
A 1 66  ILE 66  66  66  ILE ILE A . n 
A 1 67  TYR 67  67  67  TYR TYR A . n 
A 1 68  VAL 68  68  68  VAL VAL A . n 
A 1 69  ARG 69  69  69  ARG ARG A . n 
A 1 70  ARG 70  70  70  ARG ARG A . n 
A 1 71  GLU 71  71  71  GLU GLU A . n 
A 1 72  GLN 72  72  72  GLN GLN A . n 
A 1 73  ALA 73  73  73  ALA ALA A . n 
A 1 74  GLU 74  74  74  GLU GLU A . n 
A 1 75  GLY 75  75  75  GLY GLY A . n 
A 1 76  ILE 76  76  76  ILE ILE A . n 
A 1 77  ILE 77  77  77  ILE ILE A . n 
A 1 78  GLU 78  78  78  GLU GLU A . n 
A 1 79  PHE 79  79  79  PHE PHE A . n 
A 1 80  ALA 80  80  80  ALA ALA A . n 
A 1 81  ARG 81  81  81  ARG ARG A . n 
A 1 82  LYS 82  82  82  LYS LYS A . n 
A 1 83  SER 83  83  83  SER SER A . n 
A 1 84  GLY 84  84  84  GLY GLY A . n 
A 1 85  GLY 85  85  85  GLY GLY A . n 
A 1 86  SER 86  86  86  SER SER A . n 
A 1 87  LEU 87  87  87  LEU LEU A . n 
A 1 88  PHE 88  88  88  PHE PHE A . n 
A 1 89  LEU 89  89  89  LEU LEU A . n 
A 1 90  GLY 90  90  90  GLY GLY A . n 
A 1 91  VAL 91  91  91  VAL VAL A . n 
A 1 92  LYS 92  92  92  LYS LYS A . n 
A 1 93  LYS 93  93  93  LYS LYS A . n 
A 1 94  PRO 94  94  94  PRO PRO A . n 
A 1 95  GLY 95  95  95  GLY GLY A . n 
A 1 96  VAL 96  96  96  VAL VAL A . n 
A 1 97  LEU 97  97  97  LEU LEU A . n 
A 1 98  LYS 98  98  98  LYS LYS A . n 
A 1 99  PHE 99  99  99  PHE PHE A . n 
A 1 100 ILE 100 100 100 ILE ILE A . n 
A 1 101 PRO 101 101 101 PRO PRO A . n 
A 1 102 PHE 102 102 102 PHE PHE A . n 
A 1 103 GLU 103 103 103 GLU GLU A . n 
A 1 104 LYS 104 104 104 LYS LYS A . n 
A 1 105 LEU 105 105 105 LEU LEU A . n 
A 1 106 ARG 106 106 106 ARG ARG A . n 
A 1 107 ARG 107 107 107 ARG ARG A . n 
A 1 108 THR 108 108 108 THR THR A . n 
A 1 109 GLU 109 109 109 GLU GLU A . n 
A 1 110 THR 110 110 110 THR THR A . n 
A 1 111 GLY 111 111 111 GLY GLY A . n 
A 1 112 ASN 112 112 112 ASN ASN A . n 
A 1 113 TYR 113 113 113 TYR TYR A . n 
A 1 114 VAL 114 114 114 VAL VAL A . n 
A 1 115 ALA 115 115 115 ALA ALA A . n 
A 1 116 ASP 116 116 116 ASP ASP A . n 
A 1 117 SER 117 117 117 SER SER A . n 
A 1 118 GLU 118 118 118 GLU GLU A . n 
A 1 119 ILE 119 119 119 ILE ILE A . n 
A 1 120 GLU 120 120 120 GLU GLU A . n 
A 1 121 GLY 121 121 121 GLY GLY A . n 
A 1 122 LEU 122 122 122 LEU LEU A . n 
A 1 123 ASP 123 123 123 ASP ASP A . n 
A 1 124 LEU 124 124 124 LEU LEU A . n 
A 1 125 GLU 125 125 125 GLU GLU A . n 
A 1 126 ASP 126 126 126 ASP ASP A . n 
A 1 127 LEU 127 127 127 LEU LEU A . n 
A 1 128 VAL 128 128 128 VAL VAL A . n 
A 1 129 ARG 129 129 129 ARG ARG A . n 
A 1 130 LEU 130 130 130 LEU LEU A . n 
A 1 131 VAL 131 131 131 VAL VAL A . n 
A 1 132 GLU 132 132 132 GLU GLU A . n 
A 1 133 ALA 133 133 133 ALA ALA A . n 
A 1 134 LYS 134 134 134 LYS LYS A . n 
A 1 135 ILE 135 135 135 ILE ILE A . n 
A 1 136 SER 136 136 136 SER SER A . n 
A 1 137 ARG 137 137 137 ARG ARG A . n 
A 1 138 THR 138 138 138 THR THR A . n 
A 1 139 LEU 139 139 139 LEU LEU A . n 
A 1 140 ASP 140 140 140 ASP ASP A . n 
A 1 141 ASN 141 141 ?   ?   ?   A . n 
A 1 142 PHE 142 142 ?   ?   ?   A . n 
A 1 143 LEU 143 143 ?   ?   ?   A . n 
# 
loop_
_pdbx_nonpoly_scheme.asym_id 
_pdbx_nonpoly_scheme.entity_id 
_pdbx_nonpoly_scheme.mon_id 
_pdbx_nonpoly_scheme.ndb_seq_num 
_pdbx_nonpoly_scheme.pdb_seq_num 
_pdbx_nonpoly_scheme.auth_seq_num 
_pdbx_nonpoly_scheme.pdb_mon_id 
_pdbx_nonpoly_scheme.auth_mon_id 
_pdbx_nonpoly_scheme.pdb_strand_id 
_pdbx_nonpoly_scheme.pdb_ins_code 
B 2 HOH 1  2001 2001 HOH HOH A . 
B 2 HOH 2  2002 2002 HOH HOH A . 
B 2 HOH 3  2003 2003 HOH HOH A . 
B 2 HOH 4  2004 2004 HOH HOH A . 
B 2 HOH 5  2005 2005 HOH HOH A . 
B 2 HOH 6  2006 2006 HOH HOH A . 
B 2 HOH 7  2007 2007 HOH HOH A . 
B 2 HOH 8  2008 2008 HOH HOH A . 
B 2 HOH 9  2009 2009 HOH HOH A . 
B 2 HOH 10 2010 2010 HOH HOH A . 
B 2 HOH 11 2011 2011 HOH HOH A . 
B 2 HOH 12 2012 2012 HOH HOH A . 
B 2 HOH 13 2013 2013 HOH HOH A . 
B 2 HOH 14 2014 2014 HOH HOH A . 
B 2 HOH 15 2015 2015 HOH HOH A . 
B 2 HOH 16 2016 2016 HOH HOH A . 
B 2 HOH 17 2017 2017 HOH HOH A . 
B 2 HOH 18 2018 2018 HOH HOH A . 
B 2 HOH 19 2019 2019 HOH HOH A . 
B 2 HOH 20 2020 2020 HOH HOH A . 
B 2 HOH 21 2021 2021 HOH HOH A . 
B 2 HOH 22 2022 2022 HOH HOH A . 
B 2 HOH 23 2023 2023 HOH HOH A . 
B 2 HOH 24 2024 2024 HOH HOH A . 
B 2 HOH 25 2025 2025 HOH HOH A . 
B 2 HOH 26 2026 2026 HOH HOH A . 
B 2 HOH 27 2027 2027 HOH HOH A . 
B 2 HOH 28 2028 2028 HOH HOH A . 
B 2 HOH 29 2029 2029 HOH HOH A . 
B 2 HOH 30 2030 2030 HOH HOH A . 
B 2 HOH 31 2031 2031 HOH HOH A . 
B 2 HOH 32 2032 2032 HOH HOH A . 
B 2 HOH 33 2033 2033 HOH HOH A . 
B 2 HOH 34 2034 2034 HOH HOH A . 
B 2 HOH 35 2035 2035 HOH HOH A . 
B 2 HOH 36 2036 2036 HOH HOH A . 
B 2 HOH 37 2037 2037 HOH HOH A . 
B 2 HOH 38 2038 2038 HOH HOH A . 
B 2 HOH 39 2039 2039 HOH HOH A . 
B 2 HOH 40 2040 2040 HOH HOH A . 
B 2 HOH 41 2041 2041 HOH HOH A . 
B 2 HOH 42 2042 2042 HOH HOH A . 
B 2 HOH 43 2043 2043 HOH HOH A . 
B 2 HOH 44 2044 2044 HOH HOH A . 
B 2 HOH 45 2045 2045 HOH HOH A . 
B 2 HOH 46 2046 2046 HOH HOH A . 
B 2 HOH 47 2047 2047 HOH HOH A . 
B 2 HOH 48 2048 2048 HOH HOH A . 
B 2 HOH 49 2049 2049 HOH HOH A . 
B 2 HOH 50 2050 2050 HOH HOH A . 
B 2 HOH 51 2051 2051 HOH HOH A . 
B 2 HOH 52 2052 2052 HOH HOH A . 
B 2 HOH 53 2053 2053 HOH HOH A . 
B 2 HOH 54 2054 2054 HOH HOH A . 
B 2 HOH 55 2055 2055 HOH HOH A . 
B 2 HOH 56 2056 2056 HOH HOH A . 
B 2 HOH 57 2057 2057 HOH HOH A . 
B 2 HOH 58 2058 2058 HOH HOH A . 
B 2 HOH 59 2059 2059 HOH HOH A . 
B 2 HOH 60 2060 2060 HOH HOH A . 
B 2 HOH 61 2061 2061 HOH HOH A . 
B 2 HOH 62 2062 2062 HOH HOH A . 
B 2 HOH 63 2063 2063 HOH HOH A . 
B 2 HOH 64 2064 2064 HOH HOH A . 
B 2 HOH 65 2065 2065 HOH HOH A . 
B 2 HOH 66 2066 2066 HOH HOH A . 
B 2 HOH 67 2067 2067 HOH HOH A . 
B 2 HOH 68 2068 2068 HOH HOH A . 
B 2 HOH 69 2069 2069 HOH HOH A . 
B 2 HOH 70 2070 2070 HOH HOH A . 
B 2 HOH 71 2071 2071 HOH HOH A . 
B 2 HOH 72 2072 2072 HOH HOH A . 
B 2 HOH 73 2073 2073 HOH HOH A . 
B 2 HOH 74 2074 2074 HOH HOH A . 
B 2 HOH 75 2075 2075 HOH HOH A . 
B 2 HOH 76 2076 2076 HOH HOH A . 
B 2 HOH 77 2077 2077 HOH HOH A . 
B 2 HOH 78 2078 2078 HOH HOH A . 
B 2 HOH 79 2079 2079 HOH HOH A . 
# 
loop_
_pdbx_unobs_or_zero_occ_atoms.id 
_pdbx_unobs_or_zero_occ_atoms.PDB_model_num 
_pdbx_unobs_or_zero_occ_atoms.polymer_flag 
_pdbx_unobs_or_zero_occ_atoms.occupancy_flag 
_pdbx_unobs_or_zero_occ_atoms.auth_asym_id 
_pdbx_unobs_or_zero_occ_atoms.auth_comp_id 
_pdbx_unobs_or_zero_occ_atoms.auth_seq_id 
_pdbx_unobs_or_zero_occ_atoms.PDB_ins_code 
_pdbx_unobs_or_zero_occ_atoms.auth_atom_id 
_pdbx_unobs_or_zero_occ_atoms.label_alt_id 
_pdbx_unobs_or_zero_occ_atoms.label_asym_id 
_pdbx_unobs_or_zero_occ_atoms.label_comp_id 
_pdbx_unobs_or_zero_occ_atoms.label_seq_id 
_pdbx_unobs_or_zero_occ_atoms.label_atom_id 
1 1 Y 0 A GLU 118 ? CG  ? A GLU 118 CG  
2 1 Y 0 A GLU 118 ? CD  ? A GLU 118 CD  
3 1 Y 0 A GLU 118 ? OE1 ? A GLU 118 OE1 
4 1 Y 0 A GLU 118 ? OE2 ? A GLU 118 OE2 
# 
loop_
_software.name 
_software.classification 
_software.version 
_software.citation_id 
_software.pdbx_ordinal 
REFMAC        refinement       . ? 1 
DENZO         'data reduction' . ? 2 
SCALA         'data scaling'   . ? 3 
SOLVE/RESOLVE phasing          . ? 4 
# 
_cell.entry_id           1HH1 
_cell.length_a           52.699 
_cell.length_b           52.699 
_cell.length_c           207.607 
_cell.angle_alpha        90.00 
_cell.angle_beta         90.00 
_cell.angle_gamma        120.00 
_cell.Z_PDB              12 
_cell.pdbx_unique_axis   ? 
# 
_symmetry.entry_id                         1HH1 
_symmetry.space_group_name_H-M             'P 61 2 2' 
_symmetry.pdbx_full_space_group_name_H-M   ? 
_symmetry.cell_setting                     ? 
_symmetry.Int_Tables_number                178 
# 
_exptl.entry_id          1HH1 
_exptl.method            'X-RAY DIFFRACTION' 
_exptl.crystals_number   1 
# 
_exptl_crystal.id                    1 
_exptl_crystal.density_meas          ? 
_exptl_crystal.density_Matthews      2.6 
_exptl_crystal.density_percent_sol   53 
_exptl_crystal.description           ? 
# 
_exptl_crystal_grow.crystal_id      1 
_exptl_crystal_grow.method          ? 
_exptl_crystal_grow.temp            ? 
_exptl_crystal_grow.temp_details    ? 
_exptl_crystal_grow.pH              4.50 
_exptl_crystal_grow.pdbx_pH_range   ? 
_exptl_crystal_grow.pdbx_details    '0.1M SODIUM ACETATE PH 4.5, 20% GLYCEROL, 20% PEG 4K, 0.16M AMMONIUM SULFATE' 
# 
_diffrn.id                     1 
_diffrn.ambient_temp           100.0 
_diffrn.ambient_temp_details   ? 
_diffrn.crystal_id             1 
# 
_diffrn_detector.diffrn_id              1 
_diffrn_detector.detector               CCD 
_diffrn_detector.type                   MARRESEARCH 
_diffrn_detector.pdbx_collection_date   2000-09-15 
_diffrn_detector.details                ? 
# 
_diffrn_radiation.diffrn_id                        1 
_diffrn_radiation.wavelength_id                    1 
_diffrn_radiation.pdbx_monochromatic_or_laue_m_l   M 
_diffrn_radiation.monochromator                    ? 
_diffrn_radiation.pdbx_diffrn_protocol             'SINGLE WAVELENGTH' 
_diffrn_radiation.pdbx_scattering_type             x-ray 
# 
_diffrn_radiation_wavelength.id           1 
_diffrn_radiation_wavelength.wavelength   0.97626 
_diffrn_radiation_wavelength.wt           1.0 
# 
_diffrn_source.diffrn_id                   1 
_diffrn_source.source                      SYNCHROTRON 
_diffrn_source.type                        'ESRF BEAMLINE BM14' 
_diffrn_source.pdbx_synchrotron_site       ESRF 
_diffrn_source.pdbx_synchrotron_beamline   BM14 
_diffrn_source.pdbx_wavelength             0.97626 
_diffrn_source.pdbx_wavelength_list        ? 
# 
_reflns.pdbx_diffrn_id               1 
_reflns.pdbx_ordinal                 1 
_reflns.entry_id                     1HH1 
_reflns.observed_criterion_sigma_I   ? 
_reflns.observed_criterion_sigma_F   ? 
_reflns.d_resolution_low             20.000 
_reflns.d_resolution_high            2.150 
_reflns.number_obs                   10061 
_reflns.number_all                   ? 
_reflns.percent_possible_obs         99.2 
_reflns.pdbx_Rmerge_I_obs            ? 
_reflns.pdbx_Rsym_value              0.04100 
_reflns.pdbx_netI_over_sigmaI        36.0000 
_reflns.B_iso_Wilson_estimate        24 
_reflns.pdbx_redundancy              4.000 
# 
_reflns_shell.pdbx_diffrn_id         1 
_reflns_shell.pdbx_ordinal           1 
_reflns_shell.d_res_high             2.15 
_reflns_shell.d_res_low              2.20 
_reflns_shell.percent_possible_all   97.0 
_reflns_shell.Rmerge_I_obs           ? 
_reflns_shell.pdbx_Rsym_value        0.10500 
_reflns_shell.meanI_over_sigI_obs    7.500 
_reflns_shell.pdbx_redundancy        ? 
# 
_refine.pdbx_refine_id                           'X-RAY DIFFRACTION' 
_refine.entry_id                                 1HH1 
_refine.pdbx_diffrn_id                           1 
_refine.pdbx_TLS_residual_ADP_flag               ? 
_refine.ls_number_reflns_obs                     10061 
_refine.ls_number_reflns_all                     ? 
_refine.pdbx_ls_sigma_I                          ? 
_refine.pdbx_ls_sigma_F                          0.0 
_refine.pdbx_data_cutoff_high_absF               ? 
_refine.pdbx_data_cutoff_low_absF                ? 
_refine.pdbx_data_cutoff_high_rms_absF           ? 
_refine.ls_d_res_low                             20.0 
_refine.ls_d_res_high                            2.15 
_refine.ls_percent_reflns_obs                    99.2 
_refine.ls_R_factor_obs                          ? 
_refine.ls_R_factor_all                          ? 
_refine.ls_R_factor_R_work                       0.220 
_refine.ls_R_factor_R_free                       0.281 
_refine.ls_R_factor_R_free_error                 ? 
_refine.ls_R_factor_R_free_error_details         ? 
_refine.ls_percent_reflns_R_free                 5.0 
_refine.ls_number_reflns_R_free                  484 
_refine.ls_number_parameters                     ? 
_refine.ls_number_restraints                     ? 
_refine.occupancy_min                            ? 
_refine.occupancy_max                            ? 
_refine.correlation_coeff_Fo_to_Fc               ? 
_refine.correlation_coeff_Fo_to_Fc_free          ? 
_refine.B_iso_mean                               35 
_refine.aniso_B[1][1]                            ? 
_refine.aniso_B[2][2]                            ? 
_refine.aniso_B[3][3]                            ? 
_refine.aniso_B[1][2]                            ? 
_refine.aniso_B[1][3]                            ? 
_refine.aniso_B[2][3]                            ? 
_refine.solvent_model_details                    ? 
_refine.solvent_model_param_ksol                 ? 
_refine.solvent_model_param_bsol                 ? 
_refine.pdbx_solvent_vdw_probe_radii             ? 
_refine.pdbx_solvent_ion_probe_radii             ? 
_refine.pdbx_solvent_shrinkage_radii             ? 
_refine.pdbx_ls_cross_valid_method               THROUGHOUT 
_refine.details                                  ? 
_refine.pdbx_starting_model                      ? 
_refine.pdbx_method_to_determine_struct          MAD 
_refine.pdbx_isotropic_thermal_model             ? 
_refine.pdbx_stereochemistry_target_values       ? 
_refine.pdbx_stereochem_target_val_spec_case     ? 
_refine.pdbx_R_Free_selection_details            RANDOM 
_refine.pdbx_overall_ESU_R                       0.22 
_refine.pdbx_overall_ESU_R_Free                  0.21 
_refine.overall_SU_ML                            ? 
_refine.pdbx_overall_phase_error                 ? 
_refine.overall_SU_B                             ? 
_refine.overall_SU_R_Cruickshank_DPI             ? 
_refine.pdbx_overall_SU_R_free_Cruickshank_DPI   ? 
_refine.pdbx_overall_SU_R_Blow_DPI               ? 
_refine.pdbx_overall_SU_R_free_Blow_DPI          ? 
# 
_refine_hist.pdbx_refine_id                   'X-RAY DIFFRACTION' 
_refine_hist.cycle_id                         LAST 
_refine_hist.pdbx_number_atoms_protein        983 
_refine_hist.pdbx_number_atoms_nucleic_acid   0 
_refine_hist.pdbx_number_atoms_ligand         0 
_refine_hist.number_atoms_solvent             79 
_refine_hist.number_atoms_total               1062 
_refine_hist.d_res_high                       2.15 
_refine_hist.d_res_low                        20.0 
# 
loop_
_refine_ls_restr.type 
_refine_ls_restr.dev_ideal 
_refine_ls_restr.dev_ideal_target 
_refine_ls_restr.weight 
_refine_ls_restr.number 
_refine_ls_restr.pdbx_refine_id 
_refine_ls_restr.pdbx_restraint_function 
p_bond_d            0.014  0.020 ? ? 'X-RAY DIFFRACTION' ? 
p_angle_d           0.036  0.040 ? ? 'X-RAY DIFFRACTION' ? 
p_angle_deg         ?      ?     ? ? 'X-RAY DIFFRACTION' ? 
p_planar_d          0.057  0.050 ? ? 'X-RAY DIFFRACTION' ? 
p_hb_or_metal_coord ?      ?     ? ? 'X-RAY DIFFRACTION' ? 
p_mcbond_it         2.284  3.000 ? ? 'X-RAY DIFFRACTION' ? 
p_mcangle_it        4.043  5.000 ? ? 'X-RAY DIFFRACTION' ? 
p_scbond_it         1.962  6.000 ? ? 'X-RAY DIFFRACTION' ? 
p_scangle_it        3.376  8.000 ? ? 'X-RAY DIFFRACTION' ? 
p_plane_restr       0.0519 ?     ? ? 'X-RAY DIFFRACTION' ? 
p_chiral_restr      0.0226 ?     ? ? 'X-RAY DIFFRACTION' ? 
p_singtor_nbd       ?      ?     ? ? 'X-RAY DIFFRACTION' ? 
p_multtor_nbd       ?      ?     ? ? 'X-RAY DIFFRACTION' ? 
p_xhyhbond_nbd      ?      ?     ? ? 'X-RAY DIFFRACTION' ? 
p_xyhbond_nbd       ?      ?     ? ? 'X-RAY DIFFRACTION' ? 
p_planar_tor        ?      ?     ? ? 'X-RAY DIFFRACTION' ? 
p_staggered_tor     ?      ?     ? ? 'X-RAY DIFFRACTION' ? 
p_orthonormal_tor   ?      ?     ? ? 'X-RAY DIFFRACTION' ? 
p_transverse_tor    ?      ?     ? ? 'X-RAY DIFFRACTION' ? 
p_special_tor       ?      ?     ? ? 'X-RAY DIFFRACTION' ? 
# 
_struct.entry_id                  1HH1 
_struct.title                     'THE STRUCTURE OF HJC, A HOLLIDAY JUNCTION RESOLVING ENZYME FROM SULFOLOBUS SOLFATARICUS' 
_struct.pdbx_model_details        ? 
_struct.pdbx_CASP_flag            ? 
_struct.pdbx_model_type_details   ? 
# 
_struct_keywords.entry_id        1HH1 
_struct_keywords.pdbx_keywords   'HOLLIDAY JUNCTION RESOLVASE' 
_struct_keywords.text            'HOLLIDAY JUNCTION RESOLVASE, HOMOLOGOUS RECOMBINATION, NUCLEASE DOMAIN, ARCHAEA' 
# 
loop_
_struct_asym.id 
_struct_asym.pdbx_blank_PDB_chainid_flag 
_struct_asym.pdbx_modified 
_struct_asym.entity_id 
_struct_asym.details 
A N N 1 ? 
B N N 2 ? 
# 
_struct_ref.id                         1 
_struct_ref.db_name                    UNP 
_struct_ref.db_code                    Q9UWX8 
_struct_ref.entity_id                  1 
_struct_ref.pdbx_seq_one_letter_code   ? 
_struct_ref.pdbx_align_begin           ? 
_struct_ref.pdbx_db_accession          Q9UWX8 
_struct_ref.pdbx_db_isoform            ? 
# 
_struct_ref_seq.align_id                      1 
_struct_ref_seq.ref_id                        1 
_struct_ref_seq.pdbx_PDB_id_code              1HH1 
_struct_ref_seq.pdbx_strand_id                A 
_struct_ref_seq.seq_align_beg                 1 
_struct_ref_seq.pdbx_seq_align_beg_ins_code   ? 
_struct_ref_seq.seq_align_end                 143 
_struct_ref_seq.pdbx_seq_align_end_ins_code   ? 
_struct_ref_seq.pdbx_db_accession             Q9UWX8 
_struct_ref_seq.db_align_beg                  1 
_struct_ref_seq.pdbx_db_align_beg_ins_code    ? 
_struct_ref_seq.db_align_end                  143 
_struct_ref_seq.pdbx_db_align_end_ins_code    ? 
_struct_ref_seq.pdbx_auth_seq_align_beg       1 
_struct_ref_seq.pdbx_auth_seq_align_end       143 
# 
_pdbx_struct_assembly.id                   1 
_pdbx_struct_assembly.details              author_and_software_defined_assembly 
_pdbx_struct_assembly.method_details       PQS 
_pdbx_struct_assembly.oligomeric_details   dimeric 
_pdbx_struct_assembly.oligomeric_count     2 
# 
_pdbx_struct_assembly_gen.assembly_id       1 
_pdbx_struct_assembly_gen.oper_expression   1,2 
_pdbx_struct_assembly_gen.asym_id_list      A,B 
# 
loop_
_pdbx_struct_oper_list.id 
_pdbx_struct_oper_list.type 
_pdbx_struct_oper_list.name 
_pdbx_struct_oper_list.symmetry_operation 
_pdbx_struct_oper_list.matrix[1][1] 
_pdbx_struct_oper_list.matrix[1][2] 
_pdbx_struct_oper_list.matrix[1][3] 
_pdbx_struct_oper_list.vector[1] 
_pdbx_struct_oper_list.matrix[2][1] 
_pdbx_struct_oper_list.matrix[2][2] 
_pdbx_struct_oper_list.matrix[2][3] 
_pdbx_struct_oper_list.vector[2] 
_pdbx_struct_oper_list.matrix[3][1] 
_pdbx_struct_oper_list.matrix[3][2] 
_pdbx_struct_oper_list.matrix[3][3] 
_pdbx_struct_oper_list.vector[3] 
1 'identity operation'         1_555 x,y,z     1.0000000000  0.0000000000  0.0000000000  0.0000000000  0.0000000000  1.0000000000 0.0000000000 0.0000000000 0.0000000000  0.0000000000 1.0000000000  0.0000000000 
2 'crystal symmetry operation' 8_555 x-y,-y,-z -0.8233157795 -0.5205708171 -0.2261794676 24.5304098088 -0.5205708171 0.5337757661 0.6664003721 4.0252372988 -0.2261794676 0.6664003721 -0.7104599866 9.8979597460 
# 
_struct_biol.id   1 
# 
loop_
_struct_conf.conf_type_id 
_struct_conf.id 
_struct_conf.pdbx_PDB_helix_id 
_struct_conf.beg_label_comp_id 
_struct_conf.beg_label_asym_id 
_struct_conf.beg_label_seq_id 
_struct_conf.pdbx_beg_PDB_ins_code 
_struct_conf.end_label_comp_id 
_struct_conf.end_label_asym_id 
_struct_conf.end_label_seq_id 
_struct_conf.pdbx_end_PDB_ins_code 
_struct_conf.beg_auth_comp_id 
_struct_conf.beg_auth_asym_id 
_struct_conf.beg_auth_seq_id 
_struct_conf.end_auth_comp_id 
_struct_conf.end_auth_asym_id 
_struct_conf.end_auth_seq_id 
_struct_conf.pdbx_PDB_helix_class 
_struct_conf.details 
_struct_conf.pdbx_PDB_helix_length 
HELX_P HELX_P1 1 SER A 9   ? LYS A 22  ? SER A 9   LYS A 22  1 ? 14 
HELX_P HELX_P2 2 ARG A 69  ? GLY A 84  ? ARG A 69  GLY A 84  1 ? 16 
HELX_P HELX_P3 3 GLU A 103 ? LEU A 105 ? GLU A 103 LEU A 105 5 ? 3  
HELX_P HELX_P4 4 ASP A 123 ? ASP A 140 ? ASP A 123 ASP A 140 1 ? 18 
# 
_struct_conf_type.id          HELX_P 
_struct_conf_type.criteria    ? 
_struct_conf_type.reference   ? 
# 
loop_
_struct_sheet.id 
_struct_sheet.type 
_struct_sheet.number_strands 
_struct_sheet.details 
AA ? 5 ? 
AB ? 4 ? 
# 
loop_
_struct_sheet_order.sheet_id 
_struct_sheet_order.range_id_1 
_struct_sheet_order.range_id_2 
_struct_sheet_order.offset 
_struct_sheet_order.sense 
AA 1 2 ? anti-parallel 
AA 2 3 ? anti-parallel 
AA 3 4 ? parallel      
AA 4 5 ? anti-parallel 
AB 1 2 ? anti-parallel 
AB 2 3 ? anti-parallel 
AB 3 4 ? anti-parallel 
# 
loop_
_struct_sheet_range.sheet_id 
_struct_sheet_range.id 
_struct_sheet_range.beg_label_comp_id 
_struct_sheet_range.beg_label_asym_id 
_struct_sheet_range.beg_label_seq_id 
_struct_sheet_range.pdbx_beg_PDB_ins_code 
_struct_sheet_range.end_label_comp_id 
_struct_sheet_range.end_label_asym_id 
_struct_sheet_range.end_label_seq_id 
_struct_sheet_range.pdbx_end_PDB_ins_code 
_struct_sheet_range.beg_auth_comp_id 
_struct_sheet_range.beg_auth_asym_id 
_struct_sheet_range.beg_auth_seq_id 
_struct_sheet_range.end_auth_comp_id 
_struct_sheet_range.end_auth_asym_id 
_struct_sheet_range.end_auth_seq_id 
AA 1 ALA A 25  ? ARG A 28  ? ALA A 25  ARG A 28  
AA 2 ILE A 43  ? LYS A 47  ? ILE A 43  LYS A 47  
AA 3 VAL A 50  ? MET A 56  ? VAL A 50  MET A 56  
AA 4 SER A 86  ? LYS A 92  ? SER A 86  LYS A 92  
AA 5 LEU A 97  ? PRO A 101 ? LEU A 97  PRO A 101 
AB 1 ARG A 59  ? LYS A 60  ? ARG A 59  LYS A 60  
AB 2 ILE A 66  ? VAL A 68  ? ILE A 66  VAL A 68  
AB 3 TYR A 113 ? VAL A 114 ? TYR A 113 VAL A 114 
AB 4 ARG A 106 ? ARG A 107 ? ARG A 106 ARG A 107 
# 
loop_
_pdbx_struct_sheet_hbond.sheet_id 
_pdbx_struct_sheet_hbond.range_id_1 
_pdbx_struct_sheet_hbond.range_id_2 
_pdbx_struct_sheet_hbond.range_1_label_atom_id 
_pdbx_struct_sheet_hbond.range_1_label_comp_id 
_pdbx_struct_sheet_hbond.range_1_label_asym_id 
_pdbx_struct_sheet_hbond.range_1_label_seq_id 
_pdbx_struct_sheet_hbond.range_1_PDB_ins_code 
_pdbx_struct_sheet_hbond.range_1_auth_atom_id 
_pdbx_struct_sheet_hbond.range_1_auth_comp_id 
_pdbx_struct_sheet_hbond.range_1_auth_asym_id 
_pdbx_struct_sheet_hbond.range_1_auth_seq_id 
_pdbx_struct_sheet_hbond.range_2_label_atom_id 
_pdbx_struct_sheet_hbond.range_2_label_comp_id 
_pdbx_struct_sheet_hbond.range_2_label_asym_id 
_pdbx_struct_sheet_hbond.range_2_label_seq_id 
_pdbx_struct_sheet_hbond.range_2_PDB_ins_code 
_pdbx_struct_sheet_hbond.range_2_auth_atom_id 
_pdbx_struct_sheet_hbond.range_2_auth_comp_id 
_pdbx_struct_sheet_hbond.range_2_auth_asym_id 
_pdbx_struct_sheet_hbond.range_2_auth_seq_id 
AA 1 2 N VAL A 27  ? N VAL A 27  O ILE A 44  ? O ILE A 44  
AA 2 3 N LYS A 47  ? N LYS A 47  O VAL A 50  ? O VAL A 50  
AA 3 4 N LEU A 53  ? N LEU A 53  O SER A 86  ? O SER A 86  
AA 4 5 N VAL A 91  ? N VAL A 91  O LYS A 98  ? O LYS A 98  
AB 1 2 N ARG A 59  ? N ARG A 59  O TYR A 67  ? O TYR A 67  
AB 2 3 N VAL A 68  ? N VAL A 68  O TYR A 113 ? O TYR A 113 
AB 3 4 N VAL A 114 ? N VAL A 114 O ARG A 106 ? O ARG A 106 
# 
loop_
_pdbx_validate_rmsd_angle.id 
_pdbx_validate_rmsd_angle.PDB_model_num 
_pdbx_validate_rmsd_angle.auth_atom_id_1 
_pdbx_validate_rmsd_angle.auth_asym_id_1 
_pdbx_validate_rmsd_angle.auth_comp_id_1 
_pdbx_validate_rmsd_angle.auth_seq_id_1 
_pdbx_validate_rmsd_angle.PDB_ins_code_1 
_pdbx_validate_rmsd_angle.label_alt_id_1 
_pdbx_validate_rmsd_angle.auth_atom_id_2 
_pdbx_validate_rmsd_angle.auth_asym_id_2 
_pdbx_validate_rmsd_angle.auth_comp_id_2 
_pdbx_validate_rmsd_angle.auth_seq_id_2 
_pdbx_validate_rmsd_angle.PDB_ins_code_2 
_pdbx_validate_rmsd_angle.label_alt_id_2 
_pdbx_validate_rmsd_angle.auth_atom_id_3 
_pdbx_validate_rmsd_angle.auth_asym_id_3 
_pdbx_validate_rmsd_angle.auth_comp_id_3 
_pdbx_validate_rmsd_angle.auth_seq_id_3 
_pdbx_validate_rmsd_angle.PDB_ins_code_3 
_pdbx_validate_rmsd_angle.label_alt_id_3 
_pdbx_validate_rmsd_angle.angle_value 
_pdbx_validate_rmsd_angle.angle_target_value 
_pdbx_validate_rmsd_angle.angle_deviation 
_pdbx_validate_rmsd_angle.angle_standard_deviation 
_pdbx_validate_rmsd_angle.linker_flag 
1 1 N  A PRO 39  ? ? CA A PRO 39  ? ? CB  A PRO 39  ? ? 111.04 103.30 7.74   1.20 N 
2 1 C  A MET 56  ? ? N  A LYS 57  ? ? CA  A LYS 57  ? ? 140.79 121.70 19.09  2.50 Y 
3 1 CD A ARG 70  ? ? NE A ARG 70  ? ? CZ  A ARG 70  ? ? 132.13 123.60 8.53   1.40 N 
4 1 CA A GLU 71  ? ? CB A GLU 71  ? ? CG  A GLU 71  ? ? 127.40 113.40 14.00  2.20 N 
5 1 CD A ARG 81  ? B NE A ARG 81  ? B CZ  A ARG 81  ? B 143.67 123.60 20.07  1.40 N 
6 1 NE A ARG 81  ? B CZ A ARG 81  ? B NH1 A ARG 81  ? B 125.60 120.30 5.30   0.50 N 
7 1 CB A GLU 118 ? ? CG A GLU 118 ? ? CD  A GLU 118 ? ? 91.42  114.20 -22.78 2.70 N 
# 
loop_
_pdbx_validate_torsion.id 
_pdbx_validate_torsion.PDB_model_num 
_pdbx_validate_torsion.auth_comp_id 
_pdbx_validate_torsion.auth_asym_id 
_pdbx_validate_torsion.auth_seq_id 
_pdbx_validate_torsion.PDB_ins_code 
_pdbx_validate_torsion.label_alt_id 
_pdbx_validate_torsion.phi 
_pdbx_validate_torsion.psi 
1 1 LYS A 57  ? ? 18.14  58.77  
2 1 SER A 58  ? ? -39.08 -86.55 
3 1 PRO A 94  ? ? -63.56 76.26  
4 1 ILE A 119 ? ? -17.98 -89.59 
# 
_pdbx_validate_main_chain_plane.id                       1 
_pdbx_validate_main_chain_plane.PDB_model_num            1 
_pdbx_validate_main_chain_plane.auth_comp_id             ARG 
_pdbx_validate_main_chain_plane.auth_asym_id             A 
_pdbx_validate_main_chain_plane.auth_seq_id              59 
_pdbx_validate_main_chain_plane.PDB_ins_code             ? 
_pdbx_validate_main_chain_plane.label_alt_id             ? 
_pdbx_validate_main_chain_plane.improper_torsion_angle   -11.07 
# 
_pdbx_struct_special_symmetry.id              1 
_pdbx_struct_special_symmetry.PDB_model_num   1 
_pdbx_struct_special_symmetry.auth_asym_id    A 
_pdbx_struct_special_symmetry.auth_comp_id    HOH 
_pdbx_struct_special_symmetry.auth_seq_id     2032 
_pdbx_struct_special_symmetry.PDB_ins_code    ? 
_pdbx_struct_special_symmetry.label_asym_id   B 
_pdbx_struct_special_symmetry.label_comp_id   HOH 
_pdbx_struct_special_symmetry.label_seq_id    . 
# 
loop_
_pdbx_unobs_or_zero_occ_residues.id 
_pdbx_unobs_or_zero_occ_residues.PDB_model_num 
_pdbx_unobs_or_zero_occ_residues.polymer_flag 
_pdbx_unobs_or_zero_occ_residues.occupancy_flag 
_pdbx_unobs_or_zero_occ_residues.auth_asym_id 
_pdbx_unobs_or_zero_occ_residues.auth_comp_id 
_pdbx_unobs_or_zero_occ_residues.auth_seq_id 
_pdbx_unobs_or_zero_occ_residues.PDB_ins_code 
_pdbx_unobs_or_zero_occ_residues.label_asym_id 
_pdbx_unobs_or_zero_occ_residues.label_comp_id 
_pdbx_unobs_or_zero_occ_residues.label_seq_id 
1  1 Y 1 A MET 1   ? A MET 1   
2  1 Y 1 A ASN 2   ? A ASN 2   
3  1 Y 1 A ALA 3   ? A ALA 3   
4  1 Y 1 A LYS 4   ? A LYS 4   
5  1 Y 1 A LYS 5   ? A LYS 5   
6  1 Y 1 A ARG 6   ? A ARG 6   
7  1 Y 1 A LYS 7   ? A LYS 7   
8  1 Y 1 A GLY 8   ? A GLY 8   
9  1 Y 1 A SER 32  ? A SER 32  
10 1 Y 1 A GLY 33  ? A GLY 33  
11 1 Y 1 A SER 34  ? A SER 34  
12 1 Y 1 A LYS 35  ? A LYS 35  
13 1 Y 1 A ARG 36  ? A ARG 36  
14 1 Y 1 A LYS 37  ? A LYS 37  
15 1 Y 1 A ASP 38  ? A ASP 38  
16 1 Y 1 A ASN 141 ? A ASN 141 
17 1 Y 1 A PHE 142 ? A PHE 142 
18 1 Y 1 A LEU 143 ? A LEU 143 
# 
loop_
_chem_comp_atom.comp_id 
_chem_comp_atom.atom_id 
_chem_comp_atom.type_symbol 
_chem_comp_atom.pdbx_aromatic_flag 
_chem_comp_atom.pdbx_stereo_config 
_chem_comp_atom.pdbx_ordinal 
ALA N    N N N 1   
ALA CA   C N S 2   
ALA C    C N N 3   
ALA O    O N N 4   
ALA CB   C N N 5   
ALA OXT  O N N 6   
ALA H    H N N 7   
ALA H2   H N N 8   
ALA HA   H N N 9   
ALA HB1  H N N 10  
ALA HB2  H N N 11  
ALA HB3  H N N 12  
ALA HXT  H N N 13  
ARG N    N N N 14  
ARG CA   C N S 15  
ARG C    C N N 16  
ARG O    O N N 17  
ARG CB   C N N 18  
ARG CG   C N N 19  
ARG CD   C N N 20  
ARG NE   N N N 21  
ARG CZ   C N N 22  
ARG NH1  N N N 23  
ARG NH2  N N N 24  
ARG OXT  O N N 25  
ARG H    H N N 26  
ARG H2   H N N 27  
ARG HA   H N N 28  
ARG HB2  H N N 29  
ARG HB3  H N N 30  
ARG HG2  H N N 31  
ARG HG3  H N N 32  
ARG HD2  H N N 33  
ARG HD3  H N N 34  
ARG HE   H N N 35  
ARG HH11 H N N 36  
ARG HH12 H N N 37  
ARG HH21 H N N 38  
ARG HH22 H N N 39  
ARG HXT  H N N 40  
ASN N    N N N 41  
ASN CA   C N S 42  
ASN C    C N N 43  
ASN O    O N N 44  
ASN CB   C N N 45  
ASN CG   C N N 46  
ASN OD1  O N N 47  
ASN ND2  N N N 48  
ASN OXT  O N N 49  
ASN H    H N N 50  
ASN H2   H N N 51  
ASN HA   H N N 52  
ASN HB2  H N N 53  
ASN HB3  H N N 54  
ASN HD21 H N N 55  
ASN HD22 H N N 56  
ASN HXT  H N N 57  
ASP N    N N N 58  
ASP CA   C N S 59  
ASP C    C N N 60  
ASP O    O N N 61  
ASP CB   C N N 62  
ASP CG   C N N 63  
ASP OD1  O N N 64  
ASP OD2  O N N 65  
ASP OXT  O N N 66  
ASP H    H N N 67  
ASP H2   H N N 68  
ASP HA   H N N 69  
ASP HB2  H N N 70  
ASP HB3  H N N 71  
ASP HD2  H N N 72  
ASP HXT  H N N 73  
GLN N    N N N 74  
GLN CA   C N S 75  
GLN C    C N N 76  
GLN O    O N N 77  
GLN CB   C N N 78  
GLN CG   C N N 79  
GLN CD   C N N 80  
GLN OE1  O N N 81  
GLN NE2  N N N 82  
GLN OXT  O N N 83  
GLN H    H N N 84  
GLN H2   H N N 85  
GLN HA   H N N 86  
GLN HB2  H N N 87  
GLN HB3  H N N 88  
GLN HG2  H N N 89  
GLN HG3  H N N 90  
GLN HE21 H N N 91  
GLN HE22 H N N 92  
GLN HXT  H N N 93  
GLU N    N N N 94  
GLU CA   C N S 95  
GLU C    C N N 96  
GLU O    O N N 97  
GLU CB   C N N 98  
GLU CG   C N N 99  
GLU CD   C N N 100 
GLU OE1  O N N 101 
GLU OE2  O N N 102 
GLU OXT  O N N 103 
GLU H    H N N 104 
GLU H2   H N N 105 
GLU HA   H N N 106 
GLU HB2  H N N 107 
GLU HB3  H N N 108 
GLU HG2  H N N 109 
GLU HG3  H N N 110 
GLU HE2  H N N 111 
GLU HXT  H N N 112 
GLY N    N N N 113 
GLY CA   C N N 114 
GLY C    C N N 115 
GLY O    O N N 116 
GLY OXT  O N N 117 
GLY H    H N N 118 
GLY H2   H N N 119 
GLY HA2  H N N 120 
GLY HA3  H N N 121 
GLY HXT  H N N 122 
HOH O    O N N 123 
HOH H1   H N N 124 
HOH H2   H N N 125 
ILE N    N N N 126 
ILE CA   C N S 127 
ILE C    C N N 128 
ILE O    O N N 129 
ILE CB   C N S 130 
ILE CG1  C N N 131 
ILE CG2  C N N 132 
ILE CD1  C N N 133 
ILE OXT  O N N 134 
ILE H    H N N 135 
ILE H2   H N N 136 
ILE HA   H N N 137 
ILE HB   H N N 138 
ILE HG12 H N N 139 
ILE HG13 H N N 140 
ILE HG21 H N N 141 
ILE HG22 H N N 142 
ILE HG23 H N N 143 
ILE HD11 H N N 144 
ILE HD12 H N N 145 
ILE HD13 H N N 146 
ILE HXT  H N N 147 
LEU N    N N N 148 
LEU CA   C N S 149 
LEU C    C N N 150 
LEU O    O N N 151 
LEU CB   C N N 152 
LEU CG   C N N 153 
LEU CD1  C N N 154 
LEU CD2  C N N 155 
LEU OXT  O N N 156 
LEU H    H N N 157 
LEU H2   H N N 158 
LEU HA   H N N 159 
LEU HB2  H N N 160 
LEU HB3  H N N 161 
LEU HG   H N N 162 
LEU HD11 H N N 163 
LEU HD12 H N N 164 
LEU HD13 H N N 165 
LEU HD21 H N N 166 
LEU HD22 H N N 167 
LEU HD23 H N N 168 
LEU HXT  H N N 169 
LYS N    N N N 170 
LYS CA   C N S 171 
LYS C    C N N 172 
LYS O    O N N 173 
LYS CB   C N N 174 
LYS CG   C N N 175 
LYS CD   C N N 176 
LYS CE   C N N 177 
LYS NZ   N N N 178 
LYS OXT  O N N 179 
LYS H    H N N 180 
LYS H2   H N N 181 
LYS HA   H N N 182 
LYS HB2  H N N 183 
LYS HB3  H N N 184 
LYS HG2  H N N 185 
LYS HG3  H N N 186 
LYS HD2  H N N 187 
LYS HD3  H N N 188 
LYS HE2  H N N 189 
LYS HE3  H N N 190 
LYS HZ1  H N N 191 
LYS HZ2  H N N 192 
LYS HZ3  H N N 193 
LYS HXT  H N N 194 
MET N    N N N 195 
MET CA   C N S 196 
MET C    C N N 197 
MET O    O N N 198 
MET CB   C N N 199 
MET CG   C N N 200 
MET SD   S N N 201 
MET CE   C N N 202 
MET OXT  O N N 203 
MET H    H N N 204 
MET H2   H N N 205 
MET HA   H N N 206 
MET HB2  H N N 207 
MET HB3  H N N 208 
MET HG2  H N N 209 
MET HG3  H N N 210 
MET HE1  H N N 211 
MET HE2  H N N 212 
MET HE3  H N N 213 
MET HXT  H N N 214 
PHE N    N N N 215 
PHE CA   C N S 216 
PHE C    C N N 217 
PHE O    O N N 218 
PHE CB   C N N 219 
PHE CG   C Y N 220 
PHE CD1  C Y N 221 
PHE CD2  C Y N 222 
PHE CE1  C Y N 223 
PHE CE2  C Y N 224 
PHE CZ   C Y N 225 
PHE OXT  O N N 226 
PHE H    H N N 227 
PHE H2   H N N 228 
PHE HA   H N N 229 
PHE HB2  H N N 230 
PHE HB3  H N N 231 
PHE HD1  H N N 232 
PHE HD2  H N N 233 
PHE HE1  H N N 234 
PHE HE2  H N N 235 
PHE HZ   H N N 236 
PHE HXT  H N N 237 
PRO N    N N N 238 
PRO CA   C N S 239 
PRO C    C N N 240 
PRO O    O N N 241 
PRO CB   C N N 242 
PRO CG   C N N 243 
PRO CD   C N N 244 
PRO OXT  O N N 245 
PRO H    H N N 246 
PRO HA   H N N 247 
PRO HB2  H N N 248 
PRO HB3  H N N 249 
PRO HG2  H N N 250 
PRO HG3  H N N 251 
PRO HD2  H N N 252 
PRO HD3  H N N 253 
PRO HXT  H N N 254 
SER N    N N N 255 
SER CA   C N S 256 
SER C    C N N 257 
SER O    O N N 258 
SER CB   C N N 259 
SER OG   O N N 260 
SER OXT  O N N 261 
SER H    H N N 262 
SER H2   H N N 263 
SER HA   H N N 264 
SER HB2  H N N 265 
SER HB3  H N N 266 
SER HG   H N N 267 
SER HXT  H N N 268 
THR N    N N N 269 
THR CA   C N S 270 
THR C    C N N 271 
THR O    O N N 272 
THR CB   C N R 273 
THR OG1  O N N 274 
THR CG2  C N N 275 
THR OXT  O N N 276 
THR H    H N N 277 
THR H2   H N N 278 
THR HA   H N N 279 
THR HB   H N N 280 
THR HG1  H N N 281 
THR HG21 H N N 282 
THR HG22 H N N 283 
THR HG23 H N N 284 
THR HXT  H N N 285 
TYR N    N N N 286 
TYR CA   C N S 287 
TYR C    C N N 288 
TYR O    O N N 289 
TYR CB   C N N 290 
TYR CG   C Y N 291 
TYR CD1  C Y N 292 
TYR CD2  C Y N 293 
TYR CE1  C Y N 294 
TYR CE2  C Y N 295 
TYR CZ   C Y N 296 
TYR OH   O N N 297 
TYR OXT  O N N 298 
TYR H    H N N 299 
TYR H2   H N N 300 
TYR HA   H N N 301 
TYR HB2  H N N 302 
TYR HB3  H N N 303 
TYR HD1  H N N 304 
TYR HD2  H N N 305 
TYR HE1  H N N 306 
TYR HE2  H N N 307 
TYR HH   H N N 308 
TYR HXT  H N N 309 
VAL N    N N N 310 
VAL CA   C N S 311 
VAL C    C N N 312 
VAL O    O N N 313 
VAL CB   C N N 314 
VAL CG1  C N N 315 
VAL CG2  C N N 316 
VAL OXT  O N N 317 
VAL H    H N N 318 
VAL H2   H N N 319 
VAL HA   H N N 320 
VAL HB   H N N 321 
VAL HG11 H N N 322 
VAL HG12 H N N 323 
VAL HG13 H N N 324 
VAL HG21 H N N 325 
VAL HG22 H N N 326 
VAL HG23 H N N 327 
VAL HXT  H N N 328 
# 
loop_
_chem_comp_bond.comp_id 
_chem_comp_bond.atom_id_1 
_chem_comp_bond.atom_id_2 
_chem_comp_bond.value_order 
_chem_comp_bond.pdbx_aromatic_flag 
_chem_comp_bond.pdbx_stereo_config 
_chem_comp_bond.pdbx_ordinal 
ALA N   CA   sing N N 1   
ALA N   H    sing N N 2   
ALA N   H2   sing N N 3   
ALA CA  C    sing N N 4   
ALA CA  CB   sing N N 5   
ALA CA  HA   sing N N 6   
ALA C   O    doub N N 7   
ALA C   OXT  sing N N 8   
ALA CB  HB1  sing N N 9   
ALA CB  HB2  sing N N 10  
ALA CB  HB3  sing N N 11  
ALA OXT HXT  sing N N 12  
ARG N   CA   sing N N 13  
ARG N   H    sing N N 14  
ARG N   H2   sing N N 15  
ARG CA  C    sing N N 16  
ARG CA  CB   sing N N 17  
ARG CA  HA   sing N N 18  
ARG C   O    doub N N 19  
ARG C   OXT  sing N N 20  
ARG CB  CG   sing N N 21  
ARG CB  HB2  sing N N 22  
ARG CB  HB3  sing N N 23  
ARG CG  CD   sing N N 24  
ARG CG  HG2  sing N N 25  
ARG CG  HG3  sing N N 26  
ARG CD  NE   sing N N 27  
ARG CD  HD2  sing N N 28  
ARG CD  HD3  sing N N 29  
ARG NE  CZ   sing N N 30  
ARG NE  HE   sing N N 31  
ARG CZ  NH1  sing N N 32  
ARG CZ  NH2  doub N N 33  
ARG NH1 HH11 sing N N 34  
ARG NH1 HH12 sing N N 35  
ARG NH2 HH21 sing N N 36  
ARG NH2 HH22 sing N N 37  
ARG OXT HXT  sing N N 38  
ASN N   CA   sing N N 39  
ASN N   H    sing N N 40  
ASN N   H2   sing N N 41  
ASN CA  C    sing N N 42  
ASN CA  CB   sing N N 43  
ASN CA  HA   sing N N 44  
ASN C   O    doub N N 45  
ASN C   OXT  sing N N 46  
ASN CB  CG   sing N N 47  
ASN CB  HB2  sing N N 48  
ASN CB  HB3  sing N N 49  
ASN CG  OD1  doub N N 50  
ASN CG  ND2  sing N N 51  
ASN ND2 HD21 sing N N 52  
ASN ND2 HD22 sing N N 53  
ASN OXT HXT  sing N N 54  
ASP N   CA   sing N N 55  
ASP N   H    sing N N 56  
ASP N   H2   sing N N 57  
ASP CA  C    sing N N 58  
ASP CA  CB   sing N N 59  
ASP CA  HA   sing N N 60  
ASP C   O    doub N N 61  
ASP C   OXT  sing N N 62  
ASP CB  CG   sing N N 63  
ASP CB  HB2  sing N N 64  
ASP CB  HB3  sing N N 65  
ASP CG  OD1  doub N N 66  
ASP CG  OD2  sing N N 67  
ASP OD2 HD2  sing N N 68  
ASP OXT HXT  sing N N 69  
GLN N   CA   sing N N 70  
GLN N   H    sing N N 71  
GLN N   H2   sing N N 72  
GLN CA  C    sing N N 73  
GLN CA  CB   sing N N 74  
GLN CA  HA   sing N N 75  
GLN C   O    doub N N 76  
GLN C   OXT  sing N N 77  
GLN CB  CG   sing N N 78  
GLN CB  HB2  sing N N 79  
GLN CB  HB3  sing N N 80  
GLN CG  CD   sing N N 81  
GLN CG  HG2  sing N N 82  
GLN CG  HG3  sing N N 83  
GLN CD  OE1  doub N N 84  
GLN CD  NE2  sing N N 85  
GLN NE2 HE21 sing N N 86  
GLN NE2 HE22 sing N N 87  
GLN OXT HXT  sing N N 88  
GLU N   CA   sing N N 89  
GLU N   H    sing N N 90  
GLU N   H2   sing N N 91  
GLU CA  C    sing N N 92  
GLU CA  CB   sing N N 93  
GLU CA  HA   sing N N 94  
GLU C   O    doub N N 95  
GLU C   OXT  sing N N 96  
GLU CB  CG   sing N N 97  
GLU CB  HB2  sing N N 98  
GLU CB  HB3  sing N N 99  
GLU CG  CD   sing N N 100 
GLU CG  HG2  sing N N 101 
GLU CG  HG3  sing N N 102 
GLU CD  OE1  doub N N 103 
GLU CD  OE2  sing N N 104 
GLU OE2 HE2  sing N N 105 
GLU OXT HXT  sing N N 106 
GLY N   CA   sing N N 107 
GLY N   H    sing N N 108 
GLY N   H2   sing N N 109 
GLY CA  C    sing N N 110 
GLY CA  HA2  sing N N 111 
GLY CA  HA3  sing N N 112 
GLY C   O    doub N N 113 
GLY C   OXT  sing N N 114 
GLY OXT HXT  sing N N 115 
HOH O   H1   sing N N 116 
HOH O   H2   sing N N 117 
ILE N   CA   sing N N 118 
ILE N   H    sing N N 119 
ILE N   H2   sing N N 120 
ILE CA  C    sing N N 121 
ILE CA  CB   sing N N 122 
ILE CA  HA   sing N N 123 
ILE C   O    doub N N 124 
ILE C   OXT  sing N N 125 
ILE CB  CG1  sing N N 126 
ILE CB  CG2  sing N N 127 
ILE CB  HB   sing N N 128 
ILE CG1 CD1  sing N N 129 
ILE CG1 HG12 sing N N 130 
ILE CG1 HG13 sing N N 131 
ILE CG2 HG21 sing N N 132 
ILE CG2 HG22 sing N N 133 
ILE CG2 HG23 sing N N 134 
ILE CD1 HD11 sing N N 135 
ILE CD1 HD12 sing N N 136 
ILE CD1 HD13 sing N N 137 
ILE OXT HXT  sing N N 138 
LEU N   CA   sing N N 139 
LEU N   H    sing N N 140 
LEU N   H2   sing N N 141 
LEU CA  C    sing N N 142 
LEU CA  CB   sing N N 143 
LEU CA  HA   sing N N 144 
LEU C   O    doub N N 145 
LEU C   OXT  sing N N 146 
LEU CB  CG   sing N N 147 
LEU CB  HB2  sing N N 148 
LEU CB  HB3  sing N N 149 
LEU CG  CD1  sing N N 150 
LEU CG  CD2  sing N N 151 
LEU CG  HG   sing N N 152 
LEU CD1 HD11 sing N N 153 
LEU CD1 HD12 sing N N 154 
LEU CD1 HD13 sing N N 155 
LEU CD2 HD21 sing N N 156 
LEU CD2 HD22 sing N N 157 
LEU CD2 HD23 sing N N 158 
LEU OXT HXT  sing N N 159 
LYS N   CA   sing N N 160 
LYS N   H    sing N N 161 
LYS N   H2   sing N N 162 
LYS CA  C    sing N N 163 
LYS CA  CB   sing N N 164 
LYS CA  HA   sing N N 165 
LYS C   O    doub N N 166 
LYS C   OXT  sing N N 167 
LYS CB  CG   sing N N 168 
LYS CB  HB2  sing N N 169 
LYS CB  HB3  sing N N 170 
LYS CG  CD   sing N N 171 
LYS CG  HG2  sing N N 172 
LYS CG  HG3  sing N N 173 
LYS CD  CE   sing N N 174 
LYS CD  HD2  sing N N 175 
LYS CD  HD3  sing N N 176 
LYS CE  NZ   sing N N 177 
LYS CE  HE2  sing N N 178 
LYS CE  HE3  sing N N 179 
LYS NZ  HZ1  sing N N 180 
LYS NZ  HZ2  sing N N 181 
LYS NZ  HZ3  sing N N 182 
LYS OXT HXT  sing N N 183 
MET N   CA   sing N N 184 
MET N   H    sing N N 185 
MET N   H2   sing N N 186 
MET CA  C    sing N N 187 
MET CA  CB   sing N N 188 
MET CA  HA   sing N N 189 
MET C   O    doub N N 190 
MET C   OXT  sing N N 191 
MET CB  CG   sing N N 192 
MET CB  HB2  sing N N 193 
MET CB  HB3  sing N N 194 
MET CG  SD   sing N N 195 
MET CG  HG2  sing N N 196 
MET CG  HG3  sing N N 197 
MET SD  CE   sing N N 198 
MET CE  HE1  sing N N 199 
MET CE  HE2  sing N N 200 
MET CE  HE3  sing N N 201 
MET OXT HXT  sing N N 202 
PHE N   CA   sing N N 203 
PHE N   H    sing N N 204 
PHE N   H2   sing N N 205 
PHE CA  C    sing N N 206 
PHE CA  CB   sing N N 207 
PHE CA  HA   sing N N 208 
PHE C   O    doub N N 209 
PHE C   OXT  sing N N 210 
PHE CB  CG   sing N N 211 
PHE CB  HB2  sing N N 212 
PHE CB  HB3  sing N N 213 
PHE CG  CD1  doub Y N 214 
PHE CG  CD2  sing Y N 215 
PHE CD1 CE1  sing Y N 216 
PHE CD1 HD1  sing N N 217 
PHE CD2 CE2  doub Y N 218 
PHE CD2 HD2  sing N N 219 
PHE CE1 CZ   doub Y N 220 
PHE CE1 HE1  sing N N 221 
PHE CE2 CZ   sing Y N 222 
PHE CE2 HE2  sing N N 223 
PHE CZ  HZ   sing N N 224 
PHE OXT HXT  sing N N 225 
PRO N   CA   sing N N 226 
PRO N   CD   sing N N 227 
PRO N   H    sing N N 228 
PRO CA  C    sing N N 229 
PRO CA  CB   sing N N 230 
PRO CA  HA   sing N N 231 
PRO C   O    doub N N 232 
PRO C   OXT  sing N N 233 
PRO CB  CG   sing N N 234 
PRO CB  HB2  sing N N 235 
PRO CB  HB3  sing N N 236 
PRO CG  CD   sing N N 237 
PRO CG  HG2  sing N N 238 
PRO CG  HG3  sing N N 239 
PRO CD  HD2  sing N N 240 
PRO CD  HD3  sing N N 241 
PRO OXT HXT  sing N N 242 
SER N   CA   sing N N 243 
SER N   H    sing N N 244 
SER N   H2   sing N N 245 
SER CA  C    sing N N 246 
SER CA  CB   sing N N 247 
SER CA  HA   sing N N 248 
SER C   O    doub N N 249 
SER C   OXT  sing N N 250 
SER CB  OG   sing N N 251 
SER CB  HB2  sing N N 252 
SER CB  HB3  sing N N 253 
SER OG  HG   sing N N 254 
SER OXT HXT  sing N N 255 
THR N   CA   sing N N 256 
THR N   H    sing N N 257 
THR N   H2   sing N N 258 
THR CA  C    sing N N 259 
THR CA  CB   sing N N 260 
THR CA  HA   sing N N 261 
THR C   O    doub N N 262 
THR C   OXT  sing N N 263 
THR CB  OG1  sing N N 264 
THR CB  CG2  sing N N 265 
THR CB  HB   sing N N 266 
THR OG1 HG1  sing N N 267 
THR CG2 HG21 sing N N 268 
THR CG2 HG22 sing N N 269 
THR CG2 HG23 sing N N 270 
THR OXT HXT  sing N N 271 
TYR N   CA   sing N N 272 
TYR N   H    sing N N 273 
TYR N   H2   sing N N 274 
TYR CA  C    sing N N 275 
TYR CA  CB   sing N N 276 
TYR CA  HA   sing N N 277 
TYR C   O    doub N N 278 
TYR C   OXT  sing N N 279 
TYR CB  CG   sing N N 280 
TYR CB  HB2  sing N N 281 
TYR CB  HB3  sing N N 282 
TYR CG  CD1  doub Y N 283 
TYR CG  CD2  sing Y N 284 
TYR CD1 CE1  sing Y N 285 
TYR CD1 HD1  sing N N 286 
TYR CD2 CE2  doub Y N 287 
TYR CD2 HD2  sing N N 288 
TYR CE1 CZ   doub Y N 289 
TYR CE1 HE1  sing N N 290 
TYR CE2 CZ   sing Y N 291 
TYR CE2 HE2  sing N N 292 
TYR CZ  OH   sing N N 293 
TYR OH  HH   sing N N 294 
TYR OXT HXT  sing N N 295 
VAL N   CA   sing N N 296 
VAL N   H    sing N N 297 
VAL N   H2   sing N N 298 
VAL CA  C    sing N N 299 
VAL CA  CB   sing N N 300 
VAL CA  HA   sing N N 301 
VAL C   O    doub N N 302 
VAL C   OXT  sing N N 303 
VAL CB  CG1  sing N N 304 
VAL CB  CG2  sing N N 305 
VAL CB  HB   sing N N 306 
VAL CG1 HG11 sing N N 307 
VAL CG1 HG12 sing N N 308 
VAL CG1 HG13 sing N N 309 
VAL CG2 HG21 sing N N 310 
VAL CG2 HG22 sing N N 311 
VAL CG2 HG23 sing N N 312 
VAL OXT HXT  sing N N 313 
# 
_atom_sites.entry_id                    1HH1 
_atom_sites.fract_transf_matrix[1][1]   -0.01484711 
_atom_sites.fract_transf_matrix[1][2]   0.01606162 
_atom_sites.fract_transf_matrix[1][3]   0.00130774 
_atom_sites.fract_transf_matrix[2][1]   -0.01841313 
_atom_sites.fract_transf_matrix[2][2]   -0.00111208 
_atom_sites.fract_transf_matrix[2][3]   -0.01182421 
_atom_sites.fract_transf_matrix[3][1]   -0.00218340 
_atom_sites.fract_transf_matrix[3][2]   -0.00231284 
_atom_sites.fract_transf_matrix[3][3]   0.00361760 
_atom_sites.fract_transf_vector[1]      0.156664 
_atom_sites.fract_transf_vector[2]      0.286597 
_atom_sites.fract_transf_vector[3]      0.013531 
# 
loop_
_atom_type.symbol 
C 
N 
O 
S 
# 
loop_
_atom_site.group_PDB 
_atom_site.id 
_atom_site.type_symbol 
_atom_site.label_atom_id 
_atom_site.label_alt_id 
_atom_site.label_comp_id 
_atom_site.label_asym_id 
_atom_site.label_entity_id 
_atom_site.label_seq_id 
_atom_site.pdbx_PDB_ins_code 
_atom_site.Cartn_x 
_atom_site.Cartn_y 
_atom_site.Cartn_z 
_atom_site.occupancy 
_atom_site.B_iso_or_equiv 
_atom_site.pdbx_formal_charge 
_atom_site.auth_seq_id 
_atom_site.auth_comp_id 
_atom_site.auth_asym_id 
_atom_site.auth_atom_id 
_atom_site.pdbx_PDB_model_num 
ATOM   1    N N   . SER A 1 9   ? 5.134   -9.491  -8.980  1.00   62.46 ? 9    SER A N   1 
ATOM   2    C CA  . SER A 1 9   ? 6.610   -9.298  -9.141  1.00   63.95 ? 9    SER A CA  1 
ATOM   3    C C   . SER A 1 9   ? 6.841   -8.325  -10.294 1.00   63.74 ? 9    SER A C   1 
ATOM   4    O O   . SER A 1 9   ? 7.515   -7.313  -10.132 1.00   62.14 ? 9    SER A O   1 
ATOM   5    C CB  . SER A 1 9   ? 7.333   -10.611 -9.374  1.00   67.79 ? 9    SER A CB  1 
ATOM   6    O OG  . SER A 1 9   ? 8.564   -10.676 -8.669  1.00   69.66 ? 9    SER A OG  1 
ATOM   7    N N   . ALA A 1 10  ? 6.188   -8.591  -11.424 1.00   63.71 ? 10   ALA A N   1 
ATOM   8    C CA  . ALA A 1 10  ? 6.250   -7.716  -12.591 1.00   62.51 ? 10   ALA A CA  1 
ATOM   9    C C   . ALA A 1 10  ? 5.688   -6.340  -12.219 1.00   60.17 ? 10   ALA A C   1 
ATOM   10   O O   . ALA A 1 10  ? 6.238   -5.269  -12.484 1.00   56.14 ? 10   ALA A O   1 
ATOM   11   C CB  . ALA A 1 10  ? 5.470   -8.301  -13.761 1.00   64.49 ? 10   ALA A CB  1 
ATOM   12   N N   . VAL A 1 11  ? 4.560   -6.371  -11.514 1.00   57.67 ? 11   VAL A N   1 
ATOM   13   C CA  . VAL A 1 11  ? 3.895   -5.153  -11.067 1.00   55.76 ? 11   VAL A CA  1 
ATOM   14   C C   . VAL A 1 11  ? 4.676   -4.469  -9.952  1.00   52.96 ? 11   VAL A C   1 
ATOM   15   O O   . VAL A 1 11  ? 4.751   -3.239  -9.980  1.00   52.63 ? 11   VAL A O   1 
ATOM   16   C CB  . VAL A 1 11  ? 2.459   -5.498  -10.634 1.00   58.70 ? 11   VAL A CB  1 
ATOM   17   C CG1 . VAL A 1 11  ? 1.643   -4.271  -10.277 1.00   53.94 ? 11   VAL A CG1 1 
ATOM   18   C CG2 . VAL A 1 11  ? 1.787   -6.299  -11.753 1.00   64.93 ? 11   VAL A CG2 1 
ATOM   19   N N   . GLU A 1 12  ? 5.275   -5.218  -9.035  1.00   49.93 ? 12   GLU A N   1 
ATOM   20   C CA  . GLU A 1 12  ? 6.049   -4.640  -7.949  1.00   49.64 ? 12   GLU A CA  1 
ATOM   21   C C   . GLU A 1 12  ? 7.214   -3.825  -8.503  1.00   47.71 ? 12   GLU A C   1 
ATOM   22   O O   . GLU A 1 12  ? 7.402   -2.654  -8.176  1.00   45.70 ? 12   GLU A O   1 
ATOM   23   C CB  . GLU A 1 12  ? 6.581   -5.704  -6.988  1.00   50.59 ? 12   GLU A CB  1 
ATOM   24   C CG  . GLU A 1 12  ? 5.540   -6.190  -6.004  1.00   56.76 ? 12   GLU A CG  1 
ATOM   25   C CD  . GLU A 1 12  ? 6.044   -7.147  -4.949  1.00   55.57 ? 12   GLU A CD  1 
ATOM   26   O OE1 . GLU A 1 12  ? 7.231   -7.097  -4.572  1.00   57.71 ? 12   GLU A OE1 1 
ATOM   27   O OE2 . GLU A 1 12  ? 5.232   -7.955  -4.451  1.00   60.96 ? 12   GLU A OE2 1 
ATOM   28   N N   . ARG A 1 13  ? 7.961   -4.483  -9.381  1.00   46.67 ? 13   ARG A N   1 
ATOM   29   C CA  . ARG A 1 13  ? 9.104   -3.901  -10.067 1.00   44.95 ? 13   ARG A CA  1 
ATOM   30   C C   . ARG A 1 13  ? 8.753   -2.637  -10.831 1.00   40.54 ? 13   ARG A C   1 
ATOM   31   O O   . ARG A 1 13  ? 9.473   -1.646  -10.713 1.00   40.55 ? 13   ARG A O   1 
ATOM   32   C CB  . ARG A 1 13  ? 9.783   -4.926  -10.993 1.00   45.90 ? 13   ARG A CB  1 
ATOM   33   C CG  . ARG A 1 13  ? 10.423  -6.057  -10.214 1.00   53.79 ? 13   ARG A CG  1 
ATOM   34   C CD  . ARG A 1 13  ? 11.319  -6.977  -11.011 1.00   61.97 ? 13   ARG A CD  1 
ATOM   35   N NE  . ARG A 1 13  ? 12.042  -7.965  -10.209 1.00   67.85 ? 13   ARG A NE  1 
ATOM   36   C CZ  . ARG A 1 13  ? 11.540  -8.881  -9.389  1.00   67.07 ? 13   ARG A CZ  1 
ATOM   37   N NH1 . ARG A 1 13  ? 10.231  -8.963  -9.187  1.00   69.64 ? 13   ARG A NH1 1 
ATOM   38   N NH2 . ARG A 1 13  ? 12.320  -9.732  -8.726  1.00   70.24 ? 13   ARG A NH2 1 
ATOM   39   N N   . ASN A 1 14  ? 7.636   -2.604  -11.525 1.00   38.90 ? 14   ASN A N   1 
ATOM   40   C CA  . ASN A 1 14  ? 7.117   -1.413  -12.178 1.00   39.23 ? 14   ASN A CA  1 
ATOM   41   C C   . ASN A 1 14  ? 6.843   -0.277  -11.187 1.00   35.80 ? 14   ASN A C   1 
ATOM   42   O O   . ASN A 1 14  ? 7.217   0.882   -11.383 1.00   37.11 ? 14   ASN A O   1 
ATOM   43   C CB  . ASN A 1 14  ? 5.796   -1.757  -12.899 1.00   37.55 ? 14   ASN A CB  1 
ATOM   44   C CG  . ASN A 1 14  ? 5.194   -0.562  -13.611 1.00   42.89 ? 14   ASN A CG  1 
ATOM   45   O OD1 . ASN A 1 14  ? 4.161   -0.035  -13.175 1.00   45.35 ? 14   ASN A OD1 1 
ATOM   46   N ND2 . ASN A 1 14  ? 5.850   -0.170  -14.709 1.00   38.26 ? 14   ASN A ND2 1 
ATOM   47   N N   . ILE A 1 15  ? 6.156   -0.590  -10.097 1.00   32.11 ? 15   ILE A N   1 
ATOM   48   C CA  . ILE A 1 15  ? 5.835   0.380   -9.055  1.00   30.89 ? 15   ILE A CA  1 
ATOM   49   C C   . ILE A 1 15  ? 7.106   0.908   -8.408  1.00   24.05 ? 15   ILE A C   1 
ATOM   50   O O   . ILE A 1 15  ? 7.277   2.104   -8.281  1.00   27.53 ? 15   ILE A O   1 
ATOM   51   C CB  . ILE A 1 15  ? 4.911   -0.223  -7.964  1.00   28.60 ? 15   ILE A CB  1 
ATOM   52   C CG1 . ILE A 1 15  ? 3.579   -0.639  -8.595  1.00   33.64 ? 15   ILE A CG1 1 
ATOM   53   C CG2 . ILE A 1 15  ? 4.628   0.779   -6.848  1.00   30.34 ? 15   ILE A CG2 1 
ATOM   54   C CD1 . ILE A 1 15  ? 2.645   -1.288  -7.576  1.00   36.70 ? 15   ILE A CD1 1 
ATOM   55   N N   . VAL A 1 16  ? 8.075   0.052   -8.106  1.00   26.13 ? 16   VAL A N   1 
ATOM   56   C CA  . VAL A 1 16  ? 9.314   0.545   -7.476  1.00   25.64 ? 16   VAL A CA  1 
ATOM   57   C C   . VAL A 1 16  ? 10.011  1.553   -8.366  1.00   27.18 ? 16   VAL A C   1 
ATOM   58   O O   . VAL A 1 16  ? 10.453  2.628   -7.962  1.00   25.57 ? 16   VAL A O   1 
ATOM   59   C CB  . VAL A 1 16  ? 10.184  -0.678  -7.132  1.00   24.68 ? 16   VAL A CB  1 
ATOM   60   C CG1 . VAL A 1 16  ? 11.624  -0.334  -6.832  1.00   21.53 ? 16   VAL A CG1 1 
ATOM   61   C CG2 . VAL A 1 16  ? 9.545   -1.335  -5.879  1.00   23.40 ? 16   VAL A CG2 1 
ATOM   62   N N   . SER A 1 17  ? 10.123  1.189   -9.648  1.00   25.12 ? 17   SER A N   1 
ATOM   63   C CA  . SER A 1 17  ? 10.780  2.003   -10.660 1.00   25.05 ? 17   SER A CA  1 
ATOM   64   C C   . SER A 1 17  ? 10.097  3.328   -10.861 1.00   24.12 ? 17   SER A C   1 
ATOM   65   O O   . SER A 1 17  ? 10.746  4.371   -10.904 1.00   26.62 ? 17   SER A O   1 
ATOM   66   C CB  . SER A 1 17  ? 10.810  1.182   -11.982 1.00   29.06 ? 17   SER A CB  1 
ATOM   67   O OG  . SER A 1 17  ? 11.396  2.002   -12.983 1.00   42.09 ? 17   SER A OG  1 
ATOM   68   N N   . ARG A 1 18  ? 8.766   3.348   -10.908 1.00   24.43 ? 18   ARG A N   1 
ATOM   69   C CA  . ARG A 1 18  ? 8.048   4.621   -11.026 1.00   26.48 ? 18   ARG A CA  1 
ATOM   70   C C   . ARG A 1 18  ? 8.151   5.456   -9.761  1.00   25.13 ? 18   ARG A C   1 
ATOM   71   O O   . ARG A 1 18  ? 8.263   6.688   -9.864  1.00   25.26 ? 18   ARG A O   1 
ATOM   72   C CB  . ARG A 1 18  ? 6.601   4.310   -11.440 1.00   31.64 ? 18   ARG A CB  1 
ATOM   73   C CG  . ARG A 1 18  ? 6.559   3.736   -12.873 1.00   34.80 ? 18   ARG A CG  1 
ATOM   74   C CD  . ARG A 1 18  ? 5.214   3.000   -13.048 1.00   34.51 ? 18   ARG A CD  1 
ATOM   75   N NE  . ARG A 1 18  ? 4.103   3.934   -13.118 1.00   36.84 ? 18   ARG A NE  1 
ATOM   76   C CZ  . ARG A 1 18  ? 2.803   3.643   -13.132 1.00   39.68 ? 18   ARG A CZ  1 
ATOM   77   N NH1 . ARG A 1 18  ? 2.368   2.391   -13.079 1.00   36.82 ? 18   ARG A NH1 1 
ATOM   78   N NH2 . ARG A 1 18  ? 1.926   4.636   -13.195 1.00   40.42 ? 18   ARG A NH2 1 
ATOM   79   N N   . LEU A 1 19  ? 8.165   4.813   -8.576  1.00   21.37 ? 19   LEU A N   1 
ATOM   80   C CA  . LEU A 1 19  ? 8.339   5.633   -7.356  1.00   21.91 ? 19   LEU A CA  1 
ATOM   81   C C   . LEU A 1 19  ? 9.759   6.194   -7.337  1.00   22.10 ? 19   LEU A C   1 
ATOM   82   O O   . LEU A 1 19  ? 9.933   7.351   -6.943  1.00   22.25 ? 19   LEU A O   1 
ATOM   83   C CB  . LEU A 1 19  ? 8.080   4.834   -6.079  1.00   20.13 ? 19   LEU A CB  1 
ATOM   84   C CG  . LEU A 1 19  ? 6.593   4.489   -5.869  1.00   22.03 ? 19   LEU A CG  1 
ATOM   85   C CD1 . LEU A 1 19  ? 6.380   3.429   -4.800  1.00   21.05 ? 19   LEU A CD1 1 
ATOM   86   C CD2 . LEU A 1 19  ? 5.869   5.785   -5.514  1.00   20.03 ? 19   LEU A CD2 1 
ATOM   87   N N   . ARG A 1 20  ? 10.732  5.401   -7.809  1.00   22.12 ? 20   ARG A N   1 
ATOM   88   C CA  . ARG A 1 20  ? 12.107  5.937   -7.845  1.00   23.39 ? 20   ARG A CA  1 
ATOM   89   C C   . ARG A 1 20  ? 12.186  7.056   -8.879  1.00   21.62 ? 20   ARG A C   1 
ATOM   90   O O   . ARG A 1 20  ? 12.764  8.056   -8.525  1.00   20.99 ? 20   ARG A O   1 
ATOM   91   C CB  . ARG A 1 20  ? 13.132  4.847   -8.171  1.00   25.39 ? 20   ARG A CB  1 
ATOM   92   C CG  . ARG A 1 20  ? 13.262  3.823   -7.034  1.00   27.76 ? 20   ARG A CG  1 
ATOM   93   C CD  . ARG A 1 20  ? 14.312  2.761   -7.370  1.00   26.40 ? 20   ARG A CD  1 
ATOM   94   N NE  . ARG A 1 20  ? 14.615  1.946   -6.203  1.00   27.87 ? 20   ARG A NE  1 
ATOM   95   C CZ  . ARG A 1 20  ? 14.883  0.644   -6.168  1.00   32.83 ? 20   ARG A CZ  1 
ATOM   96   N NH1 . ARG A 1 20  ? 14.899  -0.098  -7.269  1.00   22.00 ? 20   ARG A NH1 1 
ATOM   97   N NH2 . ARG A 1 20  ? 15.143  0.078   -4.981  1.00   28.46 ? 20   ARG A NH2 1 
ATOM   98   N N   . ASP A 1 21  ? 11.511  6.959   -10.026 1.00   23.07 ? 21   ASP A N   1 
ATOM   99   C CA  . ASP A 1 21  ? 11.520  8.089   -10.973 1.00   27.32 ? 21   ASP A CA  1 
ATOM   100  C C   . ASP A 1 21  ? 10.886  9.341   -10.355 1.00   26.23 ? 21   ASP A C   1 
ATOM   101  O O   . ASP A 1 21  ? 11.288  10.464  -10.645 1.00   26.38 ? 21   ASP A O   1 
ATOM   102  C CB  . ASP A 1 21  ? 10.761  7.782   -12.250 1.00   28.87 ? 21   ASP A CB  1 
ATOM   103  C CG  . ASP A 1 21  ? 11.276  6.588   -13.035 1.00   32.90 ? 21   ASP A CG  1 
ATOM   104  O OD1 . ASP A 1 21  ? 12.498  6.376   -13.037 1.00   29.42 ? 21   ASP A OD1 1 
ATOM   105  O OD2 . ASP A 1 21  ? 10.428  5.886   -13.631 1.00   34.63 ? 21   ASP A OD2 1 
ATOM   106  N N   . LYS A 1 22  ? 9.944   9.141   -9.430  1.00   28.84 ? 22   LYS A N   1 
ATOM   107  C CA  . LYS A 1 22  ? 9.282   10.233  -8.738  1.00   28.18 ? 22   LYS A CA  1 
ATOM   108  C C   . LYS A 1 22  ? 10.005  10.724  -7.494  1.00   26.01 ? 22   LYS A C   1 
ATOM   109  O O   . LYS A 1 22  ? 9.404   11.509  -6.740  1.00   26.71 ? 22   LYS A O   1 
ATOM   110  C CB  . LYS A 1 22  ? 7.817   9.835   -8.439  1.00   28.37 ? 22   LYS A CB  1 
ATOM   111  C CG  . LYS A 1 22  ? 7.119   9.606   -9.791  1.00   26.10 ? 22   LYS A CG  1 
ATOM   112  C CD  . LYS A 1 22  ? 5.666   9.208   -9.578  1.00   33.86 ? 22   LYS A CD  1 
ATOM   113  C CE  . LYS A 1 22  ? 5.174   8.549   -10.868 1.00   31.71 ? 22   LYS A CE  1 
ATOM   114  N NZ  . LYS A 1 22  ? 5.171   9.521   -11.997 1.00   27.75 ? 22   LYS A NZ  1 
ATOM   115  N N   . GLY A 1 23  ? 11.252  10.307  -7.267  1.00   24.43 ? 23   GLY A N   1 
ATOM   116  C CA  . GLY A 1 23  ? 12.017  10.899  -6.176  1.00   20.31 ? 23   GLY A CA  1 
ATOM   117  C C   . GLY A 1 23  ? 12.035  10.123  -4.873  1.00   18.83 ? 23   GLY A C   1 
ATOM   118  O O   . GLY A 1 23  ? 12.616  10.601  -3.876  1.00   19.61 ? 23   GLY A O   1 
ATOM   119  N N   . PHE A 1 24  ? 11.455  8.947   -4.837  1.00   16.54 ? 24   PHE A N   1 
ATOM   120  C CA  . PHE A 1 24  ? 11.469  8.167   -3.609  1.00   20.00 ? 24   PHE A CA  1 
ATOM   121  C C   . PHE A 1 24  ? 12.708  7.261   -3.548  1.00   21.23 ? 24   PHE A C   1 
ATOM   122  O O   . PHE A 1 24  ? 13.085  6.724   -4.580  1.00   17.37 ? 24   PHE A O   1 
ATOM   123  C CB  . PHE A 1 24  ? 10.236  7.253   -3.549  1.00   16.78 ? 24   PHE A CB  1 
ATOM   124  C CG  . PHE A 1 24  ? 8.910   7.947   -3.380  1.00   19.72 ? 24   PHE A CG  1 
ATOM   125  C CD1 . PHE A 1 24  ? 8.316   8.677   -4.402  1.00   19.60 ? 24   PHE A CD1 1 
ATOM   126  C CD2 . PHE A 1 24  ? 8.225   7.795   -2.178  1.00   20.83 ? 24   PHE A CD2 1 
ATOM   127  C CE1 . PHE A 1 24  ? 7.081   9.280   -4.198  1.00   22.62 ? 24   PHE A CE1 1 
ATOM   128  C CE2 . PHE A 1 24  ? 6.997   8.384   -1.978  1.00   23.72 ? 24   PHE A CE2 1 
ATOM   129  C CZ  . PHE A 1 24  ? 6.426   9.137   -2.983  1.00   19.97 ? 24   PHE A CZ  1 
ATOM   130  N N   . ALA A 1 25  ? 13.175  7.050   -2.333  1.00   19.84 ? 25   ALA A N   1 
ATOM   131  C CA  . ALA A 1 25  ? 14.139  6.015   -1.990  1.00   24.38 ? 25   ALA A CA  1 
ATOM   132  C C   . ALA A 1 25  ? 13.240  4.817   -1.640  1.00   21.41 ? 25   ALA A C   1 
ATOM   133  O O   . ALA A 1 25  ? 12.311  4.908   -0.811  1.00   21.60 ? 25   ALA A O   1 
ATOM   134  C CB  . ALA A 1 25  ? 14.970  6.391   -0.746  1.00   22.32 ? 25   ALA A CB  1 
ATOM   135  N N   . VAL A 1 26  ? 13.428  3.714   -2.328  1.00   19.75 ? 26   VAL A N   1 
ATOM   136  C CA  . VAL A 1 26  ? 12.580  2.542   -2.188  1.00   19.68 ? 26   VAL A CA  1 
ATOM   137  C C   . VAL A 1 26  ? 13.342  1.269   -1.899  1.00   24.16 ? 26   VAL A C   1 
ATOM   138  O O   . VAL A 1 26  ? 14.402  1.023   -2.492  1.00   22.42 ? 26   VAL A O   1 
ATOM   139  C CB  . VAL A 1 26  ? 11.797  2.348   -3.531  1.00   24.46 ? 26   VAL A CB  1 
ATOM   140  C CG1 . VAL A 1 26  ? 10.814  1.185   -3.441  1.00   18.65 ? 26   VAL A CG1 1 
ATOM   141  C CG2 . VAL A 1 26  ? 11.015  3.583   -3.981  1.00   18.20 ? 26   VAL A CG2 1 
ATOM   142  N N   . VAL A 1 27  ? 12.779  0.424   -1.041  1.00   25.36 ? 27   VAL A N   1 
ATOM   143  C CA  . VAL A 1 27  ? 13.330  -0.897  -0.793  1.00   28.92 ? 27   VAL A CA  1 
ATOM   144  C C   . VAL A 1 27  ? 12.227  -1.950  -0.830  1.00   30.23 ? 27   VAL A C   1 
ATOM   145  O O   . VAL A 1 27  ? 11.078  -1.762  -0.424  1.00   28.19 ? 27   VAL A O   1 
ATOM   146  C CB  . VAL A 1 27  ? 14.146  -0.973  0.506   1.00   33.15 ? 27   VAL A CB  1 
ATOM   147  C CG1 . VAL A 1 27  ? 13.329  -0.669  1.746   1.00   29.56 ? 27   VAL A CG1 1 
ATOM   148  C CG2 . VAL A 1 27  ? 14.807  -2.332  0.661   1.00   39.06 ? 27   VAL A CG2 1 
ATOM   149  N N   . ARG A 1 28  ? 12.527  -3.085  -1.432  1.00   30.97 ? 28   ARG A N   1 
ATOM   150  C CA  . ARG A 1 28  ? 11.563  -4.192  -1.481  1.00   33.47 ? 28   ARG A CA  1 
ATOM   151  C C   . ARG A 1 28  ? 11.821  -5.110  -0.306  1.00   36.14 ? 28   ARG A C   1 
ATOM   152  O O   . ARG A 1 28  ? 12.977  -5.208  0.098   1.00   36.95 ? 28   ARG A O   1 
ATOM   153  C CB  . ARG A 1 28  ? 11.697  -4.928  -2.809  1.00   36.74 ? 28   ARG A CB  1 
ATOM   154  C CG  . ARG A 1 28  ? 11.098  -4.054  -3.915  1.00   43.03 ? 28   ARG A CG  1 
ATOM   155  C CD  . ARG A 1 28  ? 11.328  -4.660  -5.293  1.00   47.10 ? 28   ARG A CD  1 
ATOM   156  N NE  . ARG A 1 28  ? 10.343  -5.699  -5.549  1.00   56.94 ? 28   ARG A NE  1 
ATOM   157  C CZ  . ARG A 1 28  ? 10.418  -6.609  -6.516  1.00   62.56 ? 28   ARG A CZ  1 
ATOM   158  N NH1 . ARG A 1 28  ? 11.464  -6.595  -7.329  1.00   58.71 ? 28   ARG A NH1 1 
ATOM   159  N NH2 . ARG A 1 28  ? 9.446   -7.507  -6.636  1.00   60.47 ? 28   ARG A NH2 1 
ATOM   160  N N   . ALA A 1 29  ? 10.801  -5.578  0.391   1.00   38.26 ? 29   ALA A N   1 
ATOM   161  C CA  . ALA A 1 29  ? 11.056  -6.510  1.488   1.00   43.89 ? 29   ALA A CA  1 
ATOM   162  C C   . ALA A 1 29  ? 11.741  -7.739  0.881   1.00   46.38 ? 29   ALA A C   1 
ATOM   163  O O   . ALA A 1 29  ? 11.334  -8.221  -0.161  1.00   44.91 ? 29   ALA A O   1 
ATOM   164  C CB  . ALA A 1 29  ? 9.755   -6.915  2.152   1.00   46.95 ? 29   ALA A CB  1 
ATOM   165  N N   . PRO A 1 30  ? 12.800  -8.197  1.507   1.00   51.22 ? 30   PRO A N   1 
ATOM   166  C CA  . PRO A 1 30  ? 13.544  -9.384  1.113   1.00   53.66 ? 30   PRO A CA  1 
ATOM   167  C C   . PRO A 1 30  ? 12.629  -10.596 1.254   1.00   54.74 ? 30   PRO A C   1 
ATOM   168  O O   . PRO A 1 30  ? 11.745  -10.579 2.116   1.00   55.45 ? 30   PRO A O   1 
ATOM   169  C CB  . PRO A 1 30  ? 14.772  -9.494  2.027   1.00   54.58 ? 30   PRO A CB  1 
ATOM   170  C CG  . PRO A 1 30  ? 14.698  -8.236  2.856   1.00   55.94 ? 30   PRO A CG  1 
ATOM   171  C CD  . PRO A 1 30  ? 13.313  -7.630  2.768   1.00   53.24 ? 30   PRO A CD  1 
ATOM   172  N N   . ALA A 1 31  ? 12.798  -11.614 0.431   1.00   55.49 ? 31   ALA A N   1 
ATOM   173  C CA  . ALA A 1 31  ? 11.960  -12.806 0.452   1.00   56.06 ? 31   ALA A CA  1 
ATOM   174  C C   . ALA A 1 31  ? 11.997  -13.626 1.730   1.00   56.74 ? 31   ALA A C   1 
ATOM   175  O O   . ALA A 1 31  ? 12.995  -13.750 2.433   1.00   57.90 ? 31   ALA A O   1 
ATOM   176  C CB  . ALA A 1 31  ? 12.321  -13.680 -0.750  1.00   54.84 ? 31   ALA A CB  1 
ATOM   177  N N   . PRO A 1 39  ? 6.305   -10.158 9.071   1.00   47.16 ? 39   PRO A N   1 
ATOM   178  C CA  . PRO A 1 39  ? 6.037   -9.808  7.689   1.00   44.54 ? 39   PRO A CA  1 
ATOM   179  C C   . PRO A 1 39  ? 6.043   -8.295  7.475   1.00   40.70 ? 39   PRO A C   1 
ATOM   180  O O   . PRO A 1 39  ? 5.539   -7.480  8.226   1.00   41.75 ? 39   PRO A O   1 
ATOM   181  C CB  . PRO A 1 39  ? 4.739   -10.435 7.209   1.00   45.70 ? 39   PRO A CB  1 
ATOM   182  C CG  . PRO A 1 39  ? 4.319   -11.238 8.420   1.00   47.67 ? 39   PRO A CG  1 
ATOM   183  C CD  . PRO A 1 39  ? 5.411   -11.269 9.442   1.00   46.05 ? 39   PRO A CD  1 
ATOM   184  N N   . ILE A 1 40  ? 6.767   -8.018  6.403   1.00   34.81 ? 40   ILE A N   1 
ATOM   185  C CA  . ILE A 1 40  ? 7.093   -6.647  6.009   1.00   31.35 ? 40   ILE A CA  1 
ATOM   186  C C   . ILE A 1 40  ? 6.321   -6.284  4.760   1.00   25.99 ? 40   ILE A C   1 
ATOM   187  O O   . ILE A 1 40  ? 6.123   -7.114  3.881   1.00   23.61 ? 40   ILE A O   1 
ATOM   188  C CB  . ILE A 1 40  ? 8.627   -6.719  5.773   1.00   31.08 ? 40   ILE A CB  1 
ATOM   189  C CG1 . ILE A 1 40  ? 9.294   -7.043  7.133   1.00   40.62 ? 40   ILE A CG1 1 
ATOM   190  C CG2 . ILE A 1 40  ? 9.216   -5.452  5.196   1.00   27.84 ? 40   ILE A CG2 1 
ATOM   191  C CD1 . ILE A 1 40  ? 10.746  -7.434  7.004   1.00   41.16 ? 40   ILE A CD1 1 
ATOM   192  N N   . PRO A 1 41  ? 5.842   -5.058  4.718   1.00   22.74 ? 41   PRO A N   1 
ATOM   193  C CA  . PRO A 1 41  ? 5.165   -4.533  3.548   1.00   23.09 ? 41   PRO A CA  1 
ATOM   194  C C   . PRO A 1 41  ? 6.062   -4.845  2.353   1.00   23.48 ? 41   PRO A C   1 
ATOM   195  O O   . PRO A 1 41  ? 7.298   -4.783  2.436   1.00   21.91 ? 41   PRO A O   1 
ATOM   196  C CB  . PRO A 1 41  ? 4.948   -3.033  3.766   1.00   21.92 ? 41   PRO A CB  1 
ATOM   197  C CG  . PRO A 1 41  ? 5.059   -2.963  5.284   1.00   23.16 ? 41   PRO A CG  1 
ATOM   198  C CD  . PRO A 1 41  ? 5.988   -4.042  5.746   1.00   21.81 ? 41   PRO A CD  1 
ATOM   199  N N   . ASP A 1 42  ? 5.446   -5.223  1.233   1.00   21.22 ? 42   ASP A N   1 
ATOM   200  C CA  . ASP A 1 42  ? 6.235   -5.542  0.035   1.00   21.03 ? 42   ASP A CA  1 
ATOM   201  C C   . ASP A 1 42  ? 7.140   -4.375  -0.364  1.00   20.09 ? 42   ASP A C   1 
ATOM   202  O O   . ASP A 1 42  ? 8.244   -4.541  -0.860  1.00   19.61 ? 42   ASP A O   1 
ATOM   203  C CB  . ASP A 1 42  ? 5.326   -5.861  -1.164  1.00   18.90 ? 42   ASP A CB  1 
ATOM   204  C CG  . ASP A 1 42  ? 4.516   -7.138  -0.932  1.00   24.62 ? 42   ASP A CG  1 
ATOM   205  O OD1 . ASP A 1 42  ? 5.062   -8.143  -0.461  1.00   28.62 ? 42   ASP A OD1 1 
ATOM   206  O OD2 . ASP A 1 42  ? 3.304   -7.155  -1.156  1.00   27.67 ? 42   ASP A OD2 1 
ATOM   207  N N   . ILE A 1 43  ? 6.553   -3.176  -0.355  1.00   21.11 ? 43   ILE A N   1 
ATOM   208  C CA  . ILE A 1 43  ? 7.252   -1.991  -0.830  1.00   21.07 ? 43   ILE A CA  1 
ATOM   209  C C   . ILE A 1 43  ? 7.343   -0.966  0.284   1.00   19.50 ? 43   ILE A C   1 
ATOM   210  O O   . ILE A 1 43  ? 6.350   -0.562  0.902   1.00   19.89 ? 43   ILE A O   1 
ATOM   211  C CB  . ILE A 1 43  ? 6.590   -1.423  -2.106  1.00   23.96 ? 43   ILE A CB  1 
ATOM   212  C CG1 . ILE A 1 43  ? 6.561   -2.435  -3.280  1.00   20.73 ? 43   ILE A CG1 1 
ATOM   213  C CG2 . ILE A 1 43  ? 7.355   -0.180  -2.588  1.00   21.59 ? 43   ILE A CG2 1 
ATOM   214  C CD1 . ILE A 1 43  ? 5.744   -1.908  -4.467  1.00   20.22 ? 43   ILE A CD1 1 
ATOM   215  N N   . ILE A 1 44  ? 8.547   -0.491  0.569   1.00   18.08 ? 44   ILE A N   1 
ATOM   216  C CA  . ILE A 1 44  ? 8.769   0.584   1.537   1.00   19.58 ? 44   ILE A CA  1 
ATOM   217  C C   . ILE A 1 44  ? 9.318   1.780   0.737   1.00   21.60 ? 44   ILE A C   1 
ATOM   218  O O   . ILE A 1 44  ? 10.359  1.685   0.063   1.00   19.35 ? 44   ILE A O   1 
ATOM   219  C CB  . ILE A 1 44  ? 9.716   0.165   2.668   1.00   21.81 ? 44   ILE A CB  1 
ATOM   220  C CG1 . ILE A 1 44  ? 9.034   -0.934  3.483   1.00   21.16 ? 44   ILE A CG1 1 
ATOM   221  C CG2 . ILE A 1 44  ? 10.121  1.339   3.558   1.00   19.04 ? 44   ILE A CG2 1 
ATOM   222  C CD1 . ILE A 1 44  ? 9.954   -2.009  3.958   1.00   29.24 ? 44   ILE A CD1 1 
ATOM   223  N N   . ALA A 1 45  ? 8.601   2.893   0.769   1.00   19.34 ? 45   ALA A N   1 
ATOM   224  C CA  . ALA A 1 45  ? 9.001   4.015   -0.105  1.00   19.49 ? 45   ALA A CA  1 
ATOM   225  C C   . ALA A 1 45  ? 9.099   5.263   0.782   1.00   19.64 ? 45   ALA A C   1 
ATOM   226  O O   . ALA A 1 45  ? 8.233   5.577   1.593   1.00   17.26 ? 45   ALA A O   1 
ATOM   227  C CB  . ALA A 1 45  ? 8.011   4.135   -1.239  1.00   17.95 ? 45   ALA A CB  1 
ATOM   228  N N   . LEU A 1 46  ? 10.225  5.961   0.633   1.00   15.87 ? 46   LEU A N   1 
ATOM   229  C CA  . LEU A 1 46  ? 10.521  7.104   1.469   1.00   17.15 ? 46   LEU A CA  1 
ATOM   230  C C   . LEU A 1 46  ? 10.806  8.336   0.630   1.00   17.23 ? 46   LEU A C   1 
ATOM   231  O O   . LEU A 1 46  ? 11.604  8.257   -0.293  1.00   17.29 ? 46   LEU A O   1 
ATOM   232  C CB  . LEU A 1 46  ? 11.777  6.748   2.323   1.00   12.94 ? 46   LEU A CB  1 
ATOM   233  C CG  . LEU A 1 46  ? 11.836  5.377   3.006   1.00   21.16 ? 46   LEU A CG  1 
ATOM   234  C CD1 . LEU A 1 46  ? 13.234  5.102   3.606   1.00   16.12 ? 46   LEU A CD1 1 
ATOM   235  C CD2 . LEU A 1 46  ? 10.831  5.220   4.157   1.00   16.05 ? 46   LEU A CD2 1 
ATOM   236  N N   . LYS A 1 47  ? 10.296  9.492   1.042   1.00   18.05 ? 47   LYS A N   1 
ATOM   237  C CA  . LYS A 1 47  ? 10.620  10.719  0.336   1.00   17.32 ? 47   LYS A CA  1 
ATOM   238  C C   . LYS A 1 47  ? 10.563  11.870  1.303   1.00   19.88 ? 47   LYS A C   1 
ATOM   239  O O   . LYS A 1 47  ? 9.527   12.107  1.953   1.00   16.45 ? 47   LYS A O   1 
ATOM   240  C CB  . LYS A 1 47  ? 9.680   10.961  -0.856  1.00   21.28 ? 47   LYS A CB  1 
ATOM   241  C CG  . LYS A 1 47  ? 10.077  12.200  -1.659  1.00   17.76 ? 47   LYS A CG  1 
ATOM   242  C CD  . LYS A 1 47  ? 9.403   12.207  -3.051  1.00   14.33 ? 47   LYS A CD  1 
ATOM   243  C CE  . LYS A 1 47  ? 9.835   13.495  -3.766  1.00   18.37 ? 47   LYS A CE  1 
ATOM   244  N NZ  . LYS A 1 47  ? 9.298   13.663  -5.132  1.00   21.00 ? 47   LYS A NZ  1 
ATOM   245  N N   . ASN A 1 48  ? 11.742  12.502  1.446   1.00   19.50 ? 48   ASN A N   1 
ATOM   246  C CA  . ASN A 1 48  ? 11.829  13.662  2.313   1.00   18.63 ? 48   ASN A CA  1 
ATOM   247  C C   . ASN A 1 48  ? 11.092  13.529  3.632   1.00   20.24 ? 48   ASN A C   1 
ATOM   248  O O   . ASN A 1 48  ? 10.338  14.435  4.012   1.00   21.10 ? 48   ASN A O   1 
ATOM   249  C CB  . ASN A 1 48  ? 11.305  14.908  1.555   1.00   19.73 ? 48   ASN A CB  1 
ATOM   250  C CG  . ASN A 1 48  ? 11.954  16.211  2.013   1.00   26.18 ? 48   ASN A CG  1 
ATOM   251  O OD1 . ASN A 1 48  ? 12.547  16.314  3.079   1.00   23.42 ? 48   ASN A OD1 1 
ATOM   252  N ND2 . ASN A 1 48  ? 11.863  17.263  1.200   1.00   25.65 ? 48   ASN A ND2 1 
ATOM   253  N N   . GLY A 1 49  ? 11.431  12.512  4.420   1.00   18.50 ? 49   GLY A N   1 
ATOM   254  C CA  . GLY A 1 49  ? 10.864  12.335  5.751   1.00   16.79 ? 49   GLY A CA  1 
ATOM   255  C C   . GLY A 1 49  ? 9.540   11.582  5.780   1.00   21.47 ? 49   GLY A C   1 
ATOM   256  O O   . GLY A 1 49  ? 9.083   11.269  6.886   1.00   22.38 ? 49   GLY A O   1 
ATOM   257  N N   . VAL A 1 50  ? 8.877   11.335  4.644   1.00   20.42 ? 50   VAL A N   1 
ATOM   258  C CA  . VAL A 1 50  ? 7.558   10.677  4.694   1.00   20.57 ? 50   VAL A CA  1 
ATOM   259  C C   . VAL A 1 50  ? 7.679   9.205   4.385   1.00   20.37 ? 50   VAL A C   1 
ATOM   260  O O   . VAL A 1 50  ? 8.423   8.873   3.458   1.00   19.93 ? 50   VAL A O   1 
ATOM   261  C CB  . VAL A 1 50  ? 6.582   11.346  3.696   1.00   22.14 ? 50   VAL A CB  1 
ATOM   262  C CG1 . VAL A 1 50  ? 5.201   10.679  3.727   1.00   20.72 ? 50   VAL A CG1 1 
ATOM   263  C CG2 . VAL A 1 50  ? 6.439   12.825  4.081   1.00   17.89 ? 50   VAL A CG2 1 
ATOM   264  N N   . ILE A 1 51  ? 7.010   8.340   5.153   1.00   19.37 ? 51   ILE A N   1 
ATOM   265  C CA  . ILE A 1 51  ? 7.099   6.906   4.917   1.00   19.06 ? 51   ILE A CA  1 
ATOM   266  C C   . ILE A 1 51  ? 5.783   6.335   4.347   1.00   20.91 ? 51   ILE A C   1 
ATOM   267  O O   . ILE A 1 51  ? 4.716   6.549   4.916   1.00   20.12 ? 51   ILE A O   1 
ATOM   268  C CB  . ILE A 1 51  ? 7.411   6.204   6.254   1.00   15.86 ? 51   ILE A CB  1 
ATOM   269  C CG1 . ILE A 1 51  ? 8.750   6.725   6.848   1.00   12.98 ? 51   ILE A CG1 1 
ATOM   270  C CG2 . ILE A 1 51  ? 7.441   4.693   6.100   1.00   15.72 ? 51   ILE A CG2 1 
ATOM   271  C CD1 . ILE A 1 51  ? 8.669   6.553   8.379   1.00   14.00 ? 51   ILE A CD1 1 
ATOM   272  N N   . ILE A 1 52  ? 5.816   5.592   3.230   1.00   18.01 ? 52   ILE A N   1 
ATOM   273  C CA  . ILE A 1 52  ? 4.602   4.944   2.751   1.00   19.22 ? 52   ILE A CA  1 
ATOM   274  C C   . ILE A 1 52  ? 4.997   3.480   2.573   1.00   18.58 ? 52   ILE A C   1 
ATOM   275  O O   . ILE A 1 52  ? 6.178   3.183   2.412   1.00   17.51 ? 52   ILE A O   1 
ATOM   276  C CB  . ILE A 1 52  ? 3.907   5.543   1.526   1.00   24.74 ? 52   ILE A CB  1 
ATOM   277  C CG1 . ILE A 1 52  ? 4.848   5.542   0.341   1.00   24.56 ? 52   ILE A CG1 1 
ATOM   278  C CG2 . ILE A 1 52  ? 3.419   6.968   1.838   1.00   17.92 ? 52   ILE A CG2 1 
ATOM   279  C CD1 . ILE A 1 52  ? 4.169   5.913   -0.970  1.00   32.91 ? 52   ILE A CD1 1 
ATOM   280  N N   . LEU A 1 53  ? 4.032   2.619   2.833   1.00   16.33 ? 53   LEU A N   1 
ATOM   281  C CA  . LEU A 1 53  ? 4.188   1.183   2.851   1.00   17.50 ? 53   LEU A CA  1 
ATOM   282  C C   . LEU A 1 53  ? 3.066   0.636   1.957   1.00   18.79 ? 53   LEU A C   1 
ATOM   283  O O   . LEU A 1 53  ? 1.891   0.999   2.084   1.00   19.37 ? 53   LEU A O   1 
ATOM   284  C CB  . LEU A 1 53  ? 3.988   0.688   4.302   1.00   19.10 ? 53   LEU A CB  1 
ATOM   285  C CG  . LEU A 1 53  ? 4.877   1.374   5.361   1.00   22.66 ? 53   LEU A CG  1 
ATOM   286  C CD1 . LEU A 1 53  ? 4.427   1.098   6.792   1.00   16.61 ? 53   LEU A CD1 1 
ATOM   287  C CD2 . LEU A 1 53  ? 6.307   0.916   5.152   1.00   16.44 ? 53   LEU A CD2 1 
ATOM   288  N N   . ILE A 1 54  ? 3.442   -0.194  1.008   1.00   17.75 ? 54   ILE A N   1 
ATOM   289  C CA  . ILE A 1 54  ? 2.512   -0.699  0.007   1.00   20.42 ? 54   ILE A CA  1 
ATOM   290  C C   . ILE A 1 54  ? 2.517   -2.223  -0.014  1.00   22.50 ? 54   ILE A C   1 
ATOM   291  O O   . ILE A 1 54  ? 3.607   -2.753  -0.237  1.00   24.27 ? 54   ILE A O   1 
ATOM   292  C CB  . ILE A 1 54  ? 2.953   -0.237  -1.414  1.00   17.89 ? 54   ILE A CB  1 
ATOM   293  C CG1 . ILE A 1 54  ? 2.878   1.285   -1.513  1.00   21.82 ? 54   ILE A CG1 1 
ATOM   294  C CG2 . ILE A 1 54  ? 2.054   -0.919  -2.458  1.00   23.56 ? 54   ILE A CG2 1 
ATOM   295  C CD1 . ILE A 1 54  ? 3.398   1.912   -2.782  1.00   21.96 ? 54   ILE A CD1 1 
ATOM   296  N N   . GLU A 1 55  ? 1.378   -2.834  0.187   1.00   21.67 ? 55   GLU A N   1 
ATOM   297  C CA  . GLU A 1 55  ? 1.275   -4.292  0.114   1.00   23.88 ? 55   GLU A CA  1 
ATOM   298  C C   . GLU A 1 55  ? 0.571   -4.609  -1.217  1.00   24.10 ? 55   GLU A C   1 
ATOM   299  O O   . GLU A 1 55  ? -0.500  -4.039  -1.434  1.00   22.48 ? 55   GLU A O   1 
ATOM   300  C CB  . GLU A 1 55  ? 0.427   -4.821  1.302   1.00   18.65 ? 55   GLU A CB  1 
ATOM   301  C CG  . GLU A 1 55  ? 0.448   -6.348  1.367   1.00   20.84 ? 55   GLU A CG  1 
ATOM   302  C CD  . GLU A 1 55  ? 1.756   -6.892  1.896   1.00   24.72 ? 55   GLU A CD  1 
ATOM   303  O OE1 . GLU A 1 55  ? 2.802   -6.217  2.001   1.00   26.07 ? 55   GLU A OE1 1 
ATOM   304  O OE2 . GLU A 1 55  ? 1.794   -8.086  2.259   1.00   26.01 ? 55   GLU A OE2 1 
ATOM   305  N N   . MET A 1 56  ? 1.214   -5.370  -2.090  1.00   27.21 ? 56   MET A N   1 
ATOM   306  C CA  . MET A 1 56  ? 0.627   -5.605  -3.420  1.00   34.59 ? 56   MET A CA  1 
ATOM   307  C C   . MET A 1 56  ? -0.312  -6.796  -3.584  1.00   40.89 ? 56   MET A C   1 
ATOM   308  O O   . MET A 1 56  ? 0.146   -7.904  -3.394  1.00   35.24 ? 56   MET A O   1 
ATOM   309  C CB  . MET A 1 56  ? 1.799   -5.745  -4.421  1.00   30.30 ? 56   MET A CB  1 
ATOM   310  C CG  . MET A 1 56  ? 2.478   -4.400  -4.655  1.00   27.50 ? 56   MET A CG  1 
ATOM   311  S SD  . MET A 1 56  ? 1.336   -3.119  -5.140  1.00   31.78 ? 56   MET A SD  1 
ATOM   312  C CE  . MET A 1 56  ? 0.616   -3.793  -6.638  1.00   39.87 ? 56   MET A CE  1 
ATOM   313  N N   . LYS A 1 57  ? -1.527  -6.563  -4.023  1.00   47.11 ? 57   LYS A N   1 
ATOM   314  C CA  . LYS A 1 57  ? -2.726  -7.248  -4.365  1.00   53.88 ? 57   LYS A CA  1 
ATOM   315  C C   . LYS A 1 57  ? -2.800  -8.656  -3.786  1.00   60.12 ? 57   LYS A C   1 
ATOM   316  O O   . LYS A 1 57  ? -2.926  -9.653  -4.465  1.00   63.15 ? 57   LYS A O   1 
ATOM   317  C CB  . LYS A 1 57  ? -3.095  -7.222  -5.842  1.00   55.99 ? 57   LYS A CB  1 
ATOM   318  C CG  . LYS A 1 57  ? -2.611  -8.214  -6.870  1.00   65.68 ? 57   LYS A CG  1 
ATOM   319  C CD  . LYS A 1 57  ? -3.616  -9.342  -7.127  1.00   62.23 ? 57   LYS A CD  1 
ATOM   320  C CE  . LYS A 1 57  ? -2.905  -10.697 -7.146  1.00   62.80 ? 57   LYS A CE  1 
ATOM   321  N NZ  . LYS A 1 57  ? -2.309  -10.930 -8.470  1.00   60.53 ? 57   LYS A NZ  1 
ATOM   322  N N   . SER A 1 58  ? -2.718  -8.686  -2.453  1.00   62.27 ? 58   SER A N   1 
ATOM   323  C CA  . SER A 1 58  ? -2.713  -9.955  -1.729  1.00   63.39 ? 58   SER A CA  1 
ATOM   324  C C   . SER A 1 58  ? -3.684  -10.922 -2.375  1.00   62.40 ? 58   SER A C   1 
ATOM   325  O O   . SER A 1 58  ? -3.129  -11.686 -3.213  1.00   60.65 ? 58   SER A O   1 
ATOM   326  C CB  . SER A 1 58  ? -2.904  -9.697  -0.242  1.00   69.38 ? 58   SER A CB  1 
ATOM   327  O OG  . SER A 1 58  ? -1.740  -8.946  0.147   1.00   71.38 ? 58   SER A OG  1 
ATOM   328  N N   . ARG A 1 59  ? -4.988  -10.951 -2.054  1.00   60.25 ? 59   ARG A N   1 
ATOM   329  C CA  . ARG A 1 59  ? -5.715  -11.903 -2.921  1.00   60.68 ? 59   ARG A CA  1 
ATOM   330  C C   . ARG A 1 59  ? -7.188  -11.788 -3.100  1.00   56.68 ? 59   ARG A C   1 
ATOM   331  O O   . ARG A 1 59  ? -7.911  -11.259 -2.285  1.00   61.61 ? 59   ARG A O   1 
ATOM   332  C CB  . ARG A 1 59  ? -5.093  -13.269 -2.664  1.00   67.63 ? 59   ARG A CB  1 
ATOM   333  C CG  . ARG A 1 59  ? -5.361  -14.282 -3.748  1.00   68.43 ? 59   ARG A CG  1 
ATOM   334  C CD  . ARG A 1 59  ? -4.176  -15.199 -3.981  1.00   72.27 ? 59   ARG A CD  1 
ATOM   335  N NE  . ARG A 1 59  ? -3.455  -14.870 -5.212  1.00   74.40 ? 59   ARG A NE  1 
ATOM   336  C CZ  . ARG A 1 59  ? -2.908  -15.791 -6.003  1.00   79.67 ? 59   ARG A CZ  1 
ATOM   337  N NH1 . ARG A 1 59  ? -2.983  -17.089 -5.722  1.00   83.15 ? 59   ARG A NH1 1 
ATOM   338  N NH2 . ARG A 1 59  ? -2.281  -15.384 -7.104  1.00   81.91 ? 59   ARG A NH2 1 
ATOM   339  N N   . LYS A 1 60  ? -7.766  -12.638 -3.948  1.00   53.56 ? 60   LYS A N   1 
ATOM   340  C CA  . LYS A 1 60  ? -9.199  -12.782 -4.212  1.00   45.56 ? 60   LYS A CA  1 
ATOM   341  C C   . LYS A 1 60  ? -9.887  -14.017 -3.648  1.00   39.60 ? 60   LYS A C   1 
ATOM   342  O O   . LYS A 1 60  ? -9.477  -15.176 -3.800  1.00   35.30 ? 60   LYS A O   1 
ATOM   343  C CB  . LYS A 1 60  ? -9.316  -12.767 -5.739  1.00   47.92 ? 60   LYS A CB  1 
ATOM   344  C CG  . LYS A 1 60  ? -10.448 -11.871 -6.200  1.00   47.60 ? 60   LYS A CG  1 
ATOM   345  C CD  . LYS A 1 60  ? -9.971  -10.434 -6.296  1.00   55.50 ? 60   LYS A CD  1 
ATOM   346  C CE  . LYS A 1 60  ? -9.812  -9.988  -7.743  1.00   58.59 ? 60   LYS A CE  1 
ATOM   347  N NZ  . LYS A 1 60  ? -11.017 -9.230  -8.208  1.00   60.13 ? 60   LYS A NZ  1 
ATOM   348  N N   . ASP A 1 61  ? -10.875 -13.787 -2.763  1.00   34.77 ? 61   ASP A N   1 
ATOM   349  C CA  . ASP A 1 61  ? -11.562 -14.882 -2.091  1.00   34.06 ? 61   ASP A CA  1 
ATOM   350  C C   . ASP A 1 61  ? -12.670 -15.464 -2.976  1.00   36.42 ? 61   ASP A C   1 
ATOM   351  O O   . ASP A 1 61  ? -12.870 -14.981 -4.099  1.00   38.11 ? 61   ASP A O   1 
ATOM   352  C CB  . ASP A 1 61  ? -12.060 -14.485 -0.712  1.00   26.55 ? 61   ASP A CB  1 
ATOM   353  C CG  . ASP A 1 61  ? -13.149 -13.442 -0.691  1.00   29.17 ? 61   ASP A CG  1 
ATOM   354  O OD1 . ASP A 1 61  ? -13.778 -13.086 -1.718  1.00   26.10 ? 61   ASP A OD1 1 
ATOM   355  O OD2 . ASP A 1 61  ? -13.451 -12.906 0.397   1.00   30.03 ? 61   ASP A OD2 1 
ATOM   356  N N   . ILE A 1 62  ? -13.533 -16.338 -2.439  1.00   35.49 ? 62   ILE A N   1 
ATOM   357  C CA  . ILE A 1 62  ? -14.553 -16.940 -3.310  1.00   34.32 ? 62   ILE A CA  1 
ATOM   358  C C   . ILE A 1 62  ? -15.640 -15.974 -3.674  1.00   34.66 ? 62   ILE A C   1 
ATOM   359  O O   . ILE A 1 62  ? -16.352 -16.304 -4.622  1.00   42.20 ? 62   ILE A O   1 
ATOM   360  C CB  . ILE A 1 62  ? -15.027 -18.301 -2.815  1.00   37.32 ? 62   ILE A CB  1 
ATOM   361  C CG1 . ILE A 1 62  ? -15.793 -18.242 -1.490  1.00   26.01 ? 62   ILE A CG1 1 
ATOM   362  C CG2 . ILE A 1 62  ? -13.837 -19.252 -2.718  1.00   30.59 ? 62   ILE A CG2 1 
ATOM   363  C CD1 . ILE A 1 62  ? -17.202 -17.705 -1.678  1.00   33.14 ? 62   ILE A CD1 1 
ATOM   364  N N   . GLU A 1 63  ? -15.802 -14.803 -3.095  1.00   30.34 ? 63   GLU A N   1 
ATOM   365  C CA  . GLU A 1 63  ? -16.768 -13.805 -3.471  1.00   33.24 ? 63   GLU A CA  1 
ATOM   366  C C   . GLU A 1 63  ? -16.235 -12.687 -4.387  1.00   35.59 ? 63   GLU A C   1 
ATOM   367  O O   . GLU A 1 63  ? -16.788 -11.567 -4.428  1.00   35.43 ? 63   GLU A O   1 
ATOM   368  C CB  . GLU A 1 63  ? -17.273 -13.121 -2.189  1.00   31.32 ? 63   GLU A CB  1 
ATOM   369  C CG  . GLU A 1 63  ? -17.657 -14.204 -1.168  1.00   36.63 ? 63   GLU A CG  1 
ATOM   370  C CD  . GLU A 1 63  ? -18.294 -13.546 0.032   1.00   37.83 ? 63   GLU A CD  1 
ATOM   371  O OE1 . GLU A 1 63  ? -18.982 -12.553 -0.260  1.00   39.05 ? 63   GLU A OE1 1 
ATOM   372  O OE2 . GLU A 1 63  ? -18.141 -13.989 1.187   1.00   37.70 ? 63   GLU A OE2 1 
ATOM   373  N N   . GLY A 1 64  ? -15.055 -12.899 -4.940  1.00   35.33 ? 64   GLY A N   1 
ATOM   374  C CA  . GLY A 1 64  ? -14.410 -11.917 -5.817  1.00   39.54 ? 64   GLY A CA  1 
ATOM   375  C C   . GLY A 1 64  ? -13.736 -10.750 -5.114  1.00   38.64 ? 64   GLY A C   1 
ATOM   376  O O   . GLY A 1 64  ? -13.315 -9.778  -5.759  1.00   38.39 ? 64   GLY A O   1 
ATOM   377  N N   . LYS A 1 65  ? -13.637 -10.778 -3.782  1.00   35.62 ? 65   LYS A N   1 
ATOM   378  C CA  . LYS A 1 65  ? -13.026 -9.650  -3.083  1.00   29.97 ? 65   LYS A CA  1 
ATOM   379  C C   . LYS A 1 65  ? -11.538 -9.887  -2.843  1.00   28.13 ? 65   LYS A C   1 
ATOM   380  O O   . LYS A 1 65  ? -11.113 -10.983 -2.446  1.00   28.04 ? 65   LYS A O   1 
ATOM   381  C CB  . LYS A 1 65  ? -13.776 -9.442  -1.775  1.00   33.86 ? 65   LYS A CB  1 
ATOM   382  C CG  . LYS A 1 65  ? -15.253 -9.112  -1.873  1.00   30.41 ? 65   LYS A CG  1 
ATOM   383  C CD  . LYS A 1 65  ? -15.740 -8.508  -0.549  1.00   34.62 ? 65   LYS A CD  1 
ATOM   384  C CE  . LYS A 1 65  ? -17.261 -8.554  -0.481  1.00   44.87 ? 65   LYS A CE  1 
ATOM   385  N NZ  . LYS A 1 65  ? -17.788 -9.701  0.331   1.00   48.15 ? 65   LYS A NZ  1 
ATOM   386  N N   . ILE A 1 66  ? -10.734 -8.879  -3.129  1.00   26.52 ? 66   ILE A N   1 
ATOM   387  C CA  . ILE A 1 66  ? -9.317  -8.826  -2.791  1.00   25.58 ? 66   ILE A CA  1 
ATOM   388  C C   . ILE A 1 66  ? -9.203  -8.876  -1.236  1.00   23.43 ? 66   ILE A C   1 
ATOM   389  O O   . ILE A 1 66  ? -9.895  -8.170  -0.547  1.00   21.59 ? 66   ILE A O   1 
ATOM   390  C CB  . ILE A 1 66  ? -8.637  -7.505  -3.189  1.00   28.52 ? 66   ILE A CB  1 
ATOM   391  C CG1 . ILE A 1 66  ? -8.671  -7.217  -4.693  1.00   35.83 ? 66   ILE A CG1 1 
ATOM   392  C CG2 . ILE A 1 66  ? -7.175  -7.498  -2.718  1.00   21.14 ? 66   ILE A CG2 1 
ATOM   393  C CD1 . ILE A 1 66  ? -7.647  -8.030  -5.463  1.00   34.47 ? 66   ILE A CD1 1 
ATOM   394  N N   . TYR A 1 67  ? -8.331  -9.739  -0.727  1.00   20.91 ? 67   TYR A N   1 
ATOM   395  C CA  . TYR A 1 67  ? -8.125  -9.868  0.686   1.00   27.16 ? 67   TYR A CA  1 
ATOM   396  C C   . TYR A 1 67  ? -6.659  -9.938  1.094   1.00   23.76 ? 67   TYR A C   1 
ATOM   397  O O   . TYR A 1 67  ? -5.803  -10.378 0.347   1.00   24.71 ? 67   TYR A O   1 
ATOM   398  C CB  A TYR A 1 67  ? -8.960  -10.865 1.399   0.67   26.53 ? 67   TYR A CB  1 
ATOM   399  C CB  B TYR A 1 67  ? -8.726  -11.273 1.180   0.33   27.46 ? 67   TYR A CB  1 
ATOM   400  C CG  A TYR A 1 67  ? -8.638  -12.312 1.265   0.67   30.48 ? 67   TYR A CG  1 
ATOM   401  C CG  B TYR A 1 67  ? -7.970  -12.468 0.628   0.33   31.13 ? 67   TYR A CG  1 
ATOM   402  C CD1 A TYR A 1 67  ? -9.048  -13.045 0.158   0.67   33.16 ? 67   TYR A CD1 1 
ATOM   403  C CD1 B TYR A 1 67  ? -6.799  -12.912 1.238   0.33   32.85 ? 67   TYR A CD1 1 
ATOM   404  C CD2 A TYR A 1 67  ? -7.941  -12.947 2.281   0.67   33.94 ? 67   TYR A CD2 1 
ATOM   405  C CD2 B TYR A 1 67  ? -8.371  -13.211 -0.465  0.33   32.18 ? 67   TYR A CD2 1 
ATOM   406  C CE1 A TYR A 1 67  ? -8.762  -14.391 0.067   0.67   34.73 ? 67   TYR A CE1 1 
ATOM   407  C CE1 B TYR A 1 67  ? -6.044  -13.955 0.763   0.33   34.57 ? 67   TYR A CE1 1 
ATOM   408  C CE2 A TYR A 1 67  ? -7.653  -14.299 2.190   0.67   33.15 ? 67   TYR A CE2 1 
ATOM   409  C CE2 B TYR A 1 67  ? -7.631  -14.263 -0.975  0.33   34.15 ? 67   TYR A CE2 1 
ATOM   410  C CZ  A TYR A 1 67  ? -8.067  -15.004 1.085   0.67   34.72 ? 67   TYR A CZ  1 
ATOM   411  C CZ  B TYR A 1 67  ? -6.470  -14.642 -0.350  0.33   35.87 ? 67   TYR A CZ  1 
ATOM   412  O OH  A TYR A 1 67  ? -7.745  -16.340 1.058   0.67   36.99 ? 67   TYR A OH  1 
ATOM   413  O OH  B TYR A 1 67  ? -5.747  -15.689 -0.876  0.33   36.82 ? 67   TYR A OH  1 
ATOM   414  N N   . VAL A 1 68  ? -6.494  -9.643  2.373   1.00   20.72 ? 68   VAL A N   1 
ATOM   415  C CA  . VAL A 1 68  ? -5.177  -9.851  3.017   1.00   17.69 ? 68   VAL A CA  1 
ATOM   416  C C   . VAL A 1 68  ? -5.409  -10.825 4.154   1.00   18.09 ? 68   VAL A C   1 
ATOM   417  O O   . VAL A 1 68  ? -6.209  -10.512 5.063   1.00   18.71 ? 68   VAL A O   1 
ATOM   418  C CB  . VAL A 1 68  ? -4.600  -8.529  3.553   1.00   17.82 ? 68   VAL A CB  1 
ATOM   419  C CG1 . VAL A 1 68  ? -3.268  -8.762  4.241   1.00   19.94 ? 68   VAL A CG1 1 
ATOM   420  C CG2 . VAL A 1 68  ? -4.397  -7.537  2.398   1.00   16.67 ? 68   VAL A CG2 1 
ATOM   421  N N   . ARG A 1 69  ? -4.713  -11.951 4.179   1.00   20.08 ? 69   ARG A N   1 
ATOM   422  C CA  . ARG A 1 69  ? -4.875  -12.905 5.273   1.00   25.37 ? 69   ARG A CA  1 
ATOM   423  C C   . ARG A 1 69  ? -4.484  -12.324 6.641   1.00   26.53 ? 69   ARG A C   1 
ATOM   424  O O   . ARG A 1 69  ? -3.561  -11.511 6.765   1.00   21.14 ? 69   ARG A O   1 
ATOM   425  C CB  . ARG A 1 69  ? -3.991  -14.158 5.096   1.00   24.48 ? 69   ARG A CB  1 
ATOM   426  C CG  . ARG A 1 69  ? -4.139  -14.838 3.745   1.00   36.80 ? 69   ARG A CG  1 
ATOM   427  C CD  . ARG A 1 69  ? -3.475  -16.213 3.726   1.00   42.70 ? 69   ARG A CD  1 
ATOM   428  N NE  . ARG A 1 69  ? -4.430  -17.277 4.081   1.00   54.78 ? 69   ARG A NE  1 
ATOM   429  C CZ  . ARG A 1 69  ? -5.410  -17.728 3.298   1.00   54.71 ? 69   ARG A CZ  1 
ATOM   430  N NH1 . ARG A 1 69  ? -5.601  -17.237 2.077   1.00   58.57 ? 69   ARG A NH1 1 
ATOM   431  N NH2 . ARG A 1 69  ? -6.240  -18.691 3.686   1.00   58.38 ? 69   ARG A NH2 1 
ATOM   432  N N   . ARG A 1 70  ? -5.131  -12.852 7.672   1.00   22.72 ? 70   ARG A N   1 
ATOM   433  C CA  . ARG A 1 70  ? -4.956  -12.476 9.045   1.00   22.02 ? 70   ARG A CA  1 
ATOM   434  C C   . ARG A 1 70  ? -3.509  -12.210 9.457   1.00   22.91 ? 70   ARG A C   1 
ATOM   435  O O   . ARG A 1 70  ? -3.185  -11.123 9.922   1.00   18.40 ? 70   ARG A O   1 
ATOM   436  C CB  . ARG A 1 70  ? -5.478  -13.613 9.957   1.00   18.80 ? 70   ARG A CB  1 
ATOM   437  C CG  . ARG A 1 70  ? -5.425  -13.315 11.459  1.00   19.83 ? 70   ARG A CG  1 
ATOM   438  C CD  . ARG A 1 70  ? -5.862  -14.557 12.255  1.00   24.11 ? 70   ARG A CD  1 
ATOM   439  N NE  . ARG A 1 70  ? -7.109  -15.159 11.837  1.00   21.10 ? 70   ARG A NE  1 
ATOM   440  C CZ  . ARG A 1 70  ? -7.386  -16.312 11.231  1.00   27.16 ? 70   ARG A CZ  1 
ATOM   441  N NH1 . ARG A 1 70  ? -6.454  -17.192 10.881  1.00   20.13 ? 70   ARG A NH1 1 
ATOM   442  N NH2 . ARG A 1 70  ? -8.668  -16.625 10.958  1.00   21.50 ? 70   ARG A NH2 1 
ATOM   443  N N   . GLU A 1 71  ? -2.663  -13.235 9.448   1.00   22.40 ? 71   GLU A N   1 
ATOM   444  C CA  . GLU A 1 71  ? -1.314  -13.063 9.958   1.00   27.56 ? 71   GLU A CA  1 
ATOM   445  C C   . GLU A 1 71  ? -0.494  -12.076 9.138   1.00   27.69 ? 71   GLU A C   1 
ATOM   446  O O   . GLU A 1 71  ? 0.345   -11.393 9.713   1.00   23.53 ? 71   GLU A O   1 
ATOM   447  C CB  . GLU A 1 71  ? -0.633  -14.395 10.178  1.00   29.69 ? 71   GLU A CB  1 
ATOM   448  C CG  . GLU A 1 71  ? -0.279  -15.404 9.153   1.00   38.66 ? 71   GLU A CG  1 
ATOM   449  C CD  . GLU A 1 71  ? 0.402   -16.619 9.796   1.00   48.26 ? 71   GLU A CD  1 
ATOM   450  O OE1 . GLU A 1 71  ? -0.286  -17.579 10.210  1.00   43.00 ? 71   GLU A OE1 1 
ATOM   451  O OE2 . GLU A 1 71  ? 1.653   -16.587 9.919   1.00   45.29 ? 71   GLU A OE2 1 
ATOM   452  N N   . GLN A 1 72  ? -0.675  -12.023 7.825   1.00   22.21 ? 72   GLN A N   1 
ATOM   453  C CA  . GLN A 1 72  ? 0.029   -11.041 7.017   1.00   25.06 ? 72   GLN A CA  1 
ATOM   454  C C   . GLN A 1 72  ? -0.457  -9.630  7.327   1.00   21.89 ? 72   GLN A C   1 
ATOM   455  O O   . GLN A 1 72  ? 0.316   -8.690  7.597   1.00   18.16 ? 72   GLN A O   1 
ATOM   456  C CB  . GLN A 1 72  ? -0.239  -11.398 5.535   1.00   27.91 ? 72   GLN A CB  1 
ATOM   457  C CG  . GLN A 1 72  ? 0.438   -10.498 4.541   1.00   41.46 ? 72   GLN A CG  1 
ATOM   458  C CD  . GLN A 1 72  ? 1.648   -11.110 3.862   1.00   52.12 ? 72   GLN A CD  1 
ATOM   459  O OE1 . GLN A 1 72  ? 2.771   -11.048 4.368   1.00   52.65 ? 72   GLN A OE1 1 
ATOM   460  N NE2 . GLN A 1 72  ? 1.424   -11.698 2.688   1.00   52.61 ? 72   GLN A NE2 1 
ATOM   461  N N   . ALA A 1 73  ? -1.782  -9.480  7.403   1.00   20.84 ? 73   ALA A N   1 
ATOM   462  C CA  . ALA A 1 73  ? -2.384  -8.176  7.682   1.00   24.62 ? 73   ALA A CA  1 
ATOM   463  C C   . ALA A 1 73  ? -1.903  -7.619  9.022   1.00   25.28 ? 73   ALA A C   1 
ATOM   464  O O   . ALA A 1 73  ? -1.619  -6.443  9.204   1.00   28.72 ? 73   ALA A O   1 
ATOM   465  C CB  . ALA A 1 73  ? -3.916  -8.274  7.768   1.00   24.07 ? 73   ALA A CB  1 
ATOM   466  N N   . GLU A 1 74  ? -1.852  -8.487  10.010  1.00   26.09 ? 74   GLU A N   1 
ATOM   467  C CA  . GLU A 1 74  ? -1.426  -8.090  11.348  1.00   28.20 ? 74   GLU A CA  1 
ATOM   468  C C   . GLU A 1 74  ? 0.062   -7.771  11.387  1.00   27.02 ? 74   GLU A C   1 
ATOM   469  O O   . GLU A 1 74  ? 0.413   -6.793  12.058  1.00   28.51 ? 74   GLU A O   1 
ATOM   470  C CB  . GLU A 1 74  ? -1.887  -9.186  12.297  1.00   29.05 ? 74   GLU A CB  1 
ATOM   471  C CG  . GLU A 1 74  ? -3.393  -8.866  12.569  1.00   41.11 ? 74   GLU A CG  1 
ATOM   472  C CD  . GLU A 1 74  ? -3.963  -9.869  13.546  1.00   39.25 ? 74   GLU A CD  1 
ATOM   473  O OE1 . GLU A 1 74  ? -3.128  -10.636 14.062  1.00   47.18 ? 74   GLU A OE1 1 
ATOM   474  O OE2 . GLU A 1 74  ? -5.178  -9.975  13.772  1.00   33.80 ? 74   GLU A OE2 1 
ATOM   475  N N   . GLY A 1 75  ? 0.874   -8.529  10.665  1.00   20.38 ? 75   GLY A N   1 
ATOM   476  C CA  . GLY A 1 75  ? 2.304   -8.240  10.581  1.00   22.28 ? 75   GLY A CA  1 
ATOM   477  C C   . GLY A 1 75  ? 2.503   -6.867  9.926   1.00   20.14 ? 75   GLY A C   1 
ATOM   478  O O   . GLY A 1 75  ? 3.212   -6.020  10.502  1.00   19.22 ? 75   GLY A O   1 
ATOM   479  N N   . ILE A 1 76  ? 1.834   -6.585  8.811   1.00   14.80 ? 76   ILE A N   1 
ATOM   480  C CA  . ILE A 1 76  ? 2.096   -5.296  8.134   1.00   16.88 ? 76   ILE A CA  1 
ATOM   481  C C   . ILE A 1 76  ? 1.436   -4.137  8.861   1.00   19.27 ? 76   ILE A C   1 
ATOM   482  O O   . ILE A 1 76  ? 1.954   -3.023  8.786   1.00   19.88 ? 76   ILE A O   1 
ATOM   483  C CB  . ILE A 1 76  ? 1.724   -5.296  6.647   1.00   18.75 ? 76   ILE A CB  1 
ATOM   484  C CG1 . ILE A 1 76  ? 0.239   -5.546  6.425   1.00   23.19 ? 76   ILE A CG1 1 
ATOM   485  C CG2 . ILE A 1 76  ? 2.615   -6.341  5.927   1.00   19.43 ? 76   ILE A CG2 1 
ATOM   486  C CD1 . ILE A 1 76  ? -0.186  -5.624  4.930   1.00   19.11 ? 76   ILE A CD1 1 
ATOM   487  N N   . ILE A 1 77  ? 0.304   -4.334  9.526   1.00   15.76 ? 77   ILE A N   1 
ATOM   488  C CA  . ILE A 1 77  ? -0.302  -3.271  10.318  1.00   20.50 ? 77   ILE A CA  1 
ATOM   489  C C   . ILE A 1 77  ? 0.629   -2.897  11.491  1.00   20.40 ? 77   ILE A C   1 
ATOM   490  O O   . ILE A 1 77  ? 0.734   -1.718  11.831  1.00   20.81 ? 77   ILE A O   1 
ATOM   491  C CB  . ILE A 1 77  ? -1.644  -3.735  10.910  1.00   19.43 ? 77   ILE A CB  1 
ATOM   492  C CG1 . ILE A 1 77  ? -2.698  -3.724  9.785   1.00   25.16 ? 77   ILE A CG1 1 
ATOM   493  C CG2 . ILE A 1 77  ? -2.114  -2.892  12.087  1.00   19.66 ? 77   ILE A CG2 1 
ATOM   494  C CD1 . ILE A 1 77  ? -3.966  -4.457  10.198  1.00   24.62 ? 77   ILE A CD1 1 
ATOM   495  N N   . GLU A 1 78  ? 1.253   -3.886  12.120  1.00   17.68 ? 78   GLU A N   1 
ATOM   496  C CA  . GLU A 1 78  ? 2.198   -3.653  13.212  1.00   20.29 ? 78   GLU A CA  1 
ATOM   497  C C   . GLU A 1 78  ? 3.459   -2.979  12.666  1.00   21.08 ? 78   GLU A C   1 
ATOM   498  O O   . GLU A 1 78  ? 4.016   -2.070  13.296  1.00   20.63 ? 78   GLU A O   1 
ATOM   499  C CB  . GLU A 1 78  ? 2.448   -4.952  13.964  1.00   20.03 ? 78   GLU A CB  1 
ATOM   500  C CG  . GLU A 1 78  ? 3.419   -4.927  15.125  1.00   32.27 ? 78   GLU A CG  1 
ATOM   501  C CD  . GLU A 1 78  ? 3.107   -3.957  16.255  1.00   34.14 ? 78   GLU A CD  1 
ATOM   502  O OE1 . GLU A 1 78  ? 1.990   -3.402  16.373  1.00   32.64 ? 78   GLU A OE1 1 
ATOM   503  O OE2 . GLU A 1 78  ? 3.996   -3.705  17.107  1.00   35.10 ? 78   GLU A OE2 1 
ATOM   504  N N   . PHE A 1 79  ? 3.941   -3.329  11.481  1.00   17.55 ? 79   PHE A N   1 
ATOM   505  C CA  . PHE A 1 79  ? 5.116   -2.654  10.891  1.00   21.15 ? 79   PHE A CA  1 
ATOM   506  C C   . PHE A 1 79  ? 4.768   -1.189  10.627  1.00   20.96 ? 79   PHE A C   1 
ATOM   507  O O   . PHE A 1 79  ? 5.491   -0.232  10.951  1.00   18.89 ? 79   PHE A O   1 
ATOM   508  C CB  . PHE A 1 79  ? 5.571   -3.399  9.638   1.00   21.99 ? 79   PHE A CB  1 
ATOM   509  C CG  . PHE A 1 79  ? 6.847   -2.931  9.030   1.00   18.38 ? 79   PHE A CG  1 
ATOM   510  C CD1 . PHE A 1 79  ? 6.900   -1.724  8.348   1.00   17.67 ? 79   PHE A CD1 1 
ATOM   511  C CD2 . PHE A 1 79  ? 7.999   -3.670  9.140   1.00   23.60 ? 79   PHE A CD2 1 
ATOM   512  C CE1 . PHE A 1 79  ? 8.071   -1.277  7.772   1.00   19.05 ? 79   PHE A CE1 1 
ATOM   513  C CE2 . PHE A 1 79  ? 9.197   -3.240  8.577   1.00   24.15 ? 79   PHE A CE2 1 
ATOM   514  C CZ  . PHE A 1 79  ? 9.224   -2.030  7.893   1.00   21.04 ? 79   PHE A CZ  1 
ATOM   515  N N   . ALA A 1 80  ? 3.561   -0.925  10.140  1.00   16.90 ? 80   ALA A N   1 
ATOM   516  C CA  . ALA A 1 80  ? 3.090   0.442   9.928   1.00   18.55 ? 80   ALA A CA  1 
ATOM   517  C C   . ALA A 1 80  ? 2.933   1.179   11.259  1.00   19.23 ? 80   ALA A C   1 
ATOM   518  O O   . ALA A 1 80  ? 3.294   2.374   11.322  1.00   17.81 ? 80   ALA A O   1 
ATOM   519  C CB  . ALA A 1 80  ? 1.740   0.466   9.182   1.00   12.31 ? 80   ALA A CB  1 
ATOM   520  N N   . ARG A 1 81  ? 2.375   0.552   12.296  1.00   19.16 ? 81   ARG A N   1 
ATOM   521  C CA  . ARG A 1 81  ? 2.201   1.217   13.580  1.00   17.30 ? 81   ARG A CA  1 
ATOM   522  C C   . ARG A 1 81  ? 3.578   1.581   14.173  1.00   17.53 ? 81   ARG A C   1 
ATOM   523  O O   . ARG A 1 81  ? 3.729   2.707   14.643  1.00   17.07 ? 81   ARG A O   1 
ATOM   524  C CB  A ARG A 1 81  ? 1.457   0.374   14.640  0.50   19.01 ? 81   ARG A CB  1 
ATOM   525  C CB  B ARG A 1 81  ? 1.376   0.438   14.614  0.50   19.50 ? 81   ARG A CB  1 
ATOM   526  C CG  A ARG A 1 81  ? 1.412   1.048   16.012  0.50   19.03 ? 81   ARG A CG  1 
ATOM   527  C CG  B ARG A 1 81  ? 1.253   1.117   15.978  0.50   20.42 ? 81   ARG A CG  1 
ATOM   528  C CD  A ARG A 1 81  ? 0.838   0.195   17.150  0.50   23.16 ? 81   ARG A CD  1 
ATOM   529  C CD  B ARG A 1 81  ? 0.336   0.391   16.984  0.50   24.75 ? 81   ARG A CD  1 
ATOM   530  N NE  A ARG A 1 81  ? 1.776   -0.874  17.505  0.50   21.99 ? 81   ARG A NE  1 
ATOM   531  N NE  B ARG A 1 81  ? 0.159   -0.978  16.598  0.50   26.32 ? 81   ARG A NE  1 
ATOM   532  C CZ  A ARG A 1 81  ? 2.919   -0.654  18.159  0.50   25.21 ? 81   ARG A CZ  1 
ATOM   533  C CZ  B ARG A 1 81  ? -0.692  -1.823  16.084  0.50   26.30 ? 81   ARG A CZ  1 
ATOM   534  N NH1 A ARG A 1 81  ? 3.234   0.575   18.547  0.50   26.89 ? 81   ARG A NH1 1 
ATOM   535  N NH1 B ARG A 1 81  ? -1.958  -1.555  15.771  0.50   18.95 ? 81   ARG A NH1 1 
ATOM   536  N NH2 A ARG A 1 81  ? 3.778   -1.624  18.455  0.50   18.60 ? 81   ARG A NH2 1 
ATOM   537  N NH2 B ARG A 1 81  ? -0.331  -3.100  15.831  0.50   15.35 ? 81   ARG A NH2 1 
ATOM   538  N N   . LYS A 1 82  ? 4.540   0.682   14.219  1.00   16.82 ? 82   LYS A N   1 
ATOM   539  C CA  . LYS A 1 82  ? 5.849   1.085   14.766  1.00   21.35 ? 82   LYS A CA  1 
ATOM   540  C C   . LYS A 1 82  ? 6.639   2.101   13.954  1.00   21.77 ? 82   LYS A C   1 
ATOM   541  O O   . LYS A 1 82  ? 7.284   2.967   14.550  1.00   20.51 ? 82   LYS A O   1 
ATOM   542  C CB  . LYS A 1 82  ? 6.745   -0.162  14.847  1.00   21.59 ? 82   LYS A CB  1 
ATOM   543  C CG  . LYS A 1 82  ? 6.075   -1.171  15.762  1.00   26.28 ? 82   LYS A CG  1 
ATOM   544  C CD  . LYS A 1 82  ? 7.225   -1.889  16.432  1.00   32.51 ? 82   LYS A CD  1 
ATOM   545  C CE  . LYS A 1 82  ? 7.577   -3.140  15.682  1.00   45.20 ? 82   LYS A CE  1 
ATOM   546  N NZ  . LYS A 1 82  ? 6.798   -4.303  16.224  1.00   47.58 ? 82   LYS A NZ  1 
ATOM   547  N N   . SER A 1 83  ? 6.602   1.992   12.617  1.00   18.25 ? 83   SER A N   1 
ATOM   548  C CA  . SER A 1 83  ? 7.324   2.896   11.754  1.00   18.92 ? 83   SER A CA  1 
ATOM   549  C C   . SER A 1 83  ? 6.706   4.292   11.725  1.00   20.88 ? 83   SER A C   1 
ATOM   550  O O   . SER A 1 83  ? 7.391   5.249   11.367  1.00   21.13 ? 83   SER A O   1 
ATOM   551  C CB  . SER A 1 83  ? 7.383   2.404   10.291  1.00   18.55 ? 83   SER A CB  1 
ATOM   552  O OG  . SER A 1 83  ? 6.090   2.229   9.713   1.00   19.79 ? 83   SER A OG  1 
ATOM   553  N N   . GLY A 1 84  ? 5.395   4.367   11.949  1.00   18.91 ? 84   GLY A N   1 
ATOM   554  C CA  . GLY A 1 84  ? 4.644   5.596   11.761  1.00   18.97 ? 84   GLY A CA  1 
ATOM   555  C C   . GLY A 1 84  ? 4.381   5.840   10.260  1.00   19.40 ? 84   GLY A C   1 
ATOM   556  O O   . GLY A 1 84  ? 3.958   6.938   9.916   1.00   23.93 ? 84   GLY A O   1 
ATOM   557  N N   . GLY A 1 85  ? 4.523   4.856   9.401   1.00   19.39 ? 85   GLY A N   1 
ATOM   558  C CA  . GLY A 1 85  ? 4.329   4.926   7.971   1.00   20.79 ? 85   GLY A CA  1 
ATOM   559  C C   . GLY A 1 85  ? 2.866   4.705   7.587   1.00   22.75 ? 85   GLY A C   1 
ATOM   560  O O   . GLY A 1 85  ? 2.112   4.140   8.376   1.00   22.73 ? 85   GLY A O   1 
ATOM   561  N N   . SER A 1 86  ? 2.438   5.303   6.489   1.00   21.70 ? 86   SER A N   1 
ATOM   562  C CA  . SER A 1 86  ? 1.067   5.139   6.004   1.00   23.53 ? 86   SER A CA  1 
ATOM   563  C C   . SER A 1 86  ? 1.047   3.873   5.158   1.00   19.72 ? 86   SER A C   1 
ATOM   564  O O   . SER A 1 86  ? 1.857   3.737   4.233   1.00   20.54 ? 86   SER A O   1 
ATOM   565  C CB  . SER A 1 86  ? 0.623   6.367   5.189   1.00   20.32 ? 86   SER A CB  1 
ATOM   566  O OG  . SER A 1 86  ? 0.702   7.502   6.052   1.00   24.30 ? 86   SER A OG  1 
ATOM   567  N N   . LEU A 1 87  ? 0.129   2.985   5.441   1.00   16.72 ? 87   LEU A N   1 
ATOM   568  C CA  . LEU A 1 87  ? 0.017   1.696   4.765   1.00   18.12 ? 87   LEU A CA  1 
ATOM   569  C C   . LEU A 1 87  ? -1.109  1.652   3.733   1.00   21.02 ? 87   LEU A C   1 
ATOM   570  O O   . LEU A 1 87  ? -2.195  2.199   3.906   1.00   20.86 ? 87   LEU A O   1 
ATOM   571  C CB  . LEU A 1 87  ? -0.260  0.616   5.823   1.00   15.50 ? 87   LEU A CB  1 
ATOM   572  C CG  . LEU A 1 87  ? -0.434  -0.843  5.358   1.00   18.76 ? 87   LEU A CG  1 
ATOM   573  C CD1 . LEU A 1 87  ? 0.821   -1.391  4.725   1.00   16.90 ? 87   LEU A CD1 1 
ATOM   574  C CD2 . LEU A 1 87  ? -0.825  -1.716  6.561   1.00   18.22 ? 87   LEU A CD2 1 
ATOM   575  N N   . PHE A 1 88  ? -0.824  1.026   2.593   1.00   19.13 ? 88   PHE A N   1 
ATOM   576  C CA  . PHE A 1 88  ? -1.755  0.960   1.491   1.00   19.74 ? 88   PHE A CA  1 
ATOM   577  C C   . PHE A 1 88  ? -1.716  -0.423  0.871   1.00   20.33 ? 88   PHE A C   1 
ATOM   578  O O   . PHE A 1 88  ? -0.677  -1.071  0.804   1.00   19.59 ? 88   PHE A O   1 
ATOM   579  C CB  . PHE A 1 88  ? -1.407  1.911   0.298   1.00   16.14 ? 88   PHE A CB  1 
ATOM   580  C CG  . PHE A 1 88  ? -1.441  3.346   0.737   1.00   23.35 ? 88   PHE A CG  1 
ATOM   581  C CD1 . PHE A 1 88  ? -0.318  3.890   1.359   1.00   16.86 ? 88   PHE A CD1 1 
ATOM   582  C CD2 . PHE A 1 88  ? -2.556  4.128   0.579   1.00   20.03 ? 88   PHE A CD2 1 
ATOM   583  C CE1 . PHE A 1 88  ? -0.329  5.183   1.813   1.00   17.26 ? 88   PHE A CE1 1 
ATOM   584  C CE2 . PHE A 1 88  ? -2.582  5.428   1.031   1.00   18.52 ? 88   PHE A CE2 1 
ATOM   585  C CZ  . PHE A 1 88  ? -1.463  5.972   1.654   1.00   22.13 ? 88   PHE A CZ  1 
ATOM   586  N N   . LEU A 1 89  ? -2.901  -0.836  0.408   1.00   21.95 ? 89   LEU A N   1 
ATOM   587  C CA  . LEU A 1 89  ? -2.979  -2.071  -0.376  1.00   24.51 ? 89   LEU A CA  1 
ATOM   588  C C   . LEU A 1 89  ? -2.922  -1.677  -1.865  1.00   26.30 ? 89   LEU A C   1 
ATOM   589  O O   . LEU A 1 89  ? -3.773  -0.905  -2.306  1.00   26.08 ? 89   LEU A O   1 
ATOM   590  C CB  . LEU A 1 89  ? -4.330  -2.753  -0.103  1.00   22.48 ? 89   LEU A CB  1 
ATOM   591  C CG  . LEU A 1 89  ? -4.565  -3.984  -0.994  1.00   29.98 ? 89   LEU A CG  1 
ATOM   592  C CD1 . LEU A 1 89  ? -3.608  -5.086  -0.584  1.00   19.11 ? 89   LEU A CD1 1 
ATOM   593  C CD2 . LEU A 1 89  ? -6.017  -4.443  -0.922  1.00   29.54 ? 89   LEU A CD2 1 
ATOM   594  N N   . GLY A 1 90  ? -2.010  -2.177  -2.685  1.00   28.25 ? 90   GLY A N   1 
ATOM   595  C CA  . GLY A 1 90  ? -2.053  -1.811  -4.102  1.00   31.83 ? 90   GLY A CA  1 
ATOM   596  C C   . GLY A 1 90  ? -2.748  -2.949  -4.865  1.00   33.51 ? 90   GLY A C   1 
ATOM   597  O O   . GLY A 1 90  ? -2.481  -4.113  -4.550  1.00   31.81 ? 90   GLY A O   1 
ATOM   598  N N   . VAL A 1 91  ? -3.657  -2.631  -5.769  1.00   34.35 ? 91   VAL A N   1 
ATOM   599  C CA  . VAL A 1 91  ? -4.335  -3.691  -6.521  1.00   39.32 ? 91   VAL A CA  1 
ATOM   600  C C   . VAL A 1 91  ? -4.108  -3.467  -8.020  1.00   45.39 ? 91   VAL A C   1 
ATOM   601  O O   . VAL A 1 91  ? -4.353  -2.367  -8.516  1.00   39.64 ? 91   VAL A O   1 
ATOM   602  C CB  . VAL A 1 91  ? -5.819  -3.777  -6.174  1.00   35.54 ? 91   VAL A CB  1 
ATOM   603  C CG1 . VAL A 1 91  ? -6.041  -4.069  -4.681  1.00   28.01 ? 91   VAL A CG1 1 
ATOM   604  C CG2 . VAL A 1 91  ? -6.601  -2.513  -6.464  1.00   41.15 ? 91   VAL A CG2 1 
ATOM   605  N N   . LYS A 1 92  ? -3.551  -4.475  -8.677  1.00   53.89 ? 92   LYS A N   1 
ATOM   606  C CA  . LYS A 1 92  ? -3.302  -4.404  -10.100 1.00   61.81 ? 92   LYS A CA  1 
ATOM   607  C C   . LYS A 1 92  ? -4.625  -4.653  -10.833 1.00   67.43 ? 92   LYS A C   1 
ATOM   608  O O   . LYS A 1 92  ? -5.240  -5.703  -10.626 1.00   67.01 ? 92   LYS A O   1 
ATOM   609  C CB  . LYS A 1 92  ? -2.279  -5.420  -10.589 1.00   67.03 ? 92   LYS A CB  1 
ATOM   610  C CG  . LYS A 1 92  ? -2.640  -6.168  -11.859 1.00   74.12 ? 92   LYS A CG  1 
ATOM   611  C CD  . LYS A 1 92  ? -1.661  -7.259  -12.187 1.00   74.68 ? 92   LYS A CD  1 
ATOM   612  C CE  . LYS A 1 92  ? -1.643  -8.475  -11.268 1.00   76.47 ? 92   LYS A CE  1 
ATOM   613  N NZ  . LYS A 1 92  ? -0.738  -9.531  -11.817 1.00   77.04 ? 92   LYS A NZ  1 
ATOM   614  N N   . LYS A 1 93  ? -4.906  -3.662  -11.680 1.00   72.14 ? 93   LYS A N   1 
ATOM   615  C CA  . LYS A 1 93  ? -6.073  -4.011  -12.478 1.00   77.53 ? 93   LYS A CA  1 
ATOM   616  C C   . LYS A 1 93  ? -5.724  -4.008  -13.941 1.00   79.75 ? 93   LYS A C   1 
ATOM   617  O O   . LYS A 1 93  ? -5.044  -3.090  -14.399 1.00   78.20 ? 93   LYS A O   1 
ATOM   618  C CB  . LYS A 1 93  ? -7.202  -2.989  -12.291 1.00   79.74 ? 93   LYS A CB  1 
ATOM   619  C CG  . LYS A 1 93  ? -7.816  -2.884  -10.913 1.00   82.60 ? 93   LYS A CG  1 
ATOM   620  C CD  . LYS A 1 93  ? -9.324  -2.717  -11.051 1.00   82.22 ? 93   LYS A CD  1 
ATOM   621  C CE  . LYS A 1 93  ? -9.932  -2.462  -9.687  1.00   82.01 ? 93   LYS A CE  1 
ATOM   622  N NZ  . LYS A 1 93  ? -11.351 -2.881  -9.557  1.00   84.73 ? 93   LYS A NZ  1 
ATOM   623  N N   . PRO A 1 94  ? -6.325  -4.916  -14.681 1.00   81.97 ? 94   PRO A N   1 
ATOM   624  C CA  . PRO A 1 94  ? -6.244  -4.891  -16.138 1.00   82.49 ? 94   PRO A CA  1 
ATOM   625  C C   . PRO A 1 94  ? -6.934  -3.582  -16.561 1.00   81.83 ? 94   PRO A C   1 
ATOM   626  O O   . PRO A 1 94  ? -8.084  -3.597  -17.014 1.00   83.81 ? 94   PRO A O   1 
ATOM   627  C CB  . PRO A 1 94  ? -7.000  -6.129  -16.652 1.00   83.25 ? 94   PRO A CB  1 
ATOM   628  C CG  . PRO A 1 94  ? -7.206  -6.957  -15.409 1.00   83.58 ? 94   PRO A CG  1 
ATOM   629  C CD  . PRO A 1 94  ? -7.167  -6.019  -14.210 1.00   83.28 ? 94   PRO A CD  1 
ATOM   630  N N   . GLY A 1 95  ? -6.307  -2.431  -16.418 1.00   80.17 ? 95   GLY A N   1 
ATOM   631  C CA  . GLY A 1 95  ? -6.895  -1.120  -16.616 1.00   77.56 ? 95   GLY A CA  1 
ATOM   632  C C   . GLY A 1 95  ? -5.920  -0.124  -15.976 1.00   76.87 ? 95   GLY A C   1 
ATOM   633  O O   . GLY A 1 95  ? -5.274  0.616   -16.716 1.00   78.32 ? 95   GLY A O   1 
ATOM   634  N N   . VAL A 1 96  ? -5.783  -0.191  -14.651 1.00   74.13 ? 96   VAL A N   1 
ATOM   635  C CA  . VAL A 1 96  ? -4.813  0.692   -13.987 1.00   70.28 ? 96   VAL A CA  1 
ATOM   636  C C   . VAL A 1 96  ? -4.439  0.113   -12.625 1.00   65.34 ? 96   VAL A C   1 
ATOM   637  O O   . VAL A 1 96  ? -4.826  -0.983  -12.215 1.00   64.78 ? 96   VAL A O   1 
ATOM   638  C CB  . VAL A 1 96  ? -5.286  2.150   -13.882 1.00   72.87 ? 96   VAL A CB  1 
ATOM   639  C CG1 . VAL A 1 96  ? -6.252  2.381   -12.732 1.00   73.98 ? 96   VAL A CG1 1 
ATOM   640  C CG2 . VAL A 1 96  ? -4.136  3.146   -13.796 1.00   73.73 ? 96   VAL A CG2 1 
ATOM   641  N N   . LEU A 1 97  ? -3.618  0.866   -11.915 1.00   59.90 ? 97   LEU A N   1 
ATOM   642  C CA  . LEU A 1 97  ? -3.138  0.512   -10.588 1.00   54.09 ? 97   LEU A CA  1 
ATOM   643  C C   . LEU A 1 97  ? -3.916  1.321   -9.567  1.00   48.90 ? 97   LEU A C   1 
ATOM   644  O O   . LEU A 1 97  ? -4.086  2.526   -9.781  1.00   48.56 ? 97   LEU A O   1 
ATOM   645  C CB  . LEU A 1 97  ? -1.654  0.828   -10.526 1.00   58.35 ? 97   LEU A CB  1 
ATOM   646  C CG  . LEU A 1 97  ? -0.698  0.075   -9.627  1.00   57.89 ? 97   LEU A CG  1 
ATOM   647  C CD1 . LEU A 1 97  ? -1.164  -1.321  -9.263  1.00   57.10 ? 97   LEU A CD1 1 
ATOM   648  C CD2 . LEU A 1 97  ? 0.659   -0.002  -10.336 1.00   58.03 ? 97   LEU A CD2 1 
ATOM   649  N N   . LYS A 1 98  ? -4.441  0.690   -8.524  1.00   43.37 ? 98   LYS A N   1 
ATOM   650  C CA  . LYS A 1 98  ? -5.168  1.409   -7.487  1.00   39.92 ? 98   LYS A CA  1 
ATOM   651  C C   . LYS A 1 98  ? -4.553  1.188   -6.100  1.00   38.05 ? 98   LYS A C   1 
ATOM   652  O O   . LYS A 1 98  ? -4.125  0.069   -5.788  1.00   36.16 ? 98   LYS A O   1 
ATOM   653  C CB  . LYS A 1 98  ? -6.653  1.029   -7.460  1.00   42.37 ? 98   LYS A CB  1 
ATOM   654  C CG  . LYS A 1 98  ? -7.484  1.725   -8.530  1.00   53.22 ? 98   LYS A CG  1 
ATOM   655  C CD  . LYS A 1 98  ? -7.236  3.232   -8.484  1.00   55.63 ? 98   LYS A CD  1 
ATOM   656  C CE  . LYS A 1 98  ? -7.497  3.909   -9.808  1.00   57.76 ? 98   LYS A CE  1 
ATOM   657  N NZ  . LYS A 1 98  ? -6.286  4.649   -10.248 1.00   62.43 ? 98   LYS A NZ  1 
ATOM   658  N N   . PHE A 1 99  ? -4.494  2.257   -5.284  1.00   31.96 ? 99   PHE A N   1 
ATOM   659  C CA  . PHE A 1 99  ? -3.912  2.083   -3.955  1.00   32.17 ? 99   PHE A CA  1 
ATOM   660  C C   . PHE A 1 99  ? -4.982  2.342   -2.906  1.00   29.00 ? 99   PHE A C   1 
ATOM   661  O O   . PHE A 1 99  ? -5.618  3.388   -2.874  1.00   30.17 ? 99   PHE A O   1 
ATOM   662  C CB  . PHE A 1 99  ? -2.657  2.947   -3.715  1.00   25.44 ? 99   PHE A CB  1 
ATOM   663  C CG  . PHE A 1 99  ? -1.561  2.580   -4.685  1.00   23.53 ? 99   PHE A CG  1 
ATOM   664  C CD1 . PHE A 1 99  ? -0.700  1.534   -4.418  1.00   22.29 ? 99   PHE A CD1 1 
ATOM   665  C CD2 . PHE A 1 99  ? -1.431  3.270   -5.881  1.00   24.23 ? 99   PHE A CD2 1 
ATOM   666  C CE1 . PHE A 1 99  ? 0.267   1.172   -5.323  1.00   23.96 ? 99   PHE A CE1 1 
ATOM   667  C CE2 . PHE A 1 99  ? -0.470  2.917   -6.804  1.00   20.97 ? 99   PHE A CE2 1 
ATOM   668  C CZ  . PHE A 1 99  ? 0.386   1.860   -6.539  1.00   21.25 ? 99   PHE A CZ  1 
ATOM   669  N N   . ILE A 1 100 ? -5.218  1.371   -2.036  1.00   27.74 ? 100  ILE A N   1 
ATOM   670  C CA  . ILE A 1 100 ? -6.231  1.596   -0.988  1.00   25.39 ? 100  ILE A CA  1 
ATOM   671  C C   . ILE A 1 100 ? -5.606  1.800   0.381   1.00   21.73 ? 100  ILE A C   1 
ATOM   672  O O   . ILE A 1 100 ? -4.909  0.918   0.867   1.00   25.08 ? 100  ILE A O   1 
ATOM   673  C CB  . ILE A 1 100 ? -7.191  0.371   -0.981  1.00   27.66 ? 100  ILE A CB  1 
ATOM   674  C CG1 . ILE A 1 100 ? -7.884  0.239   -2.361  1.00   30.56 ? 100  ILE A CG1 1 
ATOM   675  C CG2 . ILE A 1 100 ? -8.259  0.569   0.082   1.00   25.42 ? 100  ILE A CG2 1 
ATOM   676  C CD1 . ILE A 1 100 ? -8.289  -1.191  -2.675  1.00   34.89 ? 100  ILE A CD1 1 
ATOM   677  N N   . PRO A 1 101 ? -5.869  2.902   1.043   1.00   22.25 ? 101  PRO A N   1 
ATOM   678  C CA  . PRO A 1 101 ? -5.445  3.145   2.411   1.00   23.87 ? 101  PRO A CA  1 
ATOM   679  C C   . PRO A 1 101 ? -5.911  1.968   3.255   1.00   24.59 ? 101  PRO A C   1 
ATOM   680  O O   . PRO A 1 101 ? -7.079  1.568   3.176   1.00   24.86 ? 101  PRO A O   1 
ATOM   681  C CB  . PRO A 1 101 ? -6.056  4.473   2.872   1.00   25.08 ? 101  PRO A CB  1 
ATOM   682  C CG  . PRO A 1 101 ? -6.647  5.024   1.611   1.00   24.16 ? 101  PRO A CG  1 
ATOM   683  C CD  . PRO A 1 101 ? -6.746  3.967   0.538   1.00   22.49 ? 101  PRO A CD  1 
ATOM   684  N N   . PHE A 1 102 ? -4.989  1.278   3.940   1.00   22.71 ? 102  PHE A N   1 
ATOM   685  C CA  . PHE A 1 102 ? -5.306  0.055   4.669   1.00   21.19 ? 102  PHE A CA  1 
ATOM   686  C C   . PHE A 1 102 ? -6.491  0.193   5.612   1.00   22.58 ? 102  PHE A C   1 
ATOM   687  O O   . PHE A 1 102 ? -7.284  -0.755  5.740   1.00   19.93 ? 102  PHE A O   1 
ATOM   688  C CB  . PHE A 1 102 ? -4.072  -0.468  5.440   1.00   22.10 ? 102  PHE A CB  1 
ATOM   689  C CG  . PHE A 1 102 ? -4.106  -1.983  5.484   1.00   23.45 ? 102  PHE A CG  1 
ATOM   690  C CD1 . PHE A 1 102 ? -3.552  -2.715  4.448   1.00   23.78 ? 102  PHE A CD1 1 
ATOM   691  C CD2 . PHE A 1 102 ? -4.711  -2.632  6.542   1.00   22.97 ? 102  PHE A CD2 1 
ATOM   692  C CE1 . PHE A 1 102 ? -3.599  -4.092  4.488   1.00   23.11 ? 102  PHE A CE1 1 
ATOM   693  C CE2 . PHE A 1 102 ? -4.753  -4.017  6.578   1.00   25.03 ? 102  PHE A CE2 1 
ATOM   694  C CZ  . PHE A 1 102 ? -4.190  -4.748  5.541   1.00   21.84 ? 102  PHE A CZ  1 
ATOM   695  N N   . GLU A 1 103 ? -6.675  1.345   6.249   1.00   18.86 ? 103  GLU A N   1 
ATOM   696  C CA  . GLU A 1 103 ? -7.776  1.678   7.115   1.00   26.30 ? 103  GLU A CA  1 
ATOM   697  C C   . GLU A 1 103 ? -9.139  1.560   6.425   1.00   29.78 ? 103  GLU A C   1 
ATOM   698  O O   . GLU A 1 103 ? -10.150 1.402   7.099   1.00   28.33 ? 103  GLU A O   1 
ATOM   699  C CB  . GLU A 1 103 ? -7.624  3.129   7.652   1.00   31.18 ? 103  GLU A CB  1 
ATOM   700  C CG  . GLU A 1 103 ? -8.050  4.169   6.662   1.00   45.50 ? 103  GLU A CG  1 
ATOM   701  C CD  . GLU A 1 103 ? -7.485  5.525   6.413   1.00   55.87 ? 103  GLU A CD  1 
ATOM   702  O OE1 . GLU A 1 103 ? -6.298  5.848   6.643   1.00   57.23 ? 103  GLU A OE1 1 
ATOM   703  O OE2 . GLU A 1 103 ? -8.233  6.396   5.870   1.00   59.92 ? 103  GLU A OE2 1 
ATOM   704  N N   . LYS A 1 104 ? -9.243  1.598   5.099   1.00   29.24 ? 104  LYS A N   1 
ATOM   705  C CA  . LYS A 1 104 ? -10.484 1.383   4.387   1.00   28.57 ? 104  LYS A CA  1 
ATOM   706  C C   . LYS A 1 104 ? -10.780 -0.095  4.222   1.00   27.91 ? 104  LYS A C   1 
ATOM   707  O O   . LYS A 1 104 ? -11.884 -0.461  3.832   1.00   26.62 ? 104  LYS A O   1 
ATOM   708  C CB  . LYS A 1 104 ? -10.485 2.134   3.033   1.00   28.71 ? 104  LYS A CB  1 
ATOM   709  C CG  . LYS A 1 104 ? -10.662 3.641   3.271   1.00   35.10 ? 104  LYS A CG  1 
ATOM   710  C CD  . LYS A 1 104 ? -10.691 4.422   1.966   1.00   46.77 ? 104  LYS A CD  1 
ATOM   711  C CE  . LYS A 1 104 ? -11.166 5.856   2.182   1.00   51.25 ? 104  LYS A CE  1 
ATOM   712  N NZ  . LYS A 1 104 ? -11.367 6.556   0.878   1.00   51.95 ? 104  LYS A NZ  1 
ATOM   713  N N   . LEU A 1 105 ? -9.809  -0.986  4.451   1.00   28.73 ? 105  LEU A N   1 
ATOM   714  C CA  . LEU A 1 105 ? -10.131 -2.410  4.345   1.00   26.16 ? 105  LEU A CA  1 
ATOM   715  C C   . LEU A 1 105 ? -11.069 -2.784  5.508   1.00   29.31 ? 105  LEU A C   1 
ATOM   716  O O   . LEU A 1 105 ? -11.054 -2.055  6.490   1.00   29.25 ? 105  LEU A O   1 
ATOM   717  C CB  . LEU A 1 105 ? -8.892  -3.260  4.342   1.00   23.39 ? 105  LEU A CB  1 
ATOM   718  C CG  . LEU A 1 105 ? -7.899  -3.006  3.184   1.00   30.76 ? 105  LEU A CG  1 
ATOM   719  C CD1 . LEU A 1 105 ? -6.761  -4.001  3.289   1.00   24.49 ? 105  LEU A CD1 1 
ATOM   720  C CD2 . LEU A 1 105 ? -8.592  -3.119  1.841   1.00   36.13 ? 105  LEU A CD2 1 
ATOM   721  N N   . ARG A 1 106 ? -11.829 -3.865  5.388   1.00   25.99 ? 106  ARG A N   1 
ATOM   722  C CA  . ARG A 1 106 ? -12.746 -4.281  6.448   1.00   25.41 ? 106  ARG A CA  1 
ATOM   723  C C   . ARG A 1 106 ? -12.250 -5.578  7.096   1.00   23.49 ? 106  ARG A C   1 
ATOM   724  O O   . ARG A 1 106 ? -11.921 -6.517  6.384   1.00   19.92 ? 106  ARG A O   1 
ATOM   725  C CB  . ARG A 1 106 ? -14.129 -4.487  5.845   1.00   28.13 ? 106  ARG A CB  1 
ATOM   726  C CG  . ARG A 1 106 ? -15.306 -4.816  6.756   1.00   37.75 ? 106  ARG A CG  1 
ATOM   727  C CD  . ARG A 1 106 ? -16.518 -5.162  5.856   1.00   38.42 ? 106  ARG A CD  1 
ATOM   728  N NE  . ARG A 1 106 ? -16.704 -6.610  5.821   1.00   39.98 ? 106  ARG A NE  1 
ATOM   729  C CZ  . ARG A 1 106 ? -16.987 -7.372  4.783   1.00   46.54 ? 106  ARG A CZ  1 
ATOM   730  N NH1 . ARG A 1 106 ? -17.127 -6.813  3.585   1.00   48.69 ? 106  ARG A NH1 1 
ATOM   731  N NH2 . ARG A 1 106 ? -17.120 -8.688  4.949   1.00   50.71 ? 106  ARG A NH2 1 
ATOM   732  N N   . ARG A 1 107 ? -12.134 -5.576  8.423   1.00   19.17 ? 107  ARG A N   1 
ATOM   733  C CA  . ARG A 1 107 ? -11.766 -6.768  9.151   1.00   22.31 ? 107  ARG A CA  1 
ATOM   734  C C   . ARG A 1 107 ? -13.019 -7.668  9.120   1.00   24.17 ? 107  ARG A C   1 
ATOM   735  O O   . ARG A 1 107 ? -14.062 -7.195  9.541   1.00   20.68 ? 107  ARG A O   1 
ATOM   736  C CB  . ARG A 1 107 ? -11.420 -6.542  10.622  1.00   23.42 ? 107  ARG A CB  1 
ATOM   737  C CG  . ARG A 1 107 ? -11.356 -7.819  11.446  1.00   25.76 ? 107  ARG A CG  1 
ATOM   738  C CD  . ARG A 1 107 ? -11.258 -7.520  12.967  1.00   22.63 ? 107  ARG A CD  1 
ATOM   739  N NE  . ARG A 1 107 ? -11.298 -8.872  13.592  1.00   25.57 ? 107  ARG A NE  1 
ATOM   740  C CZ  . ARG A 1 107 ? -12.406 -9.536  13.876  1.00   23.70 ? 107  ARG A CZ  1 
ATOM   741  N NH1 . ARG A 1 107 ? -13.590 -8.986  13.658  1.00   22.37 ? 107  ARG A NH1 1 
ATOM   742  N NH2 . ARG A 1 107 ? -12.316 -10.782 14.351  1.00   20.98 ? 107  ARG A NH2 1 
ATOM   743  N N   . THR A 1 108 ? -12.883 -8.868  8.586   1.00   21.35 ? 108  THR A N   1 
ATOM   744  C CA  . THR A 1 108 ? -14.085 -9.709  8.542   1.00   24.56 ? 108  THR A CA  1 
ATOM   745  C C   . THR A 1 108 ? -14.243 -10.465 9.863   1.00   28.02 ? 108  THR A C   1 
ATOM   746  O O   . THR A 1 108 ? -13.354 -10.543 10.725  1.00   22.15 ? 108  THR A O   1 
ATOM   747  C CB  . THR A 1 108 ? -14.027 -10.727 7.401   1.00   18.07 ? 108  THR A CB  1 
ATOM   748  O OG1 . THR A 1 108 ? -12.949 -11.652 7.655   1.00   19.03 ? 108  THR A OG1 1 
ATOM   749  C CG2 . THR A 1 108 ? -13.810 -10.041 6.054   1.00   25.82 ? 108  THR A CG2 1 
ATOM   750  N N   . GLU A 1 109 ? -15.252 -11.342 9.823   1.00   28.19 ? 109  GLU A N   1 
ATOM   751  C CA  . GLU A 1 109 ? -15.567 -12.197 10.981  1.00   26.06 ? 109  GLU A CA  1 
ATOM   752  C C   . GLU A 1 109 ? -14.466 -13.157 11.321  1.00   22.48 ? 109  GLU A C   1 
ATOM   753  O O   . GLU A 1 109 ? -14.478 -13.769 12.409  1.00   23.86 ? 109  GLU A O   1 
ATOM   754  C CB  . GLU A 1 109 ? -16.924 -12.826 10.617  1.00   26.15 ? 109  GLU A CB  1 
ATOM   755  C CG  . GLU A 1 109 ? -16.984 -14.331 10.751  1.00   39.66 ? 109  GLU A CG  1 
ATOM   756  C CD  . GLU A 1 109 ? -18.414 -14.860 10.647  1.00   47.96 ? 109  GLU A CD  1 
ATOM   757  O OE1 . GLU A 1 109 ? -19.333 -14.011 10.656  1.00   47.06 ? 109  GLU A OE1 1 
ATOM   758  O OE2 . GLU A 1 109 ? -18.538 -16.105 10.565  1.00   46.77 ? 109  GLU A OE2 1 
ATOM   759  N N   . THR A 1 110 ? -13.641 -13.563 10.350  1.00   20.17 ? 110  THR A N   1 
ATOM   760  C CA  . THR A 1 110 ? -12.511 -14.443 10.569  1.00   17.74 ? 110  THR A CA  1 
ATOM   761  C C   . THR A 1 110 ? -11.207 -13.722 10.895  1.00   15.75 ? 110  THR A C   1 
ATOM   762  O O   . THR A 1 110 ? -10.180 -14.391 11.110  1.00   19.80 ? 110  THR A O   1 
ATOM   763  C CB  . THR A 1 110 ? -12.264 -15.294 9.284   1.00   26.50 ? 110  THR A CB  1 
ATOM   764  O OG1 . THR A 1 110 ? -11.794 -14.416 8.259   1.00   27.68 ? 110  THR A OG1 1 
ATOM   765  C CG2 . THR A 1 110 ? -13.576 -15.958 8.838   1.00   24.44 ? 110  THR A CG2 1 
ATOM   766  N N   . GLY A 1 111 ? -11.140 -12.400 11.004  1.00   18.29 ? 111  GLY A N   1 
ATOM   767  C CA  . GLY A 1 111 ? -9.842  -11.747 11.266  1.00   18.82 ? 111  GLY A CA  1 
ATOM   768  C C   . GLY A 1 111 ? -9.081  -11.479 9.973   1.00   22.86 ? 111  GLY A C   1 
ATOM   769  O O   . GLY A 1 111 ? -8.071  -10.788 10.029  1.00   21.95 ? 111  GLY A O   1 
ATOM   770  N N   . ASN A 1 112 ? -9.536  -11.941 8.795   1.00   22.46 ? 112  ASN A N   1 
ATOM   771  C CA  . ASN A 1 112 ? -8.895  -11.575 7.534   1.00   22.50 ? 112  ASN A CA  1 
ATOM   772  C C   . ASN A 1 112 ? -9.411  -10.202 7.122   1.00   20.09 ? 112  ASN A C   1 
ATOM   773  O O   . ASN A 1 112 ? -10.430 -9.795  7.676   1.00   21.09 ? 112  ASN A O   1 
ATOM   774  C CB  . ASN A 1 112 ? -9.257  -12.593 6.429   1.00   20.37 ? 112  ASN A CB  1 
ATOM   775  C CG  . ASN A 1 112 ? -8.662  -13.946 6.740   1.00   23.13 ? 112  ASN A CG  1 
ATOM   776  O OD1 . ASN A 1 112 ? -7.456  -14.137 6.697   1.00   25.38 ? 112  ASN A OD1 1 
ATOM   777  N ND2 . ASN A 1 112 ? -9.428  -14.982 7.051   1.00   26.34 ? 112  ASN A ND2 1 
ATOM   778  N N   . TYR A 1 113 ? -8.751  -9.499  6.225   1.00   19.24 ? 113  TYR A N   1 
ATOM   779  C CA  . TYR A 1 113 ? -9.124  -8.169  5.792   1.00   21.40 ? 113  TYR A CA  1 
ATOM   780  C C   . TYR A 1 113 ? -9.532  -8.149  4.308   1.00   25.03 ? 113  TYR A C   1 
ATOM   781  O O   . TYR A 1 113 ? -8.833  -8.823  3.539   1.00   24.70 ? 113  TYR A O   1 
ATOM   782  C CB  . TYR A 1 113 ? -7.891  -7.237  5.948   1.00   20.38 ? 113  TYR A CB  1 
ATOM   783  C CG  . TYR A 1 113 ? -7.822  -6.731  7.377   1.00   23.44 ? 113  TYR A CG  1 
ATOM   784  C CD1 . TYR A 1 113 ? -7.263  -7.552  8.351   1.00   20.89 ? 113  TYR A CD1 1 
ATOM   785  C CD2 . TYR A 1 113 ? -8.331  -5.495  7.734   1.00   23.79 ? 113  TYR A CD2 1 
ATOM   786  C CE1 . TYR A 1 113 ? -7.185  -7.128  9.665   1.00   24.16 ? 113  TYR A CE1 1 
ATOM   787  C CE2 . TYR A 1 113 ? -8.261  -5.064  9.058   1.00   27.84 ? 113  TYR A CE2 1 
ATOM   788  C CZ  . TYR A 1 113 ? -7.683  -5.891  10.003  1.00   25.61 ? 113  TYR A CZ  1 
ATOM   789  O OH  . TYR A 1 113 ? -7.605  -5.500  11.318  1.00   29.88 ? 113  TYR A OH  1 
ATOM   790  N N   . VAL A 1 114 ? -10.665 -7.544  3.958   1.00   23.55 ? 114  VAL A N   1 
ATOM   791  C CA  . VAL A 1 114 ? -11.087 -7.575  2.562   1.00   24.10 ? 114  VAL A CA  1 
ATOM   792  C C   . VAL A 1 114 ? -11.287 -6.144  2.055   1.00   22.97 ? 114  VAL A C   1 
ATOM   793  O O   . VAL A 1 114 ? -11.609 -5.292  2.872   1.00   21.76 ? 114  VAL A O   1 
ATOM   794  C CB  . VAL A 1 114 ? -12.455 -8.267  2.304   1.00   25.20 ? 114  VAL A CB  1 
ATOM   795  C CG1 . VAL A 1 114 ? -12.421 -9.755  2.325   1.00   27.40 ? 114  VAL A CG1 1 
ATOM   796  C CG2 . VAL A 1 114 ? -13.482 -7.738  3.302   1.00   23.00 ? 114  VAL A CG2 1 
ATOM   797  N N   . ALA A 1 115 ? -11.123 -5.949  0.753   1.00   24.13 ? 115  ALA A N   1 
ATOM   798  C CA  . ALA A 1 115 ? -11.383 -4.607  0.212   1.00   29.91 ? 115  ALA A CA  1 
ATOM   799  C C   . ALA A 1 115 ? -12.788 -4.654  -0.363  1.00   34.26 ? 115  ALA A C   1 
ATOM   800  O O   . ALA A 1 115 ? -12.969 -5.528  -1.227  1.00   33.77 ? 115  ALA A O   1 
ATOM   801  C CB  . ALA A 1 115 ? -10.390 -4.302  -0.919  1.00   27.71 ? 115  ALA A CB  1 
ATOM   802  N N   . ASP A 1 116 ? -13.725 -3.861  0.110   1.00   41.65 ? 116  ASP A N   1 
ATOM   803  C CA  . ASP A 1 116 ? -15.060 -3.941  -0.531  1.00   48.35 ? 116  ASP A CA  1 
ATOM   804  C C   . ASP A 1 116 ? -14.921 -3.324  -1.915  1.00   53.30 ? 116  ASP A C   1 
ATOM   805  O O   . ASP A 1 116 ? -13.916 -2.648  -2.176  1.00   51.28 ? 116  ASP A O   1 
ATOM   806  C CB  . ASP A 1 116 ? -16.086 -3.232  0.334   1.00   48.24 ? 116  ASP A CB  1 
ATOM   807  C CG  . ASP A 1 116 ? -16.353 -3.961  1.636   1.00   48.86 ? 116  ASP A CG  1 
ATOM   808  O OD1 . ASP A 1 116 ? -16.314 -5.209  1.713   1.00   47.84 ? 116  ASP A OD1 1 
ATOM   809  O OD2 . ASP A 1 116 ? -16.622 -3.282  2.648   1.00   52.65 ? 116  ASP A OD2 1 
ATOM   810  N N   . SER A 1 117 ? -15.898 -3.439  -2.799  1.00   60.52 ? 117  SER A N   1 
ATOM   811  C CA  . SER A 1 117 ? -15.760 -2.914  -4.160  1.00   67.73 ? 117  SER A CA  1 
ATOM   812  C C   . SER A 1 117 ? -15.761 -1.416  -4.351  1.00   71.42 ? 117  SER A C   1 
ATOM   813  O O   . SER A 1 117 ? -14.832 -0.870  -4.964  1.00   74.76 ? 117  SER A O   1 
ATOM   814  C CB  . SER A 1 117 ? -16.883 -3.529  -5.009  1.00   71.36 ? 117  SER A CB  1 
ATOM   815  O OG  . SER A 1 117 ? -18.070 -3.558  -4.222  1.00   72.64 ? 117  SER A OG  1 
ATOM   816  N N   . GLU A 1 118 ? -16.746 -0.718  -3.812  1.00   74.67 ? 118  GLU A N   1 
ATOM   817  C CA  . GLU A 1 118 ? -16.835 0.736   -3.890  1.00   78.79 ? 118  GLU A CA  1 
ATOM   818  C C   . GLU A 1 118 ? -15.468 1.406   -3.868  1.00   80.07 ? 118  GLU A C   1 
ATOM   819  O O   . GLU A 1 118 ? -15.085 2.126   -4.785  1.00   83.09 ? 118  GLU A O   1 
ATOM   820  C CB  . GLU A 1 118 ? -17.684 1.237   -2.716  1.00   80.50 ? 118  GLU A CB  1 
ATOM   821  C CG  . GLU A 1 118 ? -17.328 2.769   -2.399  0.0000 85.03 ? 118  GLU A CG  1 
ATOM   822  C CD  . GLU A 1 118 ? -18.803 3.149   -2.386  0.0000 86.80 ? 118  GLU A CD  1 
ATOM   823  O OE1 . GLU A 1 118 ? -19.671 2.261   -2.185  0.0000 87.49 ? 118  GLU A OE1 1 
ATOM   824  O OE2 . GLU A 1 118 ? -19.097 4.349   -2.574  0.0000 87.46 ? 118  GLU A OE2 1 
ATOM   825  N N   . ILE A 1 119 ? -14.724 1.094   -2.816  1.00   80.30 ? 119  ILE A N   1 
ATOM   826  C CA  . ILE A 1 119 ? -13.392 1.616   -2.570  1.00   79.88 ? 119  ILE A CA  1 
ATOM   827  C C   . ILE A 1 119 ? -12.695 2.220   -3.779  1.00   77.89 ? 119  ILE A C   1 
ATOM   828  O O   . ILE A 1 119 ? -12.789 3.456   -3.912  1.00   77.52 ? 119  ILE A O   1 
ATOM   829  C CB  . ILE A 1 119 ? -12.504 0.628   -1.778  1.00   80.91 ? 119  ILE A CB  1 
ATOM   830  C CG1 . ILE A 1 119 ? -13.113 0.257   -0.420  1.00   78.47 ? 119  ILE A CG1 1 
ATOM   831  C CG2 . ILE A 1 119 ? -11.133 1.261   -1.557  1.00   82.07 ? 119  ILE A CG2 1 
ATOM   832  C CD1 . ILE A 1 119 ? -12.228 -0.523  0.527   1.00   79.26 ? 119  ILE A CD1 1 
ATOM   833  N N   . GLU A 1 120 ? -11.932 1.561   -4.626  1.00   76.88 ? 120  GLU A N   1 
ATOM   834  C CA  . GLU A 1 120 ? -11.152 2.008   -5.754  1.00   75.49 ? 120  GLU A CA  1 
ATOM   835  C C   . GLU A 1 120 ? -9.903  2.857   -5.511  1.00   72.04 ? 120  GLU A C   1 
ATOM   836  O O   . GLU A 1 120 ? -9.276  3.344   -6.458  1.00   74.96 ? 120  GLU A O   1 
ATOM   837  C CB  . GLU A 1 120 ? -11.953 2.726   -6.859  1.00   80.66 ? 120  GLU A CB  1 
ATOM   838  C CG  . GLU A 1 120 ? -11.934 2.009   -8.205  1.00   83.67 ? 120  GLU A CG  1 
ATOM   839  C CD  . GLU A 1 120 ? -13.140 1.117   -8.407  1.00   85.65 ? 120  GLU A CD  1 
ATOM   840  O OE1 . GLU A 1 120 ? -14.175 1.304   -7.726  1.00   83.21 ? 120  GLU A OE1 1 
ATOM   841  O OE2 . GLU A 1 120 ? -13.085 0.204   -9.261  1.00   88.99 ? 120  GLU A OE2 1 
ATOM   842  N N   . GLY A 1 121 ? -9.487  3.069   -4.281  1.00   66.26 ? 121  GLY A N   1 
ATOM   843  C CA  . GLY A 1 121 ? -8.333  3.804   -3.864  1.00   57.79 ? 121  GLY A CA  1 
ATOM   844  C C   . GLY A 1 121 ? -7.818  4.952   -4.707  1.00   50.22 ? 121  GLY A C   1 
ATOM   845  O O   . GLY A 1 121 ? -8.523  5.804   -5.248  1.00   48.26 ? 121  GLY A O   1 
ATOM   846  N N   . LEU A 1 122 ? -6.521  5.198   -4.635  1.00   44.20 ? 122  LEU A N   1 
ATOM   847  C CA  . LEU A 1 122 ? -5.892  6.314   -5.320  1.00   36.31 ? 122  LEU A CA  1 
ATOM   848  C C   . LEU A 1 122 ? -5.130  5.746   -6.503  1.00   32.55 ? 122  LEU A C   1 
ATOM   849  O O   . LEU A 1 122 ? -4.667  4.615   -6.399  1.00   29.20 ? 122  LEU A O   1 
ATOM   850  C CB  . LEU A 1 122 ? -4.920  6.938   -4.322  1.00   32.54 ? 122  LEU A CB  1 
ATOM   851  C CG  . LEU A 1 122 ? -5.501  7.309   -2.960  1.00   37.13 ? 122  LEU A CG  1 
ATOM   852  C CD1 . LEU A 1 122 ? -4.393  7.458   -1.929  1.00   35.40 ? 122  LEU A CD1 1 
ATOM   853  C CD2 . LEU A 1 122 ? -6.323  8.591   -3.027  1.00   36.77 ? 122  LEU A CD2 1 
ATOM   854  N N   . ASP A 1 123 ? -4.971  6.538   -7.553  1.00   30.72 ? 123  ASP A N   1 
ATOM   855  C CA  . ASP A 1 123 ? -4.047  6.075   -8.604  1.00   26.80 ? 123  ASP A CA  1 
ATOM   856  C C   . ASP A 1 123 ? -2.635  6.423   -8.093  1.00   24.46 ? 123  ASP A C   1 
ATOM   857  O O   . ASP A 1 123 ? -2.544  7.091   -7.069  1.00   20.19 ? 123  ASP A O   1 
ATOM   858  C CB  . ASP A 1 123 ? -4.401  6.710   -9.920  1.00   30.56 ? 123  ASP A CB  1 
ATOM   859  C CG  . ASP A 1 123 ? -4.395  8.193   -10.088 1.00   39.29 ? 123  ASP A CG  1 
ATOM   860  O OD1 . ASP A 1 123 ? -3.871  8.926   -9.228  1.00   30.40 ? 123  ASP A OD1 1 
ATOM   861  O OD2 . ASP A 1 123 ? -4.921  8.706   -11.129 1.00   39.59 ? 123  ASP A OD2 1 
ATOM   862  N N   . LEU A 1 124 ? -1.575  6.117   -8.816  1.00   24.16 ? 124  LEU A N   1 
ATOM   863  C CA  . LEU A 1 124 ? -0.232  6.459   -8.362  1.00   24.58 ? 124  LEU A CA  1 
ATOM   864  C C   . LEU A 1 124 ? -0.004  7.936   -8.143  1.00   27.48 ? 124  LEU A C   1 
ATOM   865  O O   . LEU A 1 124 ? 0.562   8.359   -7.110  1.00   27.35 ? 124  LEU A O   1 
ATOM   866  C CB  . LEU A 1 124 ? 0.784   5.855   -9.348  1.00   25.26 ? 124  LEU A CB  1 
ATOM   867  C CG  . LEU A 1 124 ? 2.247   5.997   -8.877  1.00   26.59 ? 124  LEU A CG  1 
ATOM   868  C CD1 . LEU A 1 124 ? 2.481   5.183   -7.605  1.00   23.32 ? 124  LEU A CD1 1 
ATOM   869  C CD2 . LEU A 1 124 ? 3.170   5.563   -10.000 1.00   26.71 ? 124  LEU A CD2 1 
ATOM   870  N N   . GLU A 1 125 ? -0.450  8.807   -9.049  1.00   23.67 ? 125  GLU A N   1 
ATOM   871  C CA  . GLU A 1 125 ? -0.305  10.246  -8.876  1.00   24.70 ? 125  GLU A CA  1 
ATOM   872  C C   . GLU A 1 125 ? -0.989  10.755  -7.629  1.00   22.53 ? 125  GLU A C   1 
ATOM   873  O O   . GLU A 1 125 ? -0.376  11.542  -6.904  1.00   23.08 ? 125  GLU A O   1 
ATOM   874  C CB  . GLU A 1 125 ? -0.789  11.027  -10.111 1.00   24.65 ? 125  GLU A CB  1 
ATOM   875  C CG  . GLU A 1 125 ? -0.702  12.528  -9.999  1.00   20.85 ? 125  GLU A CG  1 
ATOM   876  C CD  . GLU A 1 125 ? 0.743   13.039  -9.872  1.00   23.90 ? 125  GLU A CD  1 
ATOM   877  O OE1 . GLU A 1 125 ? 1.695   12.311  -10.218 1.00   19.59 ? 125  GLU A OE1 1 
ATOM   878  O OE2 . GLU A 1 125 ? 0.872   14.179  -9.401  1.00   21.02 ? 125  GLU A OE2 1 
ATOM   879  N N   . ASP A 1 126 ? -2.208  10.299  -7.327  1.00   20.23 ? 126  ASP A N   1 
ATOM   880  C CA  . ASP A 1 126 ? -2.879  10.703  -6.109  1.00   22.36 ? 126  ASP A CA  1 
ATOM   881  C C   . ASP A 1 126 ? -2.067  10.295  -4.849  1.00   19.95 ? 126  ASP A C   1 
ATOM   882  O O   . ASP A 1 126 ? -2.074  11.024  -3.865  1.00   20.08 ? 126  ASP A O   1 
ATOM   883  C CB  . ASP A 1 126 ? -4.258  10.052  -5.983  1.00   26.61 ? 126  ASP A CB  1 
ATOM   884  C CG  . ASP A 1 126 ? -5.345  10.448  -6.965  1.00   35.94 ? 126  ASP A CG  1 
ATOM   885  O OD1 . ASP A 1 126 ? -5.398  11.618  -7.382  1.00   31.62 ? 126  ASP A OD1 1 
ATOM   886  O OD2 . ASP A 1 126 ? -6.178  9.567   -7.319  1.00   34.23 ? 126  ASP A OD2 1 
ATOM   887  N N   . LEU A 1 127 ? -1.546  9.091   -4.808  1.00   19.59 ? 127  LEU A N   1 
ATOM   888  C CA  . LEU A 1 127 ? -0.750  8.542   -3.713  1.00   24.52 ? 127  LEU A CA  1 
ATOM   889  C C   . LEU A 1 127 ? 0.488   9.409   -3.490  1.00   19.60 ? 127  LEU A C   1 
ATOM   890  O O   . LEU A 1 127 ? 0.743   9.937   -2.419  1.00   21.13 ? 127  LEU A O   1 
ATOM   891  C CB  . LEU A 1 127 ? -0.294  7.104   -4.063  1.00   21.88 ? 127  LEU A CB  1 
ATOM   892  C CG  . LEU A 1 127 ? 0.621   6.391   -3.073  1.00   24.77 ? 127  LEU A CG  1 
ATOM   893  C CD1 . LEU A 1 127 ? 0.039   6.390   -1.665  1.00   21.90 ? 127  LEU A CD1 1 
ATOM   894  C CD2 . LEU A 1 127 ? 0.823   4.927   -3.489  1.00   23.38 ? 127  LEU A CD2 1 
ATOM   895  N N   . VAL A 1 128 ? 1.222   9.662   -4.576  1.00   21.58 ? 128  VAL A N   1 
ATOM   896  C CA  . VAL A 1 128 ? 2.395   10.537  -4.529  1.00   21.86 ? 128  VAL A CA  1 
ATOM   897  C C   . VAL A 1 128 ? 2.012   11.926  -4.053  1.00   21.73 ? 128  VAL A C   1 
ATOM   898  O O   . VAL A 1 128 ? 2.676   12.543  -3.199  1.00   21.52 ? 128  VAL A O   1 
ATOM   899  C CB  . VAL A 1 128 ? 3.141   10.562  -5.875  1.00   19.34 ? 128  VAL A CB  1 
ATOM   900  C CG1 . VAL A 1 128 ? 4.321   11.544  -5.852  1.00   18.07 ? 128  VAL A CG1 1 
ATOM   901  C CG2 . VAL A 1 128 ? 3.655   9.136   -6.140  1.00   19.78 ? 128  VAL A CG2 1 
ATOM   902  N N   . ARG A 1 129 ? 0.868   12.438  -4.504  1.00   21.65 ? 129  ARG A N   1 
ATOM   903  C CA  . ARG A 1 129 ? 0.393   13.749  -4.047  1.00   19.65 ? 129  ARG A CA  1 
ATOM   904  C C   . ARG A 1 129 ? 0.117   13.732  -2.554  1.00   19.62 ? 129  ARG A C   1 
ATOM   905  O O   . ARG A 1 129 ? 0.380   14.760  -1.896  1.00   18.80 ? 129  ARG A O   1 
ATOM   906  C CB  . ARG A 1 129 ? -0.799  14.225  -4.904  1.00   21.95 ? 129  ARG A CB  1 
ATOM   907  C CG  . ARG A 1 129 ? -0.286  14.819  -6.240  1.00   21.02 ? 129  ARG A CG  1 
ATOM   908  C CD  . ARG A 1 129 ? -1.504  15.271  -7.063  1.00   23.29 ? 129  ARG A CD  1 
ATOM   909  N NE  . ARG A 1 129 ? -1.048  15.755  -8.379  1.00   25.25 ? 129  ARG A NE  1 
ATOM   910  C CZ  . ARG A 1 129 ? -1.675  16.743  -9.027  1.00   30.14 ? 129  ARG A CZ  1 
ATOM   911  N NH1 . ARG A 1 129 ? -2.716  17.320  -8.446  1.00   26.09 ? 129  ARG A NH1 1 
ATOM   912  N NH2 . ARG A 1 129 ? -1.258  17.165  -10.216 1.00   21.00 ? 129  ARG A NH2 1 
ATOM   913  N N   . LEU A 1 130 ? -0.391  12.615  -2.004  1.00   19.83 ? 130  LEU A N   1 
ATOM   914  C CA  . LEU A 1 130 ? -0.585  12.617  -0.542  1.00   21.12 ? 130  LEU A CA  1 
ATOM   915  C C   . LEU A 1 130 ? 0.802   12.817  0.102   1.00   20.39 ? 130  LEU A C   1 
ATOM   916  O O   . LEU A 1 130 ? 0.993   13.513  1.105   1.00   18.67 ? 130  LEU A O   1 
ATOM   917  C CB  . LEU A 1 130 ? -1.147  11.305  0.006   1.00   21.38 ? 130  LEU A CB  1 
ATOM   918  C CG  . LEU A 1 130 ? -2.570  10.897  -0.319  1.00   32.59 ? 130  LEU A CG  1 
ATOM   919  C CD1 . LEU A 1 130 ? -2.946  9.593   0.399   1.00   30.10 ? 130  LEU A CD1 1 
ATOM   920  C CD2 . LEU A 1 130 ? -3.537  12.010  0.071   1.00   31.82 ? 130  LEU A CD2 1 
ATOM   921  N N   . VAL A 1 131 ? 1.783   12.068  -0.423  1.00   20.37 ? 131  VAL A N   1 
ATOM   922  C CA  . VAL A 1 131 ? 3.148   12.188  0.104   1.00   19.22 ? 131  VAL A CA  1 
ATOM   923  C C   . VAL A 1 131 ? 3.662   13.612  -0.041  1.00   18.88 ? 131  VAL A C   1 
ATOM   924  O O   . VAL A 1 131 ? 4.158   14.241  0.902   1.00   17.35 ? 131  VAL A O   1 
ATOM   925  C CB  . VAL A 1 131 ? 4.117   11.211  -0.594  1.00   23.29 ? 131  VAL A CB  1 
ATOM   926  C CG1 . VAL A 1 131 ? 5.555   11.528  -0.150  1.00   20.71 ? 131  VAL A CG1 1 
ATOM   927  C CG2 . VAL A 1 131 ? 3.757   9.764   -0.292  1.00   18.34 ? 131  VAL A CG2 1 
ATOM   928  N N   . GLU A 1 132 ? 3.541   14.192  -1.251  1.00   20.04 ? 132  GLU A N   1 
ATOM   929  C CA  . GLU A 1 132 ? 4.009   15.560  -1.458  1.00   20.40 ? 132  GLU A CA  1 
ATOM   930  C C   . GLU A 1 132 ? 3.307   16.570  -0.580  1.00   19.33 ? 132  GLU A C   1 
ATOM   931  O O   . GLU A 1 132 ? 3.969   17.564  -0.233  1.00   18.90 ? 132  GLU A O   1 
ATOM   932  C CB  . GLU A 1 132 ? 3.902   16.025  -2.945  1.00   17.70 ? 132  GLU A CB  1 
ATOM   933  C CG  . GLU A 1 132 ? 4.608   14.989  -3.836  1.00   15.24 ? 132  GLU A CG  1 
ATOM   934  C CD  . GLU A 1 132 ? 6.090   15.291  -3.950  1.00   18.77 ? 132  GLU A CD  1 
ATOM   935  O OE1 . GLU A 1 132 ? 6.672   16.030  -3.129  1.00   19.47 ? 132  GLU A OE1 1 
ATOM   936  O OE2 . GLU A 1 132 ? 6.703   14.762  -4.891  1.00   19.46 ? 132  GLU A OE2 1 
ATOM   937  N N   . ALA A 1 133 ? 2.014   16.406  -0.251  1.00   21.21 ? 133  ALA A N   1 
ATOM   938  C CA  . ALA A 1 133 ? 1.373   17.409  0.625   1.00   20.97 ? 133  ALA A CA  1 
ATOM   939  C C   . ALA A 1 133 ? 1.909   17.285  2.049   1.00   21.80 ? 133  ALA A C   1 
ATOM   940  O O   . ALA A 1 133 ? 2.042   18.278  2.769   1.00   20.07 ? 133  ALA A O   1 
ATOM   941  C CB  . ALA A 1 133 ? -0.158  17.254  0.634   1.00   19.08 ? 133  ALA A CB  1 
ATOM   942  N N   . LYS A 1 134 ? 2.194   16.046  2.497   1.00   23.25 ? 134  LYS A N   1 
ATOM   943  C CA  . LYS A 1 134 ? 2.739   15.920  3.867   1.00   24.65 ? 134  LYS A CA  1 
ATOM   944  C C   . LYS A 1 134 ? 4.122   16.580  3.902   1.00   24.24 ? 134  LYS A C   1 
ATOM   945  O O   . LYS A 1 134 ? 4.471   17.227  4.881   1.00   26.11 ? 134  LYS A O   1 
ATOM   946  C CB  . LYS A 1 134 ? 2.868   14.456  4.302   1.00   25.28 ? 134  LYS A CB  1 
ATOM   947  C CG  . LYS A 1 134 ? 1.527   13.757  4.446   1.00   39.06 ? 134  LYS A CG  1 
ATOM   948  C CD  . LYS A 1 134 ? 1.599   12.250  4.570   1.00   44.82 ? 134  LYS A CD  1 
ATOM   949  C CE  . LYS A 1 134 ? 0.330   11.705  5.229   1.00   49.74 ? 134  LYS A CE  1 
ATOM   950  N NZ  . LYS A 1 134 ? 0.400   10.223  5.366   1.00   55.06 ? 134  LYS A NZ  1 
ATOM   951  N N   . ILE A 1 135 ? 4.936   16.430  2.868   1.00   24.13 ? 135  ILE A N   1 
ATOM   952  C CA  . ILE A 1 135 ? 6.264   17.079  2.837   1.00   26.82 ? 135  ILE A CA  1 
ATOM   953  C C   . ILE A 1 135 ? 6.084   18.591  2.984   1.00   29.60 ? 135  ILE A C   1 
ATOM   954  O O   . ILE A 1 135 ? 6.761   19.270  3.792   1.00   26.15 ? 135  ILE A O   1 
ATOM   955  C CB  . ILE A 1 135 ? 7.011   16.749  1.525   1.00   23.60 ? 135  ILE A CB  1 
ATOM   956  C CG1 . ILE A 1 135 ? 7.485   15.302  1.508   1.00   23.50 ? 135  ILE A CG1 1 
ATOM   957  C CG2 . ILE A 1 135 ? 8.202   17.711  1.296   1.00   23.01 ? 135  ILE A CG2 1 
ATOM   958  C CD1 . ILE A 1 135 ? 7.827   14.716  0.140   1.00   17.37 ? 135  ILE A CD1 1 
ATOM   959  N N   . SER A 1 136 ? 5.178   19.169  2.182   1.00   28.89 ? 136  SER A N   1 
ATOM   960  C CA  . SER A 1 136 ? 4.888   20.589  2.223   1.00   31.29 ? 136  SER A CA  1 
ATOM   961  C C   . SER A 1 136 ? 4.466   21.092  3.606   1.00   35.63 ? 136  SER A C   1 
ATOM   962  O O   . SER A 1 136 ? 4.885   22.189  3.996   1.00   36.48 ? 136  SER A O   1 
ATOM   963  C CB  . SER A 1 136 ? 3.760   21.036  1.270   1.00   24.25 ? 136  SER A CB  1 
ATOM   964  O OG  . SER A 1 136 ? 4.058   20.753  -0.076  1.00   29.81 ? 136  SER A OG  1 
ATOM   965  N N   . ARG A 1 137 ? 3.653   20.357  4.347   1.00   37.96 ? 137  ARG A N   1 
ATOM   966  C CA  . ARG A 1 137 ? 3.246   20.797  5.684   1.00   46.37 ? 137  ARG A CA  1 
ATOM   967  C C   . ARG A 1 137 ? 4.454   20.864  6.624   1.00   51.14 ? 137  ARG A C   1 
ATOM   968  O O   . ARG A 1 137 ? 4.555   21.742  7.477   1.00   53.28 ? 137  ARG A O   1 
ATOM   969  C CB  . ARG A 1 137 ? 2.248   19.849  6.344   1.00   42.09 ? 137  ARG A CB  1 
ATOM   970  C CG  . ARG A 1 137 ? 0.799   20.043  5.954   1.00   46.33 ? 137  ARG A CG  1 
ATOM   971  C CD  . ARG A 1 137 ? 0.006   18.794  6.356   1.00   54.25 ? 137  ARG A CD  1 
ATOM   972  N NE  . ARG A 1 137 ? -0.315  17.977  5.200   1.00   57.46 ? 137  ARG A NE  1 
ATOM   973  C CZ  . ARG A 1 137 ? -0.677  16.712  5.144   1.00   49.64 ? 137  ARG A CZ  1 
ATOM   974  N NH1 . ARG A 1 137 ? -0.796  15.974  6.230   1.00   54.53 ? 137  ARG A NH1 1 
ATOM   975  N NH2 . ARG A 1 137 ? -0.926  16.166  3.964   1.00   52.82 ? 137  ARG A NH2 1 
ATOM   976  N N   . THR A 1 138 ? 5.319   19.865  6.515   1.00   55.37 ? 138  THR A N   1 
ATOM   977  C CA  . THR A 1 138 ? 6.535   19.784  7.313   1.00   60.23 ? 138  THR A CA  1 
ATOM   978  C C   . THR A 1 138 ? 7.471   20.929  6.959   1.00   64.74 ? 138  THR A C   1 
ATOM   979  O O   . THR A 1 138 ? 7.997   21.568  7.870   1.00   67.32 ? 138  THR A O   1 
ATOM   980  C CB  . THR A 1 138 ? 7.220   18.426  7.099   1.00   60.98 ? 138  THR A CB  1 
ATOM   981  O OG1 . THR A 1 138 ? 6.308   17.371  7.448   1.00   59.88 ? 138  THR A OG1 1 
ATOM   982  C CG2 . THR A 1 138 ? 8.447   18.333  7.989   1.00   64.65 ? 138  THR A CG2 1 
ATOM   983  N N   . LEU A 1 139 ? 7.637   21.246  5.670   1.00   67.96 ? 139  LEU A N   1 
ATOM   984  C CA  . LEU A 1 139 ? 8.491   22.349  5.245   1.00   70.45 ? 139  LEU A CA  1 
ATOM   985  C C   . LEU A 1 139 ? 7.918   23.694  5.719   1.00   73.86 ? 139  LEU A C   1 
ATOM   986  O O   . LEU A 1 139 ? 8.670   24.600  6.076   1.00   75.42 ? 139  LEU A O   1 
ATOM   987  C CB  . LEU A 1 139 ? 8.630   22.434  3.726   1.00   68.97 ? 139  LEU A CB  1 
ATOM   988  C CG  . LEU A 1 139 ? 9.255   21.351  2.889   1.00   67.66 ? 139  LEU A CG  1 
ATOM   989  C CD1 . LEU A 1 139 ? 9.303   21.701  1.417   1.00   67.05 ? 139  LEU A CD1 1 
ATOM   990  C CD2 . LEU A 1 139 ? 10.554  20.786  3.413   1.00   64.51 ? 139  LEU A CD2 1 
ATOM   991  N N   . ASP A 1 140 ? 6.599   23.832  5.651   1.00   75.65 ? 140  ASP A N   1 
ATOM   992  C CA  . ASP A 1 140 ? 5.919   25.063  6.029   1.00   77.22 ? 140  ASP A CA  1 
ATOM   993  C C   . ASP A 1 140 ? 5.383   24.984  7.458   1.00   77.40 ? 140  ASP A C   1 
ATOM   994  O O   . ASP A 1 140 ? 6.151   24.507  8.327   1.00   78.03 ? 140  ASP A O   1 
ATOM   995  C CB  . ASP A 1 140 ? 4.800   25.376  5.032   1.00   78.56 ? 140  ASP A CB  1 
ATOM   996  C CG  . ASP A 1 140 ? 5.301   25.674  3.633   1.00   82.78 ? 140  ASP A CG  1 
ATOM   997  O OD1 . ASP A 1 140 ? 6.046   24.858  3.045   1.00   86.03 ? 140  ASP A OD1 1 
ATOM   998  O OD2 . ASP A 1 140 ? 4.956   26.737  3.067   1.00   85.61 ? 140  ASP A OD2 1 
HETATM 999  O O   . HOH B 2 .   ? 12.264  -2.141  -10.226 1.00   42.17 ? 2001 HOH A O   1 
HETATM 1000 O O   . HOH B 2 .   ? 1.387   8.474   -12.603 1.00   39.35 ? 2002 HOH A O   1 
HETATM 1001 O O   . HOH B 2 .   ? 14.410  3.149   -11.523 1.00   61.70 ? 2003 HOH A O   1 
HETATM 1002 O O   . HOH B 2 .   ? -0.970  2.766   -13.917 1.00   45.38 ? 2004 HOH A O   1 
HETATM 1003 O O   . HOH B 2 .   ? 15.953  3.833   -4.137  1.00   12.53 ? 2005 HOH A O   1 
HETATM 1004 O O   . HOH B 2 .   ? 14.481  -3.169  -6.749  1.00   57.29 ? 2006 HOH A O   1 
HETATM 1005 O O   . HOH B 2 .   ? 14.039  0.519   -10.235 1.00   35.01 ? 2007 HOH A O   1 
HETATM 1006 O O   . HOH B 2 .   ? 9.228   3.480   -15.131 1.00   62.31 ? 2008 HOH A O   1 
HETATM 1007 O O   . HOH B 2 .   ? 4.074   7.855   -14.374 1.00   49.13 ? 2009 HOH A O   1 
HETATM 1008 O O   . HOH B 2 .   ? 13.708  13.193  -3.696  1.00   27.36 ? 2010 HOH A O   1 
HETATM 1009 O O   . HOH B 2 .   ? 3.742   11.391  7.618   1.00   56.12 ? 2011 HOH A O   1 
HETATM 1010 O O   . HOH B 2 .   ? 14.938  -3.060  -3.383  1.00   24.03 ? 2012 HOH A O   1 
HETATM 1011 O O   . HOH B 2 .   ? -6.534  -10.444 -7.191  1.00   45.14 ? 2013 HOH A O   1 
HETATM 1012 O O   . HOH B 2 .   ? -10.605 -4.257  -5.048  1.00   43.59 ? 2014 HOH A O   1 
HETATM 1013 O O   . HOH B 2 .   ? 7.412   -10.452 4.438   1.00   41.66 ? 2015 HOH A O   1 
HETATM 1014 O O   . HOH B 2 .   ? -2.578  0.540   9.293   1.00   40.52 ? 2016 HOH A O   1 
HETATM 1015 O O   . HOH B 2 .   ? 2.636   5.439   17.131  1.00   40.74 ? 2017 HOH A O   1 
HETATM 1016 O O   . HOH B 2 .   ? 6.510   3.842   18.204  1.00   34.36 ? 2018 HOH A O   1 
HETATM 1017 O O   . HOH B 2 .   ? -3.256  7.377   4.397   1.00   41.34 ? 2019 HOH A O   1 
HETATM 1018 O O   . HOH B 2 .   ? 8.464   15.142  6.311   1.00   34.55 ? 2020 HOH A O   1 
HETATM 1019 O O   . HOH B 2 .   ? 12.449  19.393  -1.560  1.00   38.49 ? 2021 HOH A O   1 
HETATM 1020 O O   . HOH B 2 .   ? 11.090  16.841  -1.518  1.00   24.63 ? 2022 HOH A O   1 
HETATM 1021 O O   . HOH B 2 .   ? 7.415   10.712  8.944   1.00   41.86 ? 2023 HOH A O   1 
HETATM 1022 O O   . HOH B 2 .   ? 5.568   9.315   7.497   1.00   21.41 ? 2024 HOH A O   1 
HETATM 1023 O O   . HOH B 2 .   ? -6.086  -0.835  10.058  1.00   61.25 ? 2025 HOH A O   1 
HETATM 1024 O O   . HOH B 2 .   ? -7.224  8.650   0.825   1.00   48.62 ? 2026 HOH A O   1 
HETATM 1025 O O   . HOH B 2 .   ? -13.417 -3.850  12.749  1.00   42.47 ? 2027 HOH A O   1 
HETATM 1026 O O   . HOH B 2 .   ? 1.479   -9.172  -1.694  1.00   52.28 ? 2028 HOH A O   1 
HETATM 1027 O O   . HOH B 2 .   ? -5.105  -11.404 -5.633  1.00   46.43 ? 2029 HOH A O   1 
HETATM 1028 O O   . HOH B 2 .   ? -3.291  15.050  -1.905  1.00   54.84 ? 2030 HOH A O   1 
HETATM 1029 O O   . HOH B 2 .   ? -6.396  12.158  -2.736  1.00   45.44 ? 2031 HOH A O   1 
HETATM 1030 O O   A HOH B 2 .   ? -12.453 -17.661 0.372   0.50   10.51 ? 2032 HOH A O   1 
HETATM 1031 O O   A HOH B 2 .   ? -20.512 -9.249  0.280   0.50   20.71 ? 2033 HOH A O   1 
HETATM 1032 O O   . HOH B 2 .   ? -2.545  12.250  4.264   1.00   45.80 ? 2034 HOH A O   1 
HETATM 1033 O O   . HOH B 2 .   ? -11.827 -6.381  -3.753  1.00   36.96 ? 2035 HOH A O   1 
HETATM 1034 O O   . HOH B 2 .   ? -2.347  -12.175 2.275   1.00   25.70 ? 2036 HOH A O   1 
HETATM 1035 O O   . HOH B 2 .   ? -4.978  -17.376 7.296   1.00   56.35 ? 2037 HOH A O   1 
HETATM 1036 O O   . HOH B 2 .   ? -3.450  -16.585 9.508   1.00   24.66 ? 2038 HOH A O   1 
HETATM 1037 O O   . HOH B 2 .   ? 2.054   -19.074 11.223  1.00   48.71 ? 2039 HOH A O   1 
HETATM 1038 O O   . HOH B 2 .   ? 3.389   -14.358 10.210  1.00   54.83 ? 2040 HOH A O   1 
HETATM 1039 O O   . HOH B 2 .   ? 1.900   -12.013 11.807  1.00   29.49 ? 2041 HOH A O   1 
HETATM 1040 O O   . HOH B 2 .   ? 3.962   -9.012  3.520   1.00   40.15 ? 2042 HOH A O   1 
HETATM 1041 O O   . HOH B 2 .   ? -1.114  -8.480  15.307  1.00   47.37 ? 2043 HOH A O   1 
HETATM 1042 O O   . HOH B 2 .   ? -7.011  -9.755  12.317  1.00   17.69 ? 2044 HOH A O   1 
HETATM 1043 O O   . HOH B 2 .   ? -1.068  -5.562  14.192  1.00   26.65 ? 2045 HOH A O   1 
HETATM 1044 O O   . HOH B 2 .   ? 5.774   -6.819  11.803  1.00   53.10 ? 2046 HOH A O   1 
HETATM 1045 O O   . HOH B 2 .   ? -1.283  0.695   11.513  1.00   45.80 ? 2047 HOH A O   1 
HETATM 1046 O O   . HOH B 2 .   ? 1.258   4.395   11.149  1.00   37.60 ? 2048 HOH A O   1 
HETATM 1047 O O   . HOH B 2 .   ? 5.115   4.468   16.198  1.00   28.10 ? 2049 HOH A O   1 
HETATM 1048 O O   . HOH B 2 .   ? 2.067   4.767   13.967  1.00   30.29 ? 2050 HOH A O   1 
HETATM 1049 O O   . HOH B 2 .   ? 3.824   1.567   21.733  1.00   50.85 ? 2051 HOH A O   1 
HETATM 1050 O O   . HOH B 2 .   ? 7.023   -4.921  12.994  1.00   38.34 ? 2052 HOH A O   1 
HETATM 1051 O O   . HOH B 2 .   ? 7.102   -4.710  19.614  1.00   49.86 ? 2053 HOH A O   1 
HETATM 1052 O O   . HOH B 2 .   ? 4.212   9.311   12.150  1.00   52.34 ? 2054 HOH A O   1 
HETATM 1053 O O   . HOH B 2 .   ? 3.044   8.676   5.603   1.00   43.13 ? 2055 HOH A O   1 
HETATM 1054 O O   . HOH B 2 .   ? -3.103  4.759   5.084   1.00   23.47 ? 2056 HOH A O   1 
HETATM 1055 O O   . HOH B 2 .   ? -1.584  3.319   7.608   1.00   33.15 ? 2057 HOH A O   1 
HETATM 1056 O O   . HOH B 2 .   ? -8.496  -1.745  8.232   1.00   34.21 ? 2058 HOH A O   1 
HETATM 1057 O O   . HOH B 2 .   ? -5.120  3.802   6.581   1.00   31.62 ? 2059 HOH A O   1 
HETATM 1058 O O   . HOH B 2 .   ? -9.146  6.401   -0.753  1.00   59.37 ? 2060 HOH A O   1 
HETATM 1059 O O   . HOH B 2 .   ? -17.155 -6.881  8.883   1.00   38.48 ? 2061 HOH A O   1 
HETATM 1060 O O   . HOH B 2 .   ? -12.949 -3.219  9.892   1.00   40.65 ? 2062 HOH A O   1 
HETATM 1061 O O   . HOH B 2 .   ? -14.539 -6.486  12.398  1.00   40.71 ? 2063 HOH A O   1 
HETATM 1062 O O   . HOH B 2 .   ? -14.595 -16.473 12.444  1.00   27.53 ? 2064 HOH A O   1 
HETATM 1063 O O   . HOH B 2 .   ? -16.676 -17.672 11.172  1.00   35.35 ? 2065 HOH A O   1 
HETATM 1064 O O   . HOH B 2 .   ? -17.485 -10.519 8.226   1.00   30.54 ? 2066 HOH A O   1 
HETATM 1065 O O   . HOH B 2 .   ? -6.076  -7.149  12.882  1.00   51.12 ? 2067 HOH A O   1 
HETATM 1066 O O   . HOH B 2 .   ? -13.498 -2.497  2.424   1.00   37.19 ? 2068 HOH A O   1 
HETATM 1067 O O   . HOH B 2 .   ? -4.544  11.355  -11.410 1.00   45.09 ? 2069 HOH A O   1 
HETATM 1068 O O   . HOH B 2 .   ? -3.177  10.019  -12.805 1.00   57.46 ? 2070 HOH A O   1 
HETATM 1069 O O   . HOH B 2 .   ? -1.950  4.455   -11.194 1.00   40.29 ? 2071 HOH A O   1 
HETATM 1070 O O   . HOH B 2 .   ? -1.247  7.795   -11.907 1.00   31.52 ? 2072 HOH A O   1 
HETATM 1071 O O   . HOH B 2 .   ? 1.824   16.073  -11.345 1.00   28.97 ? 2073 HOH A O   1 
HETATM 1072 O O   . HOH B 2 .   ? -3.826  12.852  -3.183  1.00   28.00 ? 2074 HOH A O   1 
HETATM 1073 O O   . HOH B 2 .   ? -2.831  18.475  -12.319 1.00   31.05 ? 2075 HOH A O   1 
HETATM 1074 O O   . HOH B 2 .   ? -5.418  15.979  -6.862  1.00   46.20 ? 2076 HOH A O   1 
HETATM 1075 O O   . HOH B 2 .   ? 9.202   17.053  -3.597  1.00   20.26 ? 2077 HOH A O   1 
HETATM 1076 O O   . HOH B 2 .   ? -1.352  14.080  2.576   1.00   31.35 ? 2078 HOH A O   1 
HETATM 1077 O O   . HOH B 2 .   ? 5.002   24.037  0.025   1.00   51.38 ? 2079 HOH A O   1 
# 
